data_9NOF
# 
_entry.id   9NOF 
# 
_audit_conform.dict_name       mmcif_pdbx.dic 
_audit_conform.dict_version    5.404 
_audit_conform.dict_location   http://mmcif.pdb.org/dictionaries/ascii/mmcif_pdbx.dic 
# 
loop_
_database_2.database_id 
_database_2.database_code 
_database_2.pdbx_database_accession 
_database_2.pdbx_DOI 
PDB   9NOF         pdb_00009nof 10.2210/pdb9nof/pdb 
WWPDB D_1000293870 ?            ?                   
# 
_pdbx_audit_revision_history.ordinal             1 
_pdbx_audit_revision_history.data_content_type   'Structure model' 
_pdbx_audit_revision_history.major_revision      1 
_pdbx_audit_revision_history.minor_revision      0 
_pdbx_audit_revision_history.revision_date       2025-07-02 
_pdbx_audit_revision_history.part_number         ? 
# 
_pdbx_audit_revision_details.ordinal             1 
_pdbx_audit_revision_details.revision_ordinal    1 
_pdbx_audit_revision_details.data_content_type   'Structure model' 
_pdbx_audit_revision_details.provider            repository 
_pdbx_audit_revision_details.type                'Initial release' 
_pdbx_audit_revision_details.description         ? 
_pdbx_audit_revision_details.details             ? 
# 
_pdbx_database_status.status_code                     REL 
_pdbx_database_status.status_code_sf                  REL 
_pdbx_database_status.status_code_mr                  ? 
_pdbx_database_status.entry_id                        9NOF 
_pdbx_database_status.recvd_initial_deposition_date   2025-03-10 
_pdbx_database_status.SG_entry                        N 
_pdbx_database_status.deposit_site                    RCSB 
_pdbx_database_status.process_site                    RCSB 
_pdbx_database_status.status_code_cs                  ? 
_pdbx_database_status.status_code_nmr_data            ? 
_pdbx_database_status.methods_development_category    ? 
_pdbx_database_status.pdb_format_compatible           Y 
# 
_pdbx_contact_author.id                 2 
_pdbx_contact_author.email              rs17@nyu.edu 
_pdbx_contact_author.name_first         Ruojie 
_pdbx_contact_author.name_last          Sha 
_pdbx_contact_author.name_mi            ? 
_pdbx_contact_author.role               'principal investigator/group leader' 
_pdbx_contact_author.identifier_ORCID   0000-0002-0807-734X 
# 
loop_
_audit_author.name 
_audit_author.pdbx_ordinal 
_audit_author.identifier_ORCID 
'Abi Rizk, J.'  1 0009-0000-0766-7631 
'Horvath, A.'   2 0009-0008-5770-8014 
'Vecchioni, S.' 3 0000-0001-8243-650X 
'Woloszyn, K.'  4 0000-0003-1200-583X 
'Ohayon, Y.P.'  5 0000-0001-7500-4282 
'Sha, R.'       6 0000-0002-0807-734X 
# 
_citation.abstract                  ? 
_citation.abstract_id_CAS           ? 
_citation.book_id_ISBN              ? 
_citation.book_publisher            ? 
_citation.book_publisher_city       ? 
_citation.book_title                ? 
_citation.coordinate_linkage        ? 
_citation.country                   ? 
_citation.database_id_Medline       ? 
_citation.details                   ? 
_citation.id                        primary 
_citation.journal_abbrev            'To Be Published' 
_citation.journal_id_ASTM           ? 
_citation.journal_id_CSD            0353 
_citation.journal_id_ISSN           ? 
_citation.journal_full              ? 
_citation.journal_issue             ? 
_citation.journal_volume            ? 
_citation.language                  ? 
_citation.page_first                ? 
_citation.page_last                 ? 
_citation.title                     'Shifted tensegrity triangles' 
_citation.year                      ? 
_citation.database_id_CSD           ? 
_citation.pdbx_database_id_DOI      ? 
_citation.pdbx_database_id_PubMed   ? 
_citation.pdbx_database_id_patent   ? 
_citation.unpublished_flag          ? 
# 
loop_
_citation_author.citation_id 
_citation_author.name 
_citation_author.ordinal 
_citation_author.identifier_ORCID 
primary 'Abi Rizk, J.'  1 0009-0000-0766-7631 
primary 'Horvath, A.'   2 0009-0008-5770-8014 
primary 'Vecchioni, S.' 3 0000-0001-8243-650X 
primary 'Woloszyn, K.'  4 0000-0003-1200-583X 
primary 'Ohayon, Y.P.'  5 0000-0001-7500-4282 
primary 'Sha, R.'       6 0000-0002-0807-734X 
# 
loop_
_entity.id 
_entity.type 
_entity.src_method 
_entity.pdbx_description 
_entity.formula_weight 
_entity.pdbx_number_of_molecules 
_entity.pdbx_ec 
_entity.pdbx_mutation 
_entity.pdbx_fragment 
_entity.details 
1 polymer syn 
;DNA (5'-D(*GP*AP*GP*CP*AP*GP*CP*CP*TP*GP*TP*A)-3')
;
3687.417 1 ? ? ? ? 
2 polymer syn 
;DNA (5'-D(P*AP*CP*AP*CP*CP*GP*T)-3')
;
2386.593 1 ? ? ? ? 
3 polymer syn 
;DNA (5'-D(*CP*TP*GP*AP*TP*GP*TP*GP*GP*CP*TP*GP*CP*T)-3')
;
4302.787 1 ? ? ? ? 
4 polymer syn 
;DNA (5'-D(P*CP*GP*GP*AP*CP*AP*TP*CP*A)-3')
;
3038.020 1 ? ? ? ? 
# 
loop_
_entity_poly.entity_id 
_entity_poly.type 
_entity_poly.nstd_linkage 
_entity_poly.nstd_monomer 
_entity_poly.pdbx_seq_one_letter_code 
_entity_poly.pdbx_seq_one_letter_code_can 
_entity_poly.pdbx_strand_id 
_entity_poly.pdbx_target_identifier 
1 polydeoxyribonucleotide no no '(DG)(DA)(DG)(DC)(DA)(DG)(DC)(DC)(DT)(DG)(DT)(DA)'         GAGCAGCCTGTA   A ? 
2 polydeoxyribonucleotide no no '(DT)(DA)(DC)(DA)(DC)(DC)(DG)(DT)'                         TACACCGT       B ? 
3 polydeoxyribonucleotide no no '(DC)(DT)(DG)(DA)(DT)(DG)(DT)(DG)(DG)(DC)(DT)(DG)(DC)(DT)' CTGATGTGGCTGCT C ? 
4 polydeoxyribonucleotide no no '(DA)(DC)(DG)(DG)(DA)(DC)(DA)(DT)(DC)(DA)'                 ACGGACATCA     D ? 
# 
loop_
_entity_poly_seq.entity_id 
_entity_poly_seq.num 
_entity_poly_seq.mon_id 
_entity_poly_seq.hetero 
1 1  DG n 
1 2  DA n 
1 3  DG n 
1 4  DC n 
1 5  DA n 
1 6  DG n 
1 7  DC n 
1 8  DC n 
1 9  DT n 
1 10 DG n 
1 11 DT n 
1 12 DA n 
2 1  DT n 
2 2  DA n 
2 3  DC n 
2 4  DA n 
2 5  DC n 
2 6  DC n 
2 7  DG n 
2 8  DT n 
3 1  DC n 
3 2  DT n 
3 3  DG n 
3 4  DA n 
3 5  DT n 
3 6  DG n 
3 7  DT n 
3 8  DG n 
3 9  DG n 
3 10 DC n 
3 11 DT n 
3 12 DG n 
3 13 DC n 
3 14 DT n 
4 1  DA n 
4 2  DC n 
4 3  DG n 
4 4  DG n 
4 5  DA n 
4 6  DC n 
4 7  DA n 
4 8  DT n 
4 9  DC n 
4 10 DA n 
# 
loop_
_pdbx_entity_src_syn.entity_id 
_pdbx_entity_src_syn.pdbx_src_id 
_pdbx_entity_src_syn.pdbx_alt_source_flag 
_pdbx_entity_src_syn.pdbx_beg_seq_num 
_pdbx_entity_src_syn.pdbx_end_seq_num 
_pdbx_entity_src_syn.organism_scientific 
_pdbx_entity_src_syn.organism_common_name 
_pdbx_entity_src_syn.ncbi_taxonomy_id 
_pdbx_entity_src_syn.details 
1 1 sample 1 12 'synthetic construct' ? 32630 ? 
2 1 sample 1 8  'synthetic construct' ? 32630 ? 
3 1 sample 1 14 'synthetic construct' ? 32630 ? 
4 1 sample 1 10 'synthetic construct' ? 32630 ? 
# 
loop_
_chem_comp.id 
_chem_comp.type 
_chem_comp.mon_nstd_flag 
_chem_comp.name 
_chem_comp.pdbx_synonyms 
_chem_comp.formula 
_chem_comp.formula_weight 
DA 'DNA linking' y "2'-DEOXYADENOSINE-5'-MONOPHOSPHATE" ? 'C10 H14 N5 O6 P' 331.222 
DC 'DNA linking' y "2'-DEOXYCYTIDINE-5'-MONOPHOSPHATE"  ? 'C9 H14 N3 O7 P'  307.197 
DG 'DNA linking' y "2'-DEOXYGUANOSINE-5'-MONOPHOSPHATE" ? 'C10 H14 N5 O7 P' 347.221 
DT 'DNA linking' y "THYMIDINE-5'-MONOPHOSPHATE"         ? 'C10 H15 N2 O8 P' 322.208 
# 
loop_
_pdbx_poly_seq_scheme.asym_id 
_pdbx_poly_seq_scheme.entity_id 
_pdbx_poly_seq_scheme.seq_id 
_pdbx_poly_seq_scheme.mon_id 
_pdbx_poly_seq_scheme.ndb_seq_num 
_pdbx_poly_seq_scheme.pdb_seq_num 
_pdbx_poly_seq_scheme.auth_seq_num 
_pdbx_poly_seq_scheme.pdb_mon_id 
_pdbx_poly_seq_scheme.auth_mon_id 
_pdbx_poly_seq_scheme.pdb_strand_id 
_pdbx_poly_seq_scheme.pdb_ins_code 
_pdbx_poly_seq_scheme.hetero 
A 1 1  DG 1  101 101 DG DG A . n 
A 1 2  DA 2  102 102 DA DA A . n 
A 1 3  DG 3  103 103 DG DG A . n 
A 1 4  DC 4  104 104 DC DC A . n 
A 1 5  DA 5  105 105 DA DA A . n 
A 1 6  DG 6  106 106 DG DG A . n 
A 1 7  DC 7  107 107 DC DC A . n 
A 1 8  DC 8  108 108 DC DC A . n 
A 1 9  DT 9  109 109 DT DT A . n 
A 1 10 DG 10 110 110 DG DG A . n 
A 1 11 DT 11 111 111 DT DT A . n 
A 1 12 DA 12 112 ?   ?  ?  A . n 
B 2 1  DT 1  107 ?   ?  ?  B . n 
B 2 2  DA 2  108 108 DA DA B . n 
B 2 3  DC 3  109 109 DC DC B . n 
B 2 4  DA 4  110 110 DA DA B . n 
B 2 5  DC 5  111 111 DC DC B . n 
B 2 6  DC 6  112 112 DC DC B . n 
B 2 7  DG 7  113 113 DG DG B . n 
B 2 8  DT 8  114 114 DT DT B . n 
C 3 1  DC 1  102 102 DC DC C . n 
C 3 2  DT 2  103 103 DT DT C . n 
C 3 3  DG 3  104 104 DG DG C . n 
C 3 4  DA 4  105 105 DA DA C . n 
C 3 5  DT 5  106 106 DT DT C . n 
C 3 6  DG 6  107 107 DG DG C . n 
C 3 7  DT 7  108 108 DT DT C . n 
C 3 8  DG 8  109 109 DG DG C . n 
C 3 9  DG 9  110 110 DG DG C . n 
C 3 10 DC 10 111 111 DC DC C . n 
C 3 11 DT 11 112 112 DT DT C . n 
C 3 12 DG 12 113 113 DG DG C . n 
C 3 13 DC 13 114 114 DC DC C . n 
C 3 14 DT 14 115 115 DT DT C . n 
D 4 1  DA 1  112 112 DA DA D . n 
D 4 2  DC 2  113 113 DC DC D . n 
D 4 3  DG 3  114 114 DG DG D . n 
D 4 4  DG 4  115 115 DG DG D . n 
D 4 5  DA 5  116 116 DA DA D . n 
D 4 6  DC 6  117 117 DC DC D . n 
D 4 7  DA 7  118 118 DA DA D . n 
D 4 8  DT 8  119 119 DT DT D . n 
D 4 9  DC 9  120 120 DC DC D . n 
D 4 10 DA 10 121 121 DA DA D . n 
# 
loop_
_software.citation_id 
_software.classification 
_software.compiler_name 
_software.compiler_version 
_software.contact_author 
_software.contact_author_email 
_software.date 
_software.description 
_software.dependencies 
_software.hardware 
_software.language 
_software.location 
_software.mods 
_software.name 
_software.os 
_software.os_version 
_software.type 
_software.version 
_software.pdbx_reference_DOI 
_software.pdbx_ordinal 
? refinement       ? ? ? ? ? ? ? ? ? ? ? PHENIX    ? ? ? 1.21.2_5419 ? 1 
? 'data reduction' ? ? ? ? ? ? ? ? ? ? ? autoPROC  ? ? ? .           ? 2 
? 'data scaling'   ? ? ? ? ? ? ? ? ? ? ? STARANISO ? ? ? .           ? 3 
? phasing          ? ? ? ? ? ? ? ? ? ? ? PHASER    ? ? ? .           ? 4 
# 
_cell.angle_alpha                  90.000 
_cell.angle_alpha_esd              ? 
_cell.angle_beta                   90.000 
_cell.angle_beta_esd               ? 
_cell.angle_gamma                  120.000 
_cell.angle_gamma_esd              ? 
_cell.entry_id                     9NOF 
_cell.details                      ? 
_cell.formula_units_Z              ? 
_cell.length_a                     106.503 
_cell.length_a_esd                 ? 
_cell.length_b                     106.503 
_cell.length_b_esd                 ? 
_cell.length_c                     90.999 
_cell.length_c_esd                 ? 
_cell.volume                       893904.110 
_cell.volume_esd                   ? 
_cell.Z_PDB                        9 
_cell.reciprocal_angle_alpha       ? 
_cell.reciprocal_angle_beta        ? 
_cell.reciprocal_angle_gamma       ? 
_cell.reciprocal_angle_alpha_esd   ? 
_cell.reciprocal_angle_beta_esd    ? 
_cell.reciprocal_angle_gamma_esd   ? 
_cell.reciprocal_length_a          ? 
_cell.reciprocal_length_b          ? 
_cell.reciprocal_length_c          ? 
_cell.reciprocal_length_a_esd      ? 
_cell.reciprocal_length_b_esd      ? 
_cell.reciprocal_length_c_esd      ? 
_cell.pdbx_unique_axis             ? 
_cell.pdbx_esd_method              ? 
# 
_symmetry.entry_id                         9NOF 
_symmetry.cell_setting                     ? 
_symmetry.Int_Tables_number                146 
_symmetry.space_group_name_Hall            'H 3' 
_symmetry.space_group_name_H-M             'H 3' 
_symmetry.pdbx_full_space_group_name_H-M   ? 
# 
_exptl.absorpt_coefficient_mu     ? 
_exptl.absorpt_correction_T_max   ? 
_exptl.absorpt_correction_T_min   ? 
_exptl.absorpt_correction_type    ? 
_exptl.absorpt_process_details    ? 
_exptl.entry_id                   9NOF 
_exptl.crystals_number            1 
_exptl.details                    ? 
_exptl.method                     'X-RAY DIFFRACTION' 
_exptl.method_details             ? 
# 
_exptl_crystal.colour                       ? 
_exptl_crystal.density_diffrn               ? 
_exptl_crystal.density_Matthews             8.41 
_exptl_crystal.density_method               ? 
_exptl_crystal.density_percent_sol          ? 
_exptl_crystal.description                  ? 
_exptl_crystal.F_000                        ? 
_exptl_crystal.id                           1 
_exptl_crystal.preparation                  ? 
_exptl_crystal.size_max                     ? 
_exptl_crystal.size_mid                     ? 
_exptl_crystal.size_min                     ? 
_exptl_crystal.size_rad                     ? 
_exptl_crystal.colour_lustre                ? 
_exptl_crystal.colour_modifier              ? 
_exptl_crystal.colour_primary               ? 
_exptl_crystal.density_meas                 ? 
_exptl_crystal.density_meas_esd             ? 
_exptl_crystal.density_meas_gt              ? 
_exptl_crystal.density_meas_lt              ? 
_exptl_crystal.density_meas_temp            ? 
_exptl_crystal.density_meas_temp_esd        ? 
_exptl_crystal.density_meas_temp_gt         ? 
_exptl_crystal.density_meas_temp_lt         ? 
_exptl_crystal.pdbx_crystal_image_url       ? 
_exptl_crystal.pdbx_crystal_image_format    ? 
_exptl_crystal.pdbx_mosaicity               ? 
_exptl_crystal.pdbx_mosaicity_esd           ? 
_exptl_crystal.pdbx_mosaic_method           ? 
_exptl_crystal.pdbx_mosaic_block_size       ? 
_exptl_crystal.pdbx_mosaic_block_size_esd   ? 
# 
_exptl_crystal_grow.apparatus       ? 
_exptl_crystal_grow.atmosphere      ? 
_exptl_crystal_grow.crystal_id      1 
_exptl_crystal_grow.details         ? 
_exptl_crystal_grow.method          'VAPOR DIFFUSION, HANGING DROP' 
_exptl_crystal_grow.method_ref      ? 
_exptl_crystal_grow.pH              ? 
_exptl_crystal_grow.pressure        ? 
_exptl_crystal_grow.pressure_esd    ? 
_exptl_crystal_grow.seeding         ? 
_exptl_crystal_grow.seeding_ref     ? 
_exptl_crystal_grow.temp_details    '338-293 at 0.4/hr' 
_exptl_crystal_grow.temp_esd        ? 
_exptl_crystal_grow.time            ? 
_exptl_crystal_grow.pdbx_details    '100 mM MOPS, 1.25 M magnesium sulfate' 
_exptl_crystal_grow.pdbx_pH_range   ? 
_exptl_crystal_grow.temp            293 
# 
_diffrn.ambient_environment              ? 
_diffrn.ambient_temp                     100 
_diffrn.ambient_temp_details             ? 
_diffrn.ambient_temp_esd                 ? 
_diffrn.crystal_id                       1 
_diffrn.crystal_support                  ? 
_diffrn.crystal_treatment                ? 
_diffrn.details                          ? 
_diffrn.id                               1 
_diffrn.ambient_pressure                 ? 
_diffrn.ambient_pressure_esd             ? 
_diffrn.ambient_pressure_gt              ? 
_diffrn.ambient_pressure_lt              ? 
_diffrn.ambient_temp_gt                  ? 
_diffrn.ambient_temp_lt                  ? 
_diffrn.pdbx_serial_crystal_experiment   N 
# 
_diffrn_detector.details                      ? 
_diffrn_detector.detector                     PIXEL 
_diffrn_detector.diffrn_id                    1 
_diffrn_detector.type                         'DECTRIS EIGER X 9M' 
_diffrn_detector.area_resol_mean              ? 
_diffrn_detector.dtime                        ? 
_diffrn_detector.pdbx_frames_total            ? 
_diffrn_detector.pdbx_collection_time_total   ? 
_diffrn_detector.pdbx_collection_date         2023-03-19 
_diffrn_detector.pdbx_frequency               ? 
_diffrn_detector.id                           ? 
_diffrn_detector.number_of_axes               ? 
# 
_diffrn_radiation.collimation                      ? 
_diffrn_radiation.diffrn_id                        1 
_diffrn_radiation.filter_edge                      ? 
_diffrn_radiation.inhomogeneity                    ? 
_diffrn_radiation.monochromator                    ? 
_diffrn_radiation.polarisn_norm                    ? 
_diffrn_radiation.polarisn_ratio                   ? 
_diffrn_radiation.probe                            ? 
_diffrn_radiation.type                             ? 
_diffrn_radiation.xray_symbol                      ? 
_diffrn_radiation.wavelength_id                    1 
_diffrn_radiation.pdbx_monochromatic_or_laue_m_l   M 
_diffrn_radiation.pdbx_wavelength_list             ? 
_diffrn_radiation.pdbx_wavelength                  ? 
_diffrn_radiation.pdbx_diffrn_protocol             'SINGLE WAVELENGTH' 
_diffrn_radiation.pdbx_analyzer                    ? 
_diffrn_radiation.pdbx_scattering_type             x-ray 
# 
_diffrn_radiation_wavelength.id           1 
_diffrn_radiation_wavelength.wavelength   0.991870 
_diffrn_radiation_wavelength.wt           1.0 
# 
_diffrn_source.current                     ? 
_diffrn_source.details                     ? 
_diffrn_source.diffrn_id                   1 
_diffrn_source.power                       ? 
_diffrn_source.size                        ? 
_diffrn_source.source                      SYNCHROTRON 
_diffrn_source.target                      ? 
_diffrn_source.type                        'APS BEAMLINE 17-ID' 
_diffrn_source.voltage                     ? 
_diffrn_source.take-off_angle              ? 
_diffrn_source.pdbx_wavelength_list        0.991870 
_diffrn_source.pdbx_wavelength             ? 
_diffrn_source.pdbx_synchrotron_beamline   17-ID 
_diffrn_source.pdbx_synchrotron_site       APS 
# 
_reflns.B_iso_Wilson_estimate                          256.28 
_reflns.entry_id                                       9NOF 
_reflns.data_reduction_details                         ? 
_reflns.data_reduction_method                          ? 
_reflns.d_resolution_high                              4.076 
_reflns.d_resolution_low                               64.778 
_reflns.details                                        ? 
_reflns.limit_h_max                                    ? 
_reflns.limit_h_min                                    ? 
_reflns.limit_k_max                                    ? 
_reflns.limit_k_min                                    ? 
_reflns.limit_l_max                                    ? 
_reflns.limit_l_min                                    ? 
_reflns.number_all                                     ? 
_reflns.number_obs                                     2083 
_reflns.observed_criterion                             ? 
_reflns.observed_criterion_F_max                       ? 
_reflns.observed_criterion_F_min                       ? 
_reflns.observed_criterion_I_max                       ? 
_reflns.observed_criterion_I_min                       ? 
_reflns.observed_criterion_sigma_F                     ? 
_reflns.observed_criterion_sigma_I                     ? 
_reflns.percent_possible_obs                           87.3 
_reflns.R_free_details                                 ? 
_reflns.Rmerge_F_all                                   ? 
_reflns.Rmerge_F_obs                                   ? 
_reflns.Friedel_coverage                               ? 
_reflns.number_gt                                      ? 
_reflns.threshold_expression                           ? 
_reflns.pdbx_redundancy                                10.6 
_reflns.pdbx_netI_over_av_sigmaI                       ? 
_reflns.pdbx_netI_over_sigmaI                          6.8 
_reflns.pdbx_res_netI_over_av_sigmaI_2                 ? 
_reflns.pdbx_res_netI_over_sigmaI_2                    ? 
_reflns.pdbx_chi_squared                               ? 
_reflns.pdbx_scaling_rejects                           ? 
_reflns.pdbx_d_res_high_opt                            ? 
_reflns.pdbx_d_res_low_opt                             ? 
_reflns.pdbx_d_res_opt_method                          ? 
_reflns.phase_calculation_details                      ? 
_reflns.pdbx_Rrim_I_all                                ? 
_reflns.pdbx_Rpim_I_all                                ? 
_reflns.pdbx_d_opt                                     ? 
_reflns.pdbx_number_measured_all                       ? 
_reflns.pdbx_diffrn_id                                 1 
_reflns.pdbx_ordinal                                   1 
_reflns.pdbx_CC_half                                   .998 
_reflns.pdbx_CC_star                                   ? 
_reflns.pdbx_R_split                                   ? 
_reflns.pdbx_Rmerge_I_obs                              ? 
_reflns.pdbx_Rmerge_I_all                              ? 
_reflns.pdbx_Rsym_value                                ? 
_reflns.pdbx_CC_split_method                           ? 
_reflns.pdbx_aniso_diffraction_limit_axis_1_ortho[1]   ? 
_reflns.pdbx_aniso_diffraction_limit_axis_1_ortho[2]   ? 
_reflns.pdbx_aniso_diffraction_limit_axis_1_ortho[3]   ? 
_reflns.pdbx_aniso_diffraction_limit_axis_2_ortho[1]   ? 
_reflns.pdbx_aniso_diffraction_limit_axis_2_ortho[2]   ? 
_reflns.pdbx_aniso_diffraction_limit_axis_2_ortho[3]   ? 
_reflns.pdbx_aniso_diffraction_limit_axis_3_ortho[1]   ? 
_reflns.pdbx_aniso_diffraction_limit_axis_3_ortho[2]   ? 
_reflns.pdbx_aniso_diffraction_limit_axis_3_ortho[3]   ? 
_reflns.pdbx_aniso_diffraction_limit_1                 ? 
_reflns.pdbx_aniso_diffraction_limit_2                 ? 
_reflns.pdbx_aniso_diffraction_limit_3                 ? 
_reflns.pdbx_aniso_B_tensor_eigenvector_1_ortho[1]     ? 
_reflns.pdbx_aniso_B_tensor_eigenvector_1_ortho[2]     ? 
_reflns.pdbx_aniso_B_tensor_eigenvector_1_ortho[3]     ? 
_reflns.pdbx_aniso_B_tensor_eigenvector_2_ortho[1]     ? 
_reflns.pdbx_aniso_B_tensor_eigenvector_2_ortho[2]     ? 
_reflns.pdbx_aniso_B_tensor_eigenvector_2_ortho[3]     ? 
_reflns.pdbx_aniso_B_tensor_eigenvector_3_ortho[1]     ? 
_reflns.pdbx_aniso_B_tensor_eigenvector_3_ortho[2]     ? 
_reflns.pdbx_aniso_B_tensor_eigenvector_3_ortho[3]     ? 
_reflns.pdbx_aniso_B_tensor_eigenvalue_1               ? 
_reflns.pdbx_aniso_B_tensor_eigenvalue_2               ? 
_reflns.pdbx_aniso_B_tensor_eigenvalue_3               ? 
_reflns.pdbx_orthogonalization_convention              ? 
_reflns.pdbx_percent_possible_ellipsoidal              ? 
_reflns.pdbx_percent_possible_spherical                ? 
_reflns.pdbx_percent_possible_ellipsoidal_anomalous    ? 
_reflns.pdbx_percent_possible_spherical_anomalous      ? 
_reflns.pdbx_redundancy_anomalous                      ? 
_reflns.pdbx_CC_half_anomalous                         ? 
_reflns.pdbx_absDiff_over_sigma_anomalous              ? 
_reflns.pdbx_percent_possible_anomalous                ? 
_reflns.pdbx_observed_signal_threshold                 ? 
_reflns.pdbx_signal_type                               ? 
_reflns.pdbx_signal_details                            ? 
_reflns.pdbx_signal_software_id                        ? 
# 
loop_
_reflns_shell.d_res_high 
_reflns_shell.d_res_low 
_reflns_shell.meanI_over_sigI_all 
_reflns_shell.meanI_over_sigI_obs 
_reflns_shell.number_measured_all 
_reflns_shell.number_measured_obs 
_reflns_shell.number_possible 
_reflns_shell.number_unique_all 
_reflns_shell.number_unique_obs 
_reflns_shell.percent_possible_obs 
_reflns_shell.Rmerge_F_all 
_reflns_shell.Rmerge_F_obs 
_reflns_shell.meanI_over_sigI_gt 
_reflns_shell.meanI_over_uI_all 
_reflns_shell.meanI_over_uI_gt 
_reflns_shell.number_measured_gt 
_reflns_shell.number_unique_gt 
_reflns_shell.percent_possible_gt 
_reflns_shell.Rmerge_F_gt 
_reflns_shell.Rmerge_I_gt 
_reflns_shell.pdbx_redundancy 
_reflns_shell.pdbx_chi_squared 
_reflns_shell.pdbx_netI_over_sigmaI_all 
_reflns_shell.pdbx_netI_over_sigmaI_obs 
_reflns_shell.pdbx_Rrim_I_all 
_reflns_shell.pdbx_Rpim_I_all 
_reflns_shell.pdbx_rejects 
_reflns_shell.pdbx_ordinal 
_reflns_shell.pdbx_diffrn_id 
_reflns_shell.pdbx_CC_half 
_reflns_shell.pdbx_CC_star 
_reflns_shell.pdbx_R_split 
_reflns_shell.percent_possible_all 
_reflns_shell.Rmerge_I_all 
_reflns_shell.Rmerge_I_obs 
_reflns_shell.pdbx_Rsym_value 
_reflns_shell.pdbx_percent_possible_ellipsoidal 
_reflns_shell.pdbx_percent_possible_spherical 
_reflns_shell.pdbx_percent_possible_ellipsoidal_anomalous 
_reflns_shell.pdbx_percent_possible_spherical_anomalous 
_reflns_shell.pdbx_redundancy_anomalous 
_reflns_shell.pdbx_CC_half_anomalous 
_reflns_shell.pdbx_absDiff_over_sigma_anomalous 
_reflns_shell.pdbx_percent_possible_anomalous 
4.076  4.504  ? ? ? ? ? ? 208 ? ? ? ? ? ? ? ? ? ? ? ? ? ? ? ? ? ? 1 1 .095 ? ? ? ? ? ? ? ? ? ? ? ? ? ? 
10.019 64.778 ? ? ? ? ? ? 206 ? ? ? ? ? ? ? ? ? ? ? ? ? ? ? ? ? ? 2 1 .997 ? ? ? ? ? ? ? ? ? ? ? ? ? ? 
# 
_refine.aniso_B[1][1]                            ? 
_refine.aniso_B[1][2]                            ? 
_refine.aniso_B[1][3]                            ? 
_refine.aniso_B[2][2]                            ? 
_refine.aniso_B[2][3]                            ? 
_refine.aniso_B[3][3]                            ? 
_refine.B_iso_max                                ? 
_refine.B_iso_mean                               260.46 
_refine.B_iso_min                                ? 
_refine.correlation_coeff_Fo_to_Fc               ? 
_refine.correlation_coeff_Fo_to_Fc_free          ? 
_refine.details                                  ? 
_refine.diff_density_max                         ? 
_refine.diff_density_max_esd                     ? 
_refine.diff_density_min                         ? 
_refine.diff_density_min_esd                     ? 
_refine.diff_density_rms                         ? 
_refine.diff_density_rms_esd                     ? 
_refine.entry_id                                 9NOF 
_refine.pdbx_refine_id                           'X-RAY DIFFRACTION' 
_refine.ls_abs_structure_details                 ? 
_refine.ls_abs_structure_Flack                   ? 
_refine.ls_abs_structure_Flack_esd               ? 
_refine.ls_abs_structure_Rogers                  ? 
_refine.ls_abs_structure_Rogers_esd              ? 
_refine.ls_d_res_high                            4.08 
_refine.ls_d_res_low                             32.55 
_refine.ls_extinction_coef                       ? 
_refine.ls_extinction_coef_esd                   ? 
_refine.ls_extinction_expression                 ? 
_refine.ls_extinction_method                     ? 
_refine.ls_goodness_of_fit_all                   ? 
_refine.ls_goodness_of_fit_all_esd               ? 
_refine.ls_goodness_of_fit_obs                   ? 
_refine.ls_goodness_of_fit_obs_esd               ? 
_refine.ls_hydrogen_treatment                    ? 
_refine.ls_matrix_type                           ? 
_refine.ls_number_constraints                    ? 
_refine.ls_number_parameters                     ? 
_refine.ls_number_reflns_all                     ? 
_refine.ls_number_reflns_obs                     2067 
_refine.ls_number_reflns_R_free                  95 
_refine.ls_number_reflns_R_work                  1972 
_refine.ls_number_restraints                     ? 
_refine.ls_percent_reflns_obs                    67.26 
_refine.ls_percent_reflns_R_free                 4.60 
_refine.ls_R_factor_all                          ? 
_refine.ls_R_factor_obs                          0.1856 
_refine.ls_R_factor_R_free                       0.2202 
_refine.ls_R_factor_R_free_error                 ? 
_refine.ls_R_factor_R_free_error_details         ? 
_refine.ls_R_factor_R_work                       0.1835 
_refine.ls_R_Fsqd_factor_obs                     ? 
_refine.ls_R_I_factor_obs                        ? 
_refine.ls_redundancy_reflns_all                 ? 
_refine.ls_redundancy_reflns_obs                 ? 
_refine.ls_restrained_S_all                      ? 
_refine.ls_restrained_S_obs                      ? 
_refine.ls_shift_over_esd_max                    ? 
_refine.ls_shift_over_esd_mean                   ? 
_refine.ls_structure_factor_coef                 ? 
_refine.ls_weighting_details                     ? 
_refine.ls_weighting_scheme                      ? 
_refine.ls_wR_factor_all                         ? 
_refine.ls_wR_factor_obs                         ? 
_refine.ls_wR_factor_R_free                      ? 
_refine.ls_wR_factor_R_work                      ? 
_refine.occupancy_max                            ? 
_refine.occupancy_min                            ? 
_refine.solvent_model_details                    'FLAT BULK SOLVENT MODEL' 
_refine.solvent_model_param_bsol                 ? 
_refine.solvent_model_param_ksol                 ? 
_refine.correlation_coeff_I_to_Fcsqd_work        ? 
_refine.correlation_coeff_I_to_Fcsqd_free        ? 
_refine.pdbx_R_complete                          ? 
_refine.ls_R_factor_gt                           ? 
_refine.ls_goodness_of_fit_gt                    ? 
_refine.ls_goodness_of_fit_ref                   ? 
_refine.ls_shift_over_su_max                     ? 
_refine.ls_shift_over_su_max_lt                  ? 
_refine.ls_shift_over_su_mean                    ? 
_refine.ls_shift_over_su_mean_lt                 ? 
_refine.pdbx_ls_sigma_I                          ? 
_refine.pdbx_ls_sigma_F                          1.96 
_refine.pdbx_ls_sigma_Fsqd                       ? 
_refine.pdbx_data_cutoff_high_absF               ? 
_refine.pdbx_data_cutoff_high_rms_absF           ? 
_refine.pdbx_data_cutoff_low_absF                ? 
_refine.pdbx_isotropic_thermal_model             ? 
_refine.pdbx_ls_cross_valid_method               'FREE R-VALUE' 
_refine.pdbx_method_to_determine_struct          'MOLECULAR REPLACEMENT' 
_refine.pdbx_starting_model                      ? 
_refine.pdbx_stereochemistry_target_values       'GeoStd + Monomer Library + CDL v1.2' 
_refine.pdbx_R_Free_selection_details            ? 
_refine.pdbx_stereochem_target_val_spec_case     ? 
_refine.pdbx_overall_ESU_R                       ? 
_refine.pdbx_overall_ESU_R_Free                  ? 
_refine.pdbx_solvent_vdw_probe_radii             1.1000 
_refine.pdbx_solvent_ion_probe_radii             ? 
_refine.pdbx_solvent_shrinkage_radii             0.9000 
_refine.pdbx_real_space_R                        ? 
_refine.pdbx_density_correlation                 ? 
_refine.pdbx_pd_number_of_powder_patterns        ? 
_refine.pdbx_pd_number_of_points                 ? 
_refine.pdbx_pd_meas_number_of_points            ? 
_refine.pdbx_pd_proc_ls_prof_R_factor            ? 
_refine.pdbx_pd_proc_ls_prof_wR_factor           ? 
_refine.pdbx_pd_Marquardt_correlation_coeff      ? 
_refine.pdbx_pd_Fsqrd_R_factor                   ? 
_refine.pdbx_pd_ls_matrix_band_width             ? 
_refine.pdbx_overall_phase_error                 36.3576 
_refine.pdbx_overall_SU_R_free_Cruickshank_DPI   ? 
_refine.pdbx_overall_SU_R_free_Blow_DPI          ? 
_refine.pdbx_overall_SU_R_Blow_DPI               ? 
_refine.pdbx_TLS_residual_ADP_flag               ? 
_refine.pdbx_diffrn_id                           1 
_refine.overall_SU_B                             ? 
_refine.overall_SU_ML                            0.0000 
_refine.overall_SU_R_Cruickshank_DPI             ? 
_refine.overall_SU_R_free                        ? 
_refine.overall_FOM_free_R_set                   ? 
_refine.overall_FOM_work_R_set                   ? 
_refine.pdbx_average_fsc_overall                 ? 
_refine.pdbx_average_fsc_work                    ? 
_refine.pdbx_average_fsc_free                    ? 
# 
_refine_hist.pdbx_refine_id                   'X-RAY DIFFRACTION' 
_refine_hist.cycle_id                         LAST 
_refine_hist.details                          ? 
_refine_hist.d_res_high                       4.08 
_refine_hist.d_res_low                        32.55 
_refine_hist.number_atoms_solvent             0 
_refine_hist.number_atoms_total               855 
_refine_hist.number_reflns_all                ? 
_refine_hist.number_reflns_obs                ? 
_refine_hist.number_reflns_R_free             ? 
_refine_hist.number_reflns_R_work             ? 
_refine_hist.R_factor_all                     ? 
_refine_hist.R_factor_obs                     ? 
_refine_hist.R_factor_R_free                  ? 
_refine_hist.R_factor_R_work                  ? 
_refine_hist.pdbx_number_residues_total       ? 
_refine_hist.pdbx_B_iso_mean_ligand           ? 
_refine_hist.pdbx_B_iso_mean_solvent          ? 
_refine_hist.pdbx_number_atoms_protein        0 
_refine_hist.pdbx_number_atoms_nucleic_acid   855 
_refine_hist.pdbx_number_atoms_ligand         0 
_refine_hist.pdbx_number_atoms_lipid          ? 
_refine_hist.pdbx_number_atoms_carb           ? 
_refine_hist.pdbx_pseudo_atom_details         ? 
# 
loop_
_refine_ls_restr.pdbx_refine_id 
_refine_ls_restr.criterion 
_refine_ls_restr.dev_ideal 
_refine_ls_restr.dev_ideal_target 
_refine_ls_restr.number 
_refine_ls_restr.rejects 
_refine_ls_restr.type 
_refine_ls_restr.weight 
_refine_ls_restr.pdbx_Zscore 
_refine_ls_restr.pdbx_restraint_function 
'X-RAY DIFFRACTION' ? 0.0060  ? 956  ? f_bond_d           ? ? ? 
'X-RAY DIFFRACTION' ? 0.8435  ? 1467 ? f_angle_d          ? ? ? 
'X-RAY DIFFRACTION' ? 0.0414  ? 166  ? f_chiral_restr     ? ? ? 
'X-RAY DIFFRACTION' ? 0.0043  ? 42   ? f_plane_restr      ? ? ? 
'X-RAY DIFFRACTION' ? 37.1096 ? 442  ? f_dihedral_angle_d ? ? ? 
# 
_refine_ls_shell.pdbx_refine_id                      'X-RAY DIFFRACTION' 
_refine_ls_shell.d_res_high                          4.08 
_refine_ls_shell.d_res_low                           32.55 
_refine_ls_shell.number_reflns_all                   ? 
_refine_ls_shell.number_reflns_obs                   ? 
_refine_ls_shell.number_reflns_R_free                95 
_refine_ls_shell.number_reflns_R_work                1972 
_refine_ls_shell.percent_reflns_obs                  67.26 
_refine_ls_shell.percent_reflns_R_free               ? 
_refine_ls_shell.R_factor_all                        ? 
_refine_ls_shell.R_factor_obs                        ? 
_refine_ls_shell.R_factor_R_free_error               ? 
_refine_ls_shell.R_factor_R_work                     0.1835 
_refine_ls_shell.redundancy_reflns_all               ? 
_refine_ls_shell.redundancy_reflns_obs               ? 
_refine_ls_shell.wR_factor_all                       ? 
_refine_ls_shell.wR_factor_obs                       ? 
_refine_ls_shell.wR_factor_R_free                    ? 
_refine_ls_shell.wR_factor_R_work                    ? 
_refine_ls_shell.pdbx_R_complete                     ? 
_refine_ls_shell.correlation_coeff_Fo_to_Fc          ? 
_refine_ls_shell.correlation_coeff_Fo_to_Fc_free     ? 
_refine_ls_shell.correlation_coeff_I_to_Fcsqd_work   ? 
_refine_ls_shell.correlation_coeff_I_to_Fcsqd_free   ? 
_refine_ls_shell.pdbx_total_number_of_bins_used      ? 
_refine_ls_shell.pdbx_phase_error                    ? 
_refine_ls_shell.pdbx_fsc_work                       ? 
_refine_ls_shell.pdbx_fsc_free                       ? 
_refine_ls_shell.R_factor_R_free                     0.2202 
# 
_struct.entry_id                     9NOF 
_struct.title                        
;[7,7,6-1] Shifted tensegrity triangle with an (arm,center,arm) distribution of (7,7,6) base pairs and 1 nt sticky ends, with hexagonal symmetry
;
_struct.pdbx_model_details           ? 
_struct.pdbx_formula_weight          ? 
_struct.pdbx_formula_weight_method   ? 
_struct.pdbx_model_type_details      ? 
_struct.pdbx_CASP_flag               N 
# 
_struct_keywords.entry_id        9NOF 
_struct_keywords.text            'Tensegrity Triangle, DNA' 
_struct_keywords.pdbx_keywords   DNA 
# 
loop_
_struct_asym.id 
_struct_asym.pdbx_blank_PDB_chainid_flag 
_struct_asym.pdbx_modified 
_struct_asym.entity_id 
_struct_asym.details 
A N N 1 ? 
B N N 2 ? 
C N N 3 ? 
D N N 4 ? 
# 
loop_
_struct_ref.id 
_struct_ref.db_name 
_struct_ref.db_code 
_struct_ref.pdbx_db_accession 
_struct_ref.pdbx_db_isoform 
_struct_ref.entity_id 
_struct_ref.pdbx_seq_one_letter_code 
_struct_ref.pdbx_align_begin 
1 PDB 9NOF 9NOF ? 1 ? 1 
2 PDB 9NOF 9NOF ? 2 ? 1 
3 PDB 9NOF 9NOF ? 3 ? 1 
4 PDB 9NOF 9NOF ? 4 ? 1 
# 
loop_
_struct_ref_seq.align_id 
_struct_ref_seq.ref_id 
_struct_ref_seq.pdbx_PDB_id_code 
_struct_ref_seq.pdbx_strand_id 
_struct_ref_seq.seq_align_beg 
_struct_ref_seq.pdbx_seq_align_beg_ins_code 
_struct_ref_seq.seq_align_end 
_struct_ref_seq.pdbx_seq_align_end_ins_code 
_struct_ref_seq.pdbx_db_accession 
_struct_ref_seq.db_align_beg 
_struct_ref_seq.pdbx_db_align_beg_ins_code 
_struct_ref_seq.db_align_end 
_struct_ref_seq.pdbx_db_align_end_ins_code 
_struct_ref_seq.pdbx_auth_seq_align_beg 
_struct_ref_seq.pdbx_auth_seq_align_end 
1 1 9NOF A 1 ? 12 ? 9NOF 101 ? 112 ? 101 112 
2 2 9NOF B 1 ? 8  ? 9NOF 107 ? 114 ? 107 114 
3 3 9NOF C 1 ? 14 ? 9NOF 102 ? 115 ? 102 115 
4 4 9NOF D 1 ? 10 ? 9NOF 112 ? 121 ? 112 121 
# 
_pdbx_struct_assembly.id                   1 
_pdbx_struct_assembly.details              author_defined_assembly 
_pdbx_struct_assembly.method_details       ? 
_pdbx_struct_assembly.oligomeric_details   dodecameric 
_pdbx_struct_assembly.oligomeric_count     12 
# 
loop_
_pdbx_struct_assembly_gen.assembly_id 
_pdbx_struct_assembly_gen.oper_expression 
_pdbx_struct_assembly_gen.asym_id_list 
1 1 A,B,C,D 
1 2 A,B,C,D 
1 3 A,B,C,D 
# 
_pdbx_struct_assembly_auth_evidence.id                     1 
_pdbx_struct_assembly_auth_evidence.assembly_id            1 
_pdbx_struct_assembly_auth_evidence.experimental_support   'native gel electrophoresis' 
_pdbx_struct_assembly_auth_evidence.details                ? 
# 
loop_
_pdbx_struct_oper_list.id 
_pdbx_struct_oper_list.type 
_pdbx_struct_oper_list.name 
_pdbx_struct_oper_list.symmetry_operation 
_pdbx_struct_oper_list.matrix[1][1] 
_pdbx_struct_oper_list.matrix[1][2] 
_pdbx_struct_oper_list.matrix[1][3] 
_pdbx_struct_oper_list.vector[1] 
_pdbx_struct_oper_list.matrix[2][1] 
_pdbx_struct_oper_list.matrix[2][2] 
_pdbx_struct_oper_list.matrix[2][3] 
_pdbx_struct_oper_list.vector[2] 
_pdbx_struct_oper_list.matrix[3][1] 
_pdbx_struct_oper_list.matrix[3][2] 
_pdbx_struct_oper_list.matrix[3][3] 
_pdbx_struct_oper_list.vector[3] 
1 'identity operation'         1_555 x,y,z     1.0000000000 0.0000000000  0.0000000000 0.0000000000  0.0000000000  1.0000000000  0.0000000000  0.0000000000   0.0000000000 0.0000000000  1.0000000000  0.0000000000   
2 'crystal symmetry operation' 2_555 -y,x-y,z  0.5814295215 -0.1211486434 0.8045263935 13.3417568677 -0.7927189589 -0.3069328657 0.5266771955  -4.6156229403  0.1831293637 -0.9439889947 -0.2744966557 -33.4877891604 
3 'crystal symmetry operation' 3_555 -x+y,-x,z 0.5814295215 -0.7927189589 0.1831293637 -5.2835856016 -0.1211486434 -0.3069328657 -0.9439889947 -31.4124550550 0.8045263935 0.5266771955  -0.2744966557 -17.4951383218 
# 
loop_
_struct_conn.id 
_struct_conn.conn_type_id 
_struct_conn.pdbx_leaving_atom_flag 
_struct_conn.pdbx_PDB_id 
_struct_conn.ptnr1_label_asym_id 
_struct_conn.ptnr1_label_comp_id 
_struct_conn.ptnr1_label_seq_id 
_struct_conn.ptnr1_label_atom_id 
_struct_conn.pdbx_ptnr1_label_alt_id 
_struct_conn.pdbx_ptnr1_PDB_ins_code 
_struct_conn.pdbx_ptnr1_standard_comp_id 
_struct_conn.ptnr1_symmetry 
_struct_conn.ptnr2_label_asym_id 
_struct_conn.ptnr2_label_comp_id 
_struct_conn.ptnr2_label_seq_id 
_struct_conn.ptnr2_label_atom_id 
_struct_conn.pdbx_ptnr2_label_alt_id 
_struct_conn.pdbx_ptnr2_PDB_ins_code 
_struct_conn.ptnr1_auth_asym_id 
_struct_conn.ptnr1_auth_comp_id 
_struct_conn.ptnr1_auth_seq_id 
_struct_conn.ptnr2_auth_asym_id 
_struct_conn.ptnr2_auth_comp_id 
_struct_conn.ptnr2_auth_seq_id 
_struct_conn.ptnr2_symmetry 
_struct_conn.pdbx_ptnr3_label_atom_id 
_struct_conn.pdbx_ptnr3_label_seq_id 
_struct_conn.pdbx_ptnr3_label_comp_id 
_struct_conn.pdbx_ptnr3_label_asym_id 
_struct_conn.pdbx_ptnr3_label_alt_id 
_struct_conn.pdbx_ptnr3_PDB_ins_code 
_struct_conn.details 
_struct_conn.pdbx_dist_value 
_struct_conn.pdbx_value_order 
_struct_conn.pdbx_role 
hydrog1  hydrog ? ? A DA 2  N1 ? ? ? 1_555 C DT 14 N3 ? ? A DA 102 C DT 115 1_555 ? ? ? ? ? ? WATSON-CRICK ? ? ? 
hydrog2  hydrog ? ? A DA 2  N6 ? ? ? 1_555 C DT 14 O4 ? ? A DA 102 C DT 115 1_555 ? ? ? ? ? ? WATSON-CRICK ? ? ? 
hydrog3  hydrog ? ? A DG 3  N1 ? ? ? 1_555 C DC 13 N3 ? ? A DG 103 C DC 114 1_555 ? ? ? ? ? ? WATSON-CRICK ? ? ? 
hydrog4  hydrog ? ? A DG 3  N2 ? ? ? 1_555 C DC 13 O2 ? ? A DG 103 C DC 114 1_555 ? ? ? ? ? ? WATSON-CRICK ? ? ? 
hydrog5  hydrog ? ? A DG 3  O6 ? ? ? 1_555 C DC 13 N4 ? ? A DG 103 C DC 114 1_555 ? ? ? ? ? ? WATSON-CRICK ? ? ? 
hydrog6  hydrog ? ? A DC 4  N3 ? ? ? 1_555 C DG 12 N1 ? ? A DC 104 C DG 113 1_555 ? ? ? ? ? ? WATSON-CRICK ? ? ? 
hydrog7  hydrog ? ? A DC 4  N4 ? ? ? 1_555 C DG 12 O6 ? ? A DC 104 C DG 113 1_555 ? ? ? ? ? ? WATSON-CRICK ? ? ? 
hydrog8  hydrog ? ? A DC 4  O2 ? ? ? 1_555 C DG 12 N2 ? ? A DC 104 C DG 113 1_555 ? ? ? ? ? ? WATSON-CRICK ? ? ? 
hydrog9  hydrog ? ? A DA 5  N1 ? ? ? 1_555 C DT 11 N3 ? ? A DA 105 C DT 112 1_555 ? ? ? ? ? ? WATSON-CRICK ? ? ? 
hydrog10 hydrog ? ? A DA 5  N6 ? ? ? 1_555 C DT 11 O4 ? ? A DA 105 C DT 112 1_555 ? ? ? ? ? ? WATSON-CRICK ? ? ? 
hydrog11 hydrog ? ? A DG 6  N1 ? ? ? 1_555 C DC 10 N3 ? ? A DG 106 C DC 111 1_555 ? ? ? ? ? ? WATSON-CRICK ? ? ? 
hydrog12 hydrog ? ? A DG 6  N2 ? ? ? 1_555 C DC 10 O2 ? ? A DG 106 C DC 111 1_555 ? ? ? ? ? ? WATSON-CRICK ? ? ? 
hydrog13 hydrog ? ? A DG 6  O6 ? ? ? 1_555 C DC 10 N4 ? ? A DG 106 C DC 111 1_555 ? ? ? ? ? ? WATSON-CRICK ? ? ? 
hydrog14 hydrog ? ? A DC 7  N3 ? ? ? 1_555 C DG 9  N1 ? ? A DC 107 C DG 110 1_555 ? ? ? ? ? ? WATSON-CRICK ? ? ? 
hydrog15 hydrog ? ? A DC 7  N4 ? ? ? 1_555 C DG 9  O6 ? ? A DC 107 C DG 110 1_555 ? ? ? ? ? ? WATSON-CRICK ? ? ? 
hydrog16 hydrog ? ? A DC 7  O2 ? ? ? 1_555 C DG 9  N2 ? ? A DC 107 C DG 110 1_555 ? ? ? ? ? ? WATSON-CRICK ? ? ? 
hydrog17 hydrog ? ? A DC 8  N3 ? ? ? 1_555 C DG 8  N1 ? ? A DC 108 C DG 109 1_555 ? ? ? ? ? ? WATSON-CRICK ? ? ? 
hydrog18 hydrog ? ? A DC 8  N4 ? ? ? 1_555 C DG 8  O6 ? ? A DC 108 C DG 109 1_555 ? ? ? ? ? ? WATSON-CRICK ? ? ? 
hydrog19 hydrog ? ? A DC 8  O2 ? ? ? 1_555 C DG 8  N2 ? ? A DC 108 C DG 109 1_555 ? ? ? ? ? ? WATSON-CRICK ? ? ? 
hydrog20 hydrog ? ? A DT 9  N3 ? ? ? 1_555 B DA 4  N1 ? ? A DT 109 B DA 110 1_555 ? ? ? ? ? ? WATSON-CRICK ? ? ? 
hydrog21 hydrog ? ? A DT 9  O4 ? ? ? 1_555 B DA 4  N6 ? ? A DT 109 B DA 110 1_555 ? ? ? ? ? ? WATSON-CRICK ? ? ? 
hydrog22 hydrog ? ? A DG 10 N1 ? ? ? 1_555 B DC 3  N3 ? ? A DG 110 B DC 109 1_555 ? ? ? ? ? ? WATSON-CRICK ? ? ? 
hydrog23 hydrog ? ? A DG 10 N2 ? ? ? 1_555 B DC 3  O2 ? ? A DG 110 B DC 109 1_555 ? ? ? ? ? ? WATSON-CRICK ? ? ? 
hydrog24 hydrog ? ? A DG 10 O6 ? ? ? 1_555 B DC 3  N4 ? ? A DG 110 B DC 109 1_555 ? ? ? ? ? ? WATSON-CRICK ? ? ? 
hydrog25 hydrog ? ? A DT 11 N3 ? ? ? 1_555 B DA 2  N1 ? ? A DT 111 B DA 108 1_555 ? ? ? ? ? ? WATSON-CRICK ? ? ? 
hydrog26 hydrog ? ? A DT 11 O4 ? ? ? 1_555 B DA 2  N6 ? ? A DT 111 B DA 108 1_555 ? ? ? ? ? ? WATSON-CRICK ? ? ? 
hydrog27 hydrog ? ? B DC 5  N3 ? ? ? 1_555 D DG 4  N1 ? ? B DC 111 D DG 115 1_555 ? ? ? ? ? ? WATSON-CRICK ? ? ? 
hydrog28 hydrog ? ? B DC 5  N4 ? ? ? 1_555 D DG 4  O6 ? ? B DC 111 D DG 115 1_555 ? ? ? ? ? ? WATSON-CRICK ? ? ? 
hydrog29 hydrog ? ? B DC 5  O2 ? ? ? 1_555 D DG 4  N2 ? ? B DC 111 D DG 115 1_555 ? ? ? ? ? ? WATSON-CRICK ? ? ? 
hydrog30 hydrog ? ? B DC 6  N3 ? ? ? 1_555 D DG 3  N1 ? ? B DC 112 D DG 114 1_555 ? ? ? ? ? ? WATSON-CRICK ? ? ? 
hydrog31 hydrog ? ? B DC 6  N4 ? ? ? 1_555 D DG 3  O6 ? ? B DC 112 D DG 114 1_555 ? ? ? ? ? ? WATSON-CRICK ? ? ? 
hydrog32 hydrog ? ? B DC 6  O2 ? ? ? 1_555 D DG 3  N2 ? ? B DC 112 D DG 114 1_555 ? ? ? ? ? ? WATSON-CRICK ? ? ? 
hydrog33 hydrog ? ? B DG 7  N1 ? ? ? 1_555 D DC 2  N3 ? ? B DG 113 D DC 113 1_555 ? ? ? ? ? ? WATSON-CRICK ? ? ? 
hydrog34 hydrog ? ? B DG 7  N2 ? ? ? 1_555 D DC 2  O2 ? ? B DG 113 D DC 113 1_555 ? ? ? ? ? ? WATSON-CRICK ? ? ? 
hydrog35 hydrog ? ? B DG 7  O6 ? ? ? 1_555 D DC 2  N4 ? ? B DG 113 D DC 113 1_555 ? ? ? ? ? ? WATSON-CRICK ? ? ? 
hydrog36 hydrog ? ? B DT 8  N3 ? ? ? 1_555 D DA 1  N1 ? ? B DT 114 D DA 112 1_555 ? ? ? ? ? ? WATSON-CRICK ? ? ? 
hydrog37 hydrog ? ? B DT 8  O4 ? ? ? 1_555 D DA 1  N6 ? ? B DT 114 D DA 112 1_555 ? ? ? ? ? ? WATSON-CRICK ? ? ? 
hydrog38 hydrog ? ? C DT 2  N3 ? ? ? 1_555 D DA 10 N1 ? ? C DT 103 D DA 121 1_555 ? ? ? ? ? ? WATSON-CRICK ? ? ? 
hydrog39 hydrog ? ? C DT 2  O4 ? ? ? 1_555 D DA 10 N6 ? ? C DT 103 D DA 121 1_555 ? ? ? ? ? ? WATSON-CRICK ? ? ? 
hydrog40 hydrog ? ? C DG 3  N1 ? ? ? 1_555 D DC 9  N3 ? ? C DG 104 D DC 120 1_555 ? ? ? ? ? ? WATSON-CRICK ? ? ? 
hydrog41 hydrog ? ? C DG 3  N2 ? ? ? 1_555 D DC 9  O2 ? ? C DG 104 D DC 120 1_555 ? ? ? ? ? ? WATSON-CRICK ? ? ? 
hydrog42 hydrog ? ? C DG 3  O6 ? ? ? 1_555 D DC 9  N4 ? ? C DG 104 D DC 120 1_555 ? ? ? ? ? ? WATSON-CRICK ? ? ? 
hydrog43 hydrog ? ? C DA 4  N1 ? ? ? 1_555 D DT 8  N3 ? ? C DA 105 D DT 119 1_555 ? ? ? ? ? ? WATSON-CRICK ? ? ? 
hydrog44 hydrog ? ? C DA 4  N6 ? ? ? 1_555 D DT 8  O4 ? ? C DA 105 D DT 119 1_555 ? ? ? ? ? ? WATSON-CRICK ? ? ? 
hydrog45 hydrog ? ? C DT 5  N3 ? ? ? 1_555 D DA 7  N1 ? ? C DT 106 D DA 118 1_555 ? ? ? ? ? ? WATSON-CRICK ? ? ? 
hydrog46 hydrog ? ? C DT 5  O4 ? ? ? 1_555 D DA 7  N6 ? ? C DT 106 D DA 118 1_555 ? ? ? ? ? ? WATSON-CRICK ? ? ? 
hydrog47 hydrog ? ? C DG 6  N1 ? ? ? 1_555 D DC 6  N3 ? ? C DG 107 D DC 117 1_555 ? ? ? ? ? ? WATSON-CRICK ? ? ? 
hydrog48 hydrog ? ? C DG 6  N2 ? ? ? 1_555 D DC 6  O2 ? ? C DG 107 D DC 117 1_555 ? ? ? ? ? ? WATSON-CRICK ? ? ? 
hydrog49 hydrog ? ? C DG 6  O6 ? ? ? 1_555 D DC 6  N4 ? ? C DG 107 D DC 117 1_555 ? ? ? ? ? ? WATSON-CRICK ? ? ? 
hydrog50 hydrog ? ? C DT 7  N3 ? ? ? 1_555 D DA 5  N1 ? ? C DT 108 D DA 116 1_555 ? ? ? ? ? ? WATSON-CRICK ? ? ? 
hydrog51 hydrog ? ? C DT 7  O4 ? ? ? 1_555 D DA 5  N6 ? ? C DT 108 D DA 116 1_555 ? ? ? ? ? ? WATSON-CRICK ? ? ? 
# 
_struct_conn_type.id          hydrog 
_struct_conn_type.criteria    ? 
_struct_conn_type.reference   ? 
# 
_pdbx_entry_details.entry_id                   9NOF 
_pdbx_entry_details.compound_details           ? 
_pdbx_entry_details.source_details             ? 
_pdbx_entry_details.nonpolymer_details         ? 
_pdbx_entry_details.sequence_details           ? 
_pdbx_entry_details.has_ligand_of_interest     ? 
_pdbx_entry_details.has_protein_modification   N 
# 
loop_
_pdbx_validate_rmsd_angle.id 
_pdbx_validate_rmsd_angle.PDB_model_num 
_pdbx_validate_rmsd_angle.auth_atom_id_1 
_pdbx_validate_rmsd_angle.auth_asym_id_1 
_pdbx_validate_rmsd_angle.auth_comp_id_1 
_pdbx_validate_rmsd_angle.auth_seq_id_1 
_pdbx_validate_rmsd_angle.PDB_ins_code_1 
_pdbx_validate_rmsd_angle.label_alt_id_1 
_pdbx_validate_rmsd_angle.auth_atom_id_2 
_pdbx_validate_rmsd_angle.auth_asym_id_2 
_pdbx_validate_rmsd_angle.auth_comp_id_2 
_pdbx_validate_rmsd_angle.auth_seq_id_2 
_pdbx_validate_rmsd_angle.PDB_ins_code_2 
_pdbx_validate_rmsd_angle.label_alt_id_2 
_pdbx_validate_rmsd_angle.auth_atom_id_3 
_pdbx_validate_rmsd_angle.auth_asym_id_3 
_pdbx_validate_rmsd_angle.auth_comp_id_3 
_pdbx_validate_rmsd_angle.auth_seq_id_3 
_pdbx_validate_rmsd_angle.PDB_ins_code_3 
_pdbx_validate_rmsd_angle.label_alt_id_3 
_pdbx_validate_rmsd_angle.angle_value 
_pdbx_validate_rmsd_angle.angle_target_value 
_pdbx_validate_rmsd_angle.angle_deviation 
_pdbx_validate_rmsd_angle.angle_standard_deviation 
_pdbx_validate_rmsd_angle.linker_flag 
1 1 "O4'" A DA 102 ? ? "C1'" A DA 102 ? ? N9 A DA 102 ? ? 110.65 108.30 2.35 0.30 N 
2 1 "O4'" A DG 103 ? ? "C1'" A DG 103 ? ? N9 A DG 103 ? ? 110.37 108.30 2.07 0.30 N 
# 
loop_
_space_group_symop.id 
_space_group_symop.operation_xyz 
1 x,y,z                 
2 -y,x-y,z              
3 -x+y,-x,z             
4 x+1/3,y+2/3,z+2/3     
5 -y+1/3,x-y+2/3,z+2/3  
6 -x+y+1/3,-x+2/3,z+2/3 
7 x+2/3,y+1/3,z+1/3     
8 -y+2/3,x-y+1/3,z+1/3  
9 -x+y+2/3,-x+1/3,z+1/3 
# 
loop_
_pdbx_refine_tls.id 
_pdbx_refine_tls.pdbx_refine_id 
_pdbx_refine_tls.details 
_pdbx_refine_tls.method 
_pdbx_refine_tls.origin_x 
_pdbx_refine_tls.origin_y 
_pdbx_refine_tls.origin_z 
_pdbx_refine_tls.T[1][1] 
_pdbx_refine_tls.T[1][1]_esd 
_pdbx_refine_tls.T[1][2] 
_pdbx_refine_tls.T[1][2]_esd 
_pdbx_refine_tls.T[1][3] 
_pdbx_refine_tls.T[1][3]_esd 
_pdbx_refine_tls.T[2][2] 
_pdbx_refine_tls.T[2][2]_esd 
_pdbx_refine_tls.T[2][3] 
_pdbx_refine_tls.T[2][3]_esd 
_pdbx_refine_tls.T[3][3] 
_pdbx_refine_tls.T[3][3]_esd 
_pdbx_refine_tls.L[1][1] 
_pdbx_refine_tls.L[1][1]_esd 
_pdbx_refine_tls.L[1][2] 
_pdbx_refine_tls.L[1][2]_esd 
_pdbx_refine_tls.L[1][3] 
_pdbx_refine_tls.L[1][3]_esd 
_pdbx_refine_tls.L[2][2] 
_pdbx_refine_tls.L[2][2]_esd 
_pdbx_refine_tls.L[2][3] 
_pdbx_refine_tls.L[2][3]_esd 
_pdbx_refine_tls.L[3][3] 
_pdbx_refine_tls.L[3][3]_esd 
_pdbx_refine_tls.S[1][1] 
_pdbx_refine_tls.S[1][1]_esd 
_pdbx_refine_tls.S[1][2] 
_pdbx_refine_tls.S[1][2]_esd 
_pdbx_refine_tls.S[1][3] 
_pdbx_refine_tls.S[1][3]_esd 
_pdbx_refine_tls.S[2][1] 
_pdbx_refine_tls.S[2][1]_esd 
_pdbx_refine_tls.S[2][2] 
_pdbx_refine_tls.S[2][2]_esd 
_pdbx_refine_tls.S[2][3] 
_pdbx_refine_tls.S[2][3]_esd 
_pdbx_refine_tls.S[3][1] 
_pdbx_refine_tls.S[3][1]_esd 
_pdbx_refine_tls.S[3][2] 
_pdbx_refine_tls.S[3][2]_esd 
_pdbx_refine_tls.S[3][3] 
_pdbx_refine_tls.S[3][3]_esd 
1 'X-RAY DIFFRACTION' ? refined 9.5655982152  2.94773303771  2.8313922391  3.41948355596 ? 0.46486064303  ? 0.093681772745  ? 4.52862882265 ? 0.45219901523   ? 1.93232108087 ? 0.73202274288  ? 1.82440379655  ? -0.6845116421  ? 4.29562330057  ? -2.96372056532 ? 15.72170456451 ? 1.97947763268   ? 0.29474663664   ? 2.619909940291 ? 1.7984963252   ? -3.026499955175 ? -2.2821993653  ? -2.55117092512  ? 1.509733635550  ? 3.78579056449   ? 
2 'X-RAY DIFFRACTION' ? refined -1.0910932887 -6.67117409707 -5.2579969391 3.32467636170 ? 1.209578695845 ? 0.394003824271  ? 1.66570572477 ? 0.40110642767   ? 2.44008596140 ? 11.57572054010 ? 7.49083949590  ? 6.46918460321  ? 4.77846923239  ? 4.33959987533  ? 4.04763533687  ? 0.89491367649   ? 0.73427706850   ? -0.60477587432 ? 2.5148171500   ? 2.16995820140   ? 2.94762099564  ? 0.46030774511   ? 0.582163041919  ? -1.20601530750  ? 
3 'X-RAY DIFFRACTION' ? refined -0.367202876  3.47771682105  2.55199203035 3.90001064479 ? 0.236729156572 ? 0.316401452181  ? 2.07168515056 ? -0.151643126775 ? 2.05137184635 ? 1.92175302790  ? 1.69000517983  ? 2.21593062052  ? 4.10787939893  ? -0.62510955219 ? 6.45862157909  ? -1.29812361457  ? -0.997063603769 ? -1.15003407067 ? 0.021918036693 ? 0.424131053677  ? 0.971358669866 ? -2.55459273632  ? 1.215385544667  ? 0.3197807519    ? 
4 'X-RAY DIFFRACTION' ? refined -9.0259039484 -3.51731143947 -3.1910796995 3.78086254919 ? 0.310301304799 ? -0.103297372430 ? 1.53238752084 ? -0.253471731822 ? 2.48662756422 ? 4.52304633503  ? -2.47758637264 ? -1.25864354372 ? 1.598160933091 ? 0.581427289231 ? 0.5382008063   ? -0.212576941786 ? 0.97426193593   ? -0.11503339885 ? -1.99747070680 ? 1.056977831066  ? 1.43593121466  ? -2.956361746041 ? -1.400703645622 ? -1.110546953115 ? 
# 
loop_
_pdbx_refine_tls_group.id 
_pdbx_refine_tls_group.pdbx_refine_id 
_pdbx_refine_tls_group.refine_tls_id 
_pdbx_refine_tls_group.beg_label_asym_id 
_pdbx_refine_tls_group.beg_label_seq_id 
_pdbx_refine_tls_group.beg_auth_asym_id 
_pdbx_refine_tls_group.beg_auth_seq_id 
_pdbx_refine_tls_group.beg_PDB_ins_code 
_pdbx_refine_tls_group.end_label_asym_id 
_pdbx_refine_tls_group.end_label_seq_id 
_pdbx_refine_tls_group.end_auth_asym_id 
_pdbx_refine_tls_group.end_auth_seq_id 
_pdbx_refine_tls_group.end_PDB_ins_code 
_pdbx_refine_tls_group.selection 
_pdbx_refine_tls_group.selection_details 
1 'X-RAY DIFFRACTION' 1 A ? A 101 ? A ? A 111 ? ? 
;chain 'A' and (resid 101 through 111 )
;
2 'X-RAY DIFFRACTION' 2 B ? B 108 ? B ? B 114 ? ? 
;chain 'B' and (resid 108 through 114 )
;
3 'X-RAY DIFFRACTION' 3 C ? C 102 ? C ? C 115 ? ? 
;chain 'C' and (resid 102 through 115 )
;
4 'X-RAY DIFFRACTION' 4 D ? D 112 ? D ? D 121 ? ? 
;chain 'D' and (resid 112 through 121 )
;
# 
loop_
_pdbx_unobs_or_zero_occ_residues.id 
_pdbx_unobs_or_zero_occ_residues.PDB_model_num 
_pdbx_unobs_or_zero_occ_residues.polymer_flag 
_pdbx_unobs_or_zero_occ_residues.occupancy_flag 
_pdbx_unobs_or_zero_occ_residues.auth_asym_id 
_pdbx_unobs_or_zero_occ_residues.auth_comp_id 
_pdbx_unobs_or_zero_occ_residues.auth_seq_id 
_pdbx_unobs_or_zero_occ_residues.PDB_ins_code 
_pdbx_unobs_or_zero_occ_residues.label_asym_id 
_pdbx_unobs_or_zero_occ_residues.label_comp_id 
_pdbx_unobs_or_zero_occ_residues.label_seq_id 
1 1 Y 1 A DA 112 ? A DA 12 
2 1 Y 1 B DT 107 ? B DT 1  
# 
loop_
_chem_comp_atom.comp_id 
_chem_comp_atom.atom_id 
_chem_comp_atom.type_symbol 
_chem_comp_atom.pdbx_aromatic_flag 
_chem_comp_atom.pdbx_stereo_config 
_chem_comp_atom.pdbx_ordinal 
DA OP3    O N N 1   
DA P      P N N 2   
DA OP1    O N N 3   
DA OP2    O N N 4   
DA "O5'"  O N N 5   
DA "C5'"  C N N 6   
DA "C4'"  C N R 7   
DA "O4'"  O N N 8   
DA "C3'"  C N S 9   
DA "O3'"  O N N 10  
DA "C2'"  C N N 11  
DA "C1'"  C N R 12  
DA N9     N Y N 13  
DA C8     C Y N 14  
DA N7     N Y N 15  
DA C5     C Y N 16  
DA C6     C Y N 17  
DA N6     N N N 18  
DA N1     N Y N 19  
DA C2     C Y N 20  
DA N3     N Y N 21  
DA C4     C Y N 22  
DA HOP3   H N N 23  
DA HOP2   H N N 24  
DA "H5'"  H N N 25  
DA "H5''" H N N 26  
DA "H4'"  H N N 27  
DA "H3'"  H N N 28  
DA "HO3'" H N N 29  
DA "H2'"  H N N 30  
DA "H2''" H N N 31  
DA "H1'"  H N N 32  
DA H8     H N N 33  
DA H61    H N N 34  
DA H62    H N N 35  
DA H2     H N N 36  
DC OP3    O N N 37  
DC P      P N N 38  
DC OP1    O N N 39  
DC OP2    O N N 40  
DC "O5'"  O N N 41  
DC "C5'"  C N N 42  
DC "C4'"  C N R 43  
DC "O4'"  O N N 44  
DC "C3'"  C N S 45  
DC "O3'"  O N N 46  
DC "C2'"  C N N 47  
DC "C1'"  C N R 48  
DC N1     N N N 49  
DC C2     C N N 50  
DC O2     O N N 51  
DC N3     N N N 52  
DC C4     C N N 53  
DC N4     N N N 54  
DC C5     C N N 55  
DC C6     C N N 56  
DC HOP3   H N N 57  
DC HOP2   H N N 58  
DC "H5'"  H N N 59  
DC "H5''" H N N 60  
DC "H4'"  H N N 61  
DC "H3'"  H N N 62  
DC "HO3'" H N N 63  
DC "H2'"  H N N 64  
DC "H2''" H N N 65  
DC "H1'"  H N N 66  
DC H41    H N N 67  
DC H42    H N N 68  
DC H5     H N N 69  
DC H6     H N N 70  
DG OP3    O N N 71  
DG P      P N N 72  
DG OP1    O N N 73  
DG OP2    O N N 74  
DG "O5'"  O N N 75  
DG "C5'"  C N N 76  
DG "C4'"  C N R 77  
DG "O4'"  O N N 78  
DG "C3'"  C N S 79  
DG "O3'"  O N N 80  
DG "C2'"  C N N 81  
DG "C1'"  C N R 82  
DG N9     N Y N 83  
DG C8     C Y N 84  
DG N7     N Y N 85  
DG C5     C Y N 86  
DG C6     C N N 87  
DG O6     O N N 88  
DG N1     N N N 89  
DG C2     C N N 90  
DG N2     N N N 91  
DG N3     N N N 92  
DG C4     C Y N 93  
DG HOP3   H N N 94  
DG HOP2   H N N 95  
DG "H5'"  H N N 96  
DG "H5''" H N N 97  
DG "H4'"  H N N 98  
DG "H3'"  H N N 99  
DG "HO3'" H N N 100 
DG "H2'"  H N N 101 
DG "H2''" H N N 102 
DG "H1'"  H N N 103 
DG H8     H N N 104 
DG H1     H N N 105 
DG H21    H N N 106 
DG H22    H N N 107 
DT OP3    O N N 108 
DT P      P N N 109 
DT OP1    O N N 110 
DT OP2    O N N 111 
DT "O5'"  O N N 112 
DT "C5'"  C N N 113 
DT "C4'"  C N R 114 
DT "O4'"  O N N 115 
DT "C3'"  C N S 116 
DT "O3'"  O N N 117 
DT "C2'"  C N N 118 
DT "C1'"  C N R 119 
DT N1     N N N 120 
DT C2     C N N 121 
DT O2     O N N 122 
DT N3     N N N 123 
DT C4     C N N 124 
DT O4     O N N 125 
DT C5     C N N 126 
DT C7     C N N 127 
DT C6     C N N 128 
DT HOP3   H N N 129 
DT HOP2   H N N 130 
DT "H5'"  H N N 131 
DT "H5''" H N N 132 
DT "H4'"  H N N 133 
DT "H3'"  H N N 134 
DT "HO3'" H N N 135 
DT "H2'"  H N N 136 
DT "H2''" H N N 137 
DT "H1'"  H N N 138 
DT H3     H N N 139 
DT H71    H N N 140 
DT H72    H N N 141 
DT H73    H N N 142 
DT H6     H N N 143 
# 
loop_
_chem_comp_bond.comp_id 
_chem_comp_bond.atom_id_1 
_chem_comp_bond.atom_id_2 
_chem_comp_bond.value_order 
_chem_comp_bond.pdbx_aromatic_flag 
_chem_comp_bond.pdbx_stereo_config 
_chem_comp_bond.pdbx_ordinal 
DA OP3   P      sing N N 1   
DA OP3   HOP3   sing N N 2   
DA P     OP1    doub N N 3   
DA P     OP2    sing N N 4   
DA P     "O5'"  sing N N 5   
DA OP2   HOP2   sing N N 6   
DA "O5'" "C5'"  sing N N 7   
DA "C5'" "C4'"  sing N N 8   
DA "C5'" "H5'"  sing N N 9   
DA "C5'" "H5''" sing N N 10  
DA "C4'" "O4'"  sing N N 11  
DA "C4'" "C3'"  sing N N 12  
DA "C4'" "H4'"  sing N N 13  
DA "O4'" "C1'"  sing N N 14  
DA "C3'" "O3'"  sing N N 15  
DA "C3'" "C2'"  sing N N 16  
DA "C3'" "H3'"  sing N N 17  
DA "O3'" "HO3'" sing N N 18  
DA "C2'" "C1'"  sing N N 19  
DA "C2'" "H2'"  sing N N 20  
DA "C2'" "H2''" sing N N 21  
DA "C1'" N9     sing N N 22  
DA "C1'" "H1'"  sing N N 23  
DA N9    C8     sing Y N 24  
DA N9    C4     sing Y N 25  
DA C8    N7     doub Y N 26  
DA C8    H8     sing N N 27  
DA N7    C5     sing Y N 28  
DA C5    C6     sing Y N 29  
DA C5    C4     doub Y N 30  
DA C6    N6     sing N N 31  
DA C6    N1     doub Y N 32  
DA N6    H61    sing N N 33  
DA N6    H62    sing N N 34  
DA N1    C2     sing Y N 35  
DA C2    N3     doub Y N 36  
DA C2    H2     sing N N 37  
DA N3    C4     sing Y N 38  
DC OP3   P      sing N N 39  
DC OP3   HOP3   sing N N 40  
DC P     OP1    doub N N 41  
DC P     OP2    sing N N 42  
DC P     "O5'"  sing N N 43  
DC OP2   HOP2   sing N N 44  
DC "O5'" "C5'"  sing N N 45  
DC "C5'" "C4'"  sing N N 46  
DC "C5'" "H5'"  sing N N 47  
DC "C5'" "H5''" sing N N 48  
DC "C4'" "O4'"  sing N N 49  
DC "C4'" "C3'"  sing N N 50  
DC "C4'" "H4'"  sing N N 51  
DC "O4'" "C1'"  sing N N 52  
DC "C3'" "O3'"  sing N N 53  
DC "C3'" "C2'"  sing N N 54  
DC "C3'" "H3'"  sing N N 55  
DC "O3'" "HO3'" sing N N 56  
DC "C2'" "C1'"  sing N N 57  
DC "C2'" "H2'"  sing N N 58  
DC "C2'" "H2''" sing N N 59  
DC "C1'" N1     sing N N 60  
DC "C1'" "H1'"  sing N N 61  
DC N1    C2     sing N N 62  
DC N1    C6     sing N N 63  
DC C2    O2     doub N N 64  
DC C2    N3     sing N N 65  
DC N3    C4     doub N N 66  
DC C4    N4     sing N N 67  
DC C4    C5     sing N N 68  
DC N4    H41    sing N N 69  
DC N4    H42    sing N N 70  
DC C5    C6     doub N N 71  
DC C5    H5     sing N N 72  
DC C6    H6     sing N N 73  
DG OP3   P      sing N N 74  
DG OP3   HOP3   sing N N 75  
DG P     OP1    doub N N 76  
DG P     OP2    sing N N 77  
DG P     "O5'"  sing N N 78  
DG OP2   HOP2   sing N N 79  
DG "O5'" "C5'"  sing N N 80  
DG "C5'" "C4'"  sing N N 81  
DG "C5'" "H5'"  sing N N 82  
DG "C5'" "H5''" sing N N 83  
DG "C4'" "O4'"  sing N N 84  
DG "C4'" "C3'"  sing N N 85  
DG "C4'" "H4'"  sing N N 86  
DG "O4'" "C1'"  sing N N 87  
DG "C3'" "O3'"  sing N N 88  
DG "C3'" "C2'"  sing N N 89  
DG "C3'" "H3'"  sing N N 90  
DG "O3'" "HO3'" sing N N 91  
DG "C2'" "C1'"  sing N N 92  
DG "C2'" "H2'"  sing N N 93  
DG "C2'" "H2''" sing N N 94  
DG "C1'" N9     sing N N 95  
DG "C1'" "H1'"  sing N N 96  
DG N9    C8     sing Y N 97  
DG N9    C4     sing Y N 98  
DG C8    N7     doub Y N 99  
DG C8    H8     sing N N 100 
DG N7    C5     sing Y N 101 
DG C5    C6     sing N N 102 
DG C5    C4     doub Y N 103 
DG C6    O6     doub N N 104 
DG C6    N1     sing N N 105 
DG N1    C2     sing N N 106 
DG N1    H1     sing N N 107 
DG C2    N2     sing N N 108 
DG C2    N3     doub N N 109 
DG N2    H21    sing N N 110 
DG N2    H22    sing N N 111 
DG N3    C4     sing N N 112 
DT OP3   P      sing N N 113 
DT OP3   HOP3   sing N N 114 
DT P     OP1    doub N N 115 
DT P     OP2    sing N N 116 
DT P     "O5'"  sing N N 117 
DT OP2   HOP2   sing N N 118 
DT "O5'" "C5'"  sing N N 119 
DT "C5'" "C4'"  sing N N 120 
DT "C5'" "H5'"  sing N N 121 
DT "C5'" "H5''" sing N N 122 
DT "C4'" "O4'"  sing N N 123 
DT "C4'" "C3'"  sing N N 124 
DT "C4'" "H4'"  sing N N 125 
DT "O4'" "C1'"  sing N N 126 
DT "C3'" "O3'"  sing N N 127 
DT "C3'" "C2'"  sing N N 128 
DT "C3'" "H3'"  sing N N 129 
DT "O3'" "HO3'" sing N N 130 
DT "C2'" "C1'"  sing N N 131 
DT "C2'" "H2'"  sing N N 132 
DT "C2'" "H2''" sing N N 133 
DT "C1'" N1     sing N N 134 
DT "C1'" "H1'"  sing N N 135 
DT N1    C2     sing N N 136 
DT N1    C6     sing N N 137 
DT C2    O2     doub N N 138 
DT C2    N3     sing N N 139 
DT N3    C4     sing N N 140 
DT N3    H3     sing N N 141 
DT C4    O4     doub N N 142 
DT C4    C5     sing N N 143 
DT C5    C7     sing N N 144 
DT C5    C6     doub N N 145 
DT C7    H71    sing N N 146 
DT C7    H72    sing N N 147 
DT C7    H73    sing N N 148 
DT C6    H6     sing N N 149 
# 
loop_
_ndb_struct_conf_na.entry_id 
_ndb_struct_conf_na.feature 
9NOF 'double helix'        
9NOF 'a-form double helix' 
9NOF 'b-form double helix' 
# 
loop_
_ndb_struct_na_base_pair.model_number 
_ndb_struct_na_base_pair.i_label_asym_id 
_ndb_struct_na_base_pair.i_label_comp_id 
_ndb_struct_na_base_pair.i_label_seq_id 
_ndb_struct_na_base_pair.i_symmetry 
_ndb_struct_na_base_pair.j_label_asym_id 
_ndb_struct_na_base_pair.j_label_comp_id 
_ndb_struct_na_base_pair.j_label_seq_id 
_ndb_struct_na_base_pair.j_symmetry 
_ndb_struct_na_base_pair.shear 
_ndb_struct_na_base_pair.stretch 
_ndb_struct_na_base_pair.stagger 
_ndb_struct_na_base_pair.buckle 
_ndb_struct_na_base_pair.propeller 
_ndb_struct_na_base_pair.opening 
_ndb_struct_na_base_pair.pair_number 
_ndb_struct_na_base_pair.pair_name 
_ndb_struct_na_base_pair.i_auth_asym_id 
_ndb_struct_na_base_pair.i_auth_seq_id 
_ndb_struct_na_base_pair.i_PDB_ins_code 
_ndb_struct_na_base_pair.j_auth_asym_id 
_ndb_struct_na_base_pair.j_auth_seq_id 
_ndb_struct_na_base_pair.j_PDB_ins_code 
_ndb_struct_na_base_pair.hbond_type_28 
_ndb_struct_na_base_pair.hbond_type_12 
1 A DA 2  1_555 C DT 14 1_555 0.147  -0.084 -0.066 -1.137 -0.189 -6.112  1  A_DA102:DT115_C A 102 ? C 115 ? 20 1 
1 A DG 3  1_555 C DC 13 1_555 -0.225 -0.122 -0.174 -0.778 1.022  0.791   2  A_DG103:DC114_C A 103 ? C 114 ? 19 1 
1 A DC 4  1_555 C DG 12 1_555 0.120  -0.071 0.190  -2.949 0.447  -4.646  3  A_DC104:DG113_C A 104 ? C 113 ? 19 1 
1 A DA 5  1_555 C DT 11 1_555 1.805  0.359  0.341  5.702  4.338  -23.662 4  A_DA105:DT112_C A 105 ? C 112 ? 20 1 
1 A DG 6  1_555 C DC 10 1_555 -0.191 -0.132 0.112  3.229  -2.980 1.361   5  A_DG106:DC111_C A 106 ? C 111 ? 19 1 
1 A DC 7  1_555 C DG 9  1_555 0.230  -0.144 -0.228 1.997  -1.389 0.937   6  A_DC107:DG110_C A 107 ? C 110 ? 19 1 
1 A DC 8  1_555 C DG 8  1_555 0.139  -0.139 0.078  -1.573 -1.048 -2.708  7  A_DC108:DG109_C A 108 ? C 109 ? 19 1 
1 A DT 9  1_555 B DA 4  1_555 -0.132 -0.197 0.095  -0.343 -0.384 5.056   8  A_DT109:DA110_B A 109 ? B 110 ? 20 1 
1 A DG 10 1_555 B DC 3  1_555 -0.218 -0.147 -0.032 -0.521 -2.329 2.718   9  A_DG110:DC109_B A 110 ? B 109 ? 19 1 
1 A DT 11 1_555 B DA 2  1_555 -0.078 -0.084 -0.044 0.714  -0.302 0.706   10 A_DT111:DA108_B A 111 ? B 108 ? 20 1 
1 C DT 2  1_555 D DA 10 1_555 -0.169 -0.150 -0.049 -0.971 -4.095 -0.962  11 C_DT103:DA121_D C 103 ? D 121 ? 20 1 
1 C DG 3  1_555 D DC 9  1_555 -0.178 -0.171 -0.304 -1.712 -5.265 0.284   12 C_DG104:DC120_D C 104 ? D 120 ? 19 1 
1 C DA 4  1_555 D DT 8  1_555 0.136  -0.079 -0.321 -4.491 -4.286 0.502   13 C_DA105:DT119_D C 105 ? D 119 ? 20 1 
1 C DT 5  1_555 D DA 7  1_555 -0.076 -0.124 -0.115 -2.237 -3.567 1.727   14 C_DT106:DA118_D C 106 ? D 118 ? 20 1 
1 C DG 6  1_555 D DC 6  1_555 -0.206 -0.099 -0.033 -5.000 -2.741 -0.110  15 C_DG107:DC117_D C 107 ? D 117 ? 19 1 
1 C DT 7  1_555 D DA 5  1_555 -0.074 -0.096 0.093  0.619  -1.160 -2.228  16 C_DT108:DA116_D C 108 ? D 116 ? 20 1 
1 B DC 5  1_555 D DG 4  1_555 0.184  -0.128 -0.199 2.253  -3.542 -1.348  17 B_DC111:DG115_D B 111 ? D 115 ? 19 1 
1 B DC 6  1_555 D DG 3  1_555 0.179  -0.128 0.092  2.273  -7.307 -1.040  18 B_DC112:DG114_D B 112 ? D 114 ? 19 1 
1 B DG 7  1_555 D DC 2  1_555 -0.208 -0.129 0.006  -4.216 -7.159 0.217   19 B_DG113:DC113_D B 113 ? D 113 ? 19 1 
1 B DT 8  1_555 D DA 1  1_555 -0.210 -0.074 -0.013 -3.836 -6.430 -2.695  20 B_DT114:DA112_D B 114 ? D 112 ? 20 1 
# 
loop_
_ndb_struct_na_base_pair_step.model_number 
_ndb_struct_na_base_pair_step.i_label_asym_id_1 
_ndb_struct_na_base_pair_step.i_label_comp_id_1 
_ndb_struct_na_base_pair_step.i_label_seq_id_1 
_ndb_struct_na_base_pair_step.i_symmetry_1 
_ndb_struct_na_base_pair_step.j_label_asym_id_1 
_ndb_struct_na_base_pair_step.j_label_comp_id_1 
_ndb_struct_na_base_pair_step.j_label_seq_id_1 
_ndb_struct_na_base_pair_step.j_symmetry_1 
_ndb_struct_na_base_pair_step.i_label_asym_id_2 
_ndb_struct_na_base_pair_step.i_label_comp_id_2 
_ndb_struct_na_base_pair_step.i_label_seq_id_2 
_ndb_struct_na_base_pair_step.i_symmetry_2 
_ndb_struct_na_base_pair_step.j_label_asym_id_2 
_ndb_struct_na_base_pair_step.j_label_comp_id_2 
_ndb_struct_na_base_pair_step.j_label_seq_id_2 
_ndb_struct_na_base_pair_step.j_symmetry_2 
_ndb_struct_na_base_pair_step.shift 
_ndb_struct_na_base_pair_step.slide 
_ndb_struct_na_base_pair_step.rise 
_ndb_struct_na_base_pair_step.tilt 
_ndb_struct_na_base_pair_step.roll 
_ndb_struct_na_base_pair_step.twist 
_ndb_struct_na_base_pair_step.x_displacement 
_ndb_struct_na_base_pair_step.y_displacement 
_ndb_struct_na_base_pair_step.helical_rise 
_ndb_struct_na_base_pair_step.inclination 
_ndb_struct_na_base_pair_step.tip 
_ndb_struct_na_base_pair_step.helical_twist 
_ndb_struct_na_base_pair_step.step_number 
_ndb_struct_na_base_pair_step.step_name 
_ndb_struct_na_base_pair_step.i_auth_asym_id_1 
_ndb_struct_na_base_pair_step.i_auth_seq_id_1 
_ndb_struct_na_base_pair_step.i_PDB_ins_code_1 
_ndb_struct_na_base_pair_step.j_auth_asym_id_1 
_ndb_struct_na_base_pair_step.j_auth_seq_id_1 
_ndb_struct_na_base_pair_step.j_PDB_ins_code_1 
_ndb_struct_na_base_pair_step.i_auth_asym_id_2 
_ndb_struct_na_base_pair_step.i_auth_seq_id_2 
_ndb_struct_na_base_pair_step.i_PDB_ins_code_2 
_ndb_struct_na_base_pair_step.j_auth_asym_id_2 
_ndb_struct_na_base_pair_step.j_auth_seq_id_2 
_ndb_struct_na_base_pair_step.j_PDB_ins_code_2 
1 A DA 2  1_555 C DT 14 1_555 A DG 3  1_555 C DC 13 1_555 -0.191 -0.484 3.446 -3.300 1.342  37.450 -0.934 -0.155 3.431 2.085  
5.125  37.613 1  AA_DA102DG103:DC114DT115_CC A 102 ? C 115 ? A 103 ? C 114 ? 
1 A DG 3  1_555 C DC 13 1_555 A DC 4  1_555 C DG 12 1_555 -0.101 -1.388 3.341 -3.941 -0.694 27.117 -2.754 -0.788 3.356 -1.470 
8.347  27.405 2  AA_DG103DC104:DG113DC114_CC A 103 ? C 114 ? A 104 ? C 113 ? 
1 A DC 4  1_555 C DG 12 1_555 A DA 5  1_555 C DT 11 1_555 -1.409 -0.689 2.965 1.756  6.631  42.548 -1.516 2.073  2.774 9.067  
-2.401 43.072 3  AA_DC104DA105:DT112DG113_CC A 104 ? C 113 ? A 105 ? C 112 ? 
1 A DA 5  1_555 C DT 11 1_555 A DG 6  1_555 C DC 10 1_555 1.465  -0.937 3.371 -1.579 7.476  20.781 -5.190 -4.396 2.752 19.880 
4.198  22.126 4  AA_DA105DG106:DC111DT112_CC A 105 ? C 112 ? A 106 ? C 111 ? 
1 A DG 6  1_555 C DC 10 1_555 A DC 7  1_555 C DG 9  1_555 0.353  -1.136 3.273 2.351  -2.489 35.375 -1.491 -0.230 3.358 -4.083 
-3.857 35.535 5  AA_DG106DC107:DG110DC111_CC A 106 ? C 111 ? A 107 ? C 110 ? 
1 A DC 7  1_555 C DG 9  1_555 A DC 8  1_555 C DG 8  1_555 -0.473 -1.076 3.265 -3.866 0.270  41.642 -1.537 0.256  3.288 0.379  
5.425  41.814 6  AA_DC107DC108:DG109DG110_CC A 107 ? C 110 ? A 108 ? C 109 ? 
1 A DC 8  1_555 C DG 8  1_555 A DT 9  1_555 B DA 4  1_555 -0.977 -0.965 3.309 1.917  4.431  18.924 -4.935 3.785  2.896 13.199 
-5.710 19.525 7  AA_DC108DT109:DA110DG109_BC A 108 ? C 109 ? A 109 ? B 110 ? 
1 A DT 9  1_555 B DA 4  1_555 A DG 10 1_555 B DC 3  1_555 -0.394 -0.716 3.803 -3.479 0.844  29.047 -1.630 -0.099 3.801 1.675  
6.903  29.262 8  AA_DT109DG110:DC109DA110_BB A 109 ? B 110 ? A 110 ? B 109 ? 
1 A DG 10 1_555 B DC 3  1_555 A DT 11 1_555 B DA 2  1_555 0.268  -1.097 3.337 2.494  1.156  32.378 -2.166 -0.035 3.307 2.069  
-4.463 32.491 9  AA_DG110DT111:DA108DC109_BB A 110 ? B 109 ? A 111 ? B 108 ? 
1 C DT 2  1_555 D DA 10 1_555 C DG 3  1_555 D DC 9  1_555 0.082  0.207  3.575 -2.601 -1.112 36.760 0.492  -0.514 3.553 -1.760 
4.116  36.865 10 CC_DT103DG104:DC120DA121_DD C 103 ? D 121 ? C 104 ? D 120 ? 
1 C DG 3  1_555 D DC 9  1_555 C DA 4  1_555 D DT 8  1_555 -0.235 -0.174 3.181 -1.517 -2.161 40.237 -0.014 0.174  3.192 -3.138 
2.203  40.320 11 CC_DG104DA105:DT119DC120_DD C 104 ? D 120 ? C 105 ? D 119 ? 
1 C DA 4  1_555 D DT 8  1_555 C DT 5  1_555 D DA 7  1_555 -0.037 -0.800 3.151 -1.815 -1.400 30.683 -1.243 -0.274 3.180 -2.640 
3.423  30.766 12 CC_DA105DT106:DA118DT119_DD C 105 ? D 119 ? C 106 ? D 118 ? 
1 C DT 5  1_555 D DA 7  1_555 C DG 6  1_555 D DC 6  1_555 -0.369 0.444  3.199 -2.846 -0.594 40.849 0.699  0.222  3.210 -0.850 
4.072  40.948 13 CC_DT106DG107:DC117DA118_DD C 106 ? D 118 ? C 107 ? D 117 ? 
1 C DG 6  1_555 D DC 6  1_555 C DT 7  1_555 D DA 5  1_555 -0.238 -0.605 3.083 0.128  2.365  26.941 -1.855 0.539  3.018 5.064  
-0.275 27.043 14 CC_DG107DT108:DA116DC117_DD C 107 ? D 117 ? C 108 ? D 116 ? 
1 C DT 7  1_555 D DA 5  1_555 B DC 5  1_555 D DG 4  1_555 0.549  0.141  3.090 3.906  -1.767 35.087 0.481  -0.354 3.120 -2.918 
-6.449 35.340 15 CB_DT108DC111:DG115DA116_DD C 108 ? D 116 ? B 111 ? D 115 ? 
1 B DC 5  1_555 D DG 4  1_555 B DC 6  1_555 D DG 3  1_555 -0.419 0.139  3.584 2.229  -0.052 37.515 0.223  0.968  3.554 -0.081 
-3.463 37.579 16 BB_DC111DC112:DG114DG115_DD B 111 ? D 115 ? B 112 ? D 114 ? 
1 B DC 6  1_555 D DG 3  1_555 B DG 7  1_555 D DC 2  1_555 0.304  3.484  3.510 0.446  -4.640 36.518 6.154  -0.420 3.063 -7.367 
-0.709 36.805 17 BB_DC112DG113:DC113DG114_DD B 112 ? D 114 ? B 113 ? D 113 ? 
1 B DG 7  1_555 D DC 2  1_555 B DT 8  1_555 D DA 1  1_555 -0.313 0.221  3.570 -4.796 0.153  33.961 0.349  -0.295 3.581 0.260  
8.159  34.289 18 BB_DG113DT114:DA112DC113_DD B 113 ? D 113 ? B 114 ? D 112 ? 
# 
loop_
_pdbx_audit_support.funding_organization 
_pdbx_audit_support.country 
_pdbx_audit_support.grant_number 
_pdbx_audit_support.ordinal 
'Office of Naval Research (ONR)'                   'United States' N000141912596 1 
'Department of Energy (DOE, United States)'        'United States' DE-SC0007991  2 
'National Science Foundation (NSF, United States)' 'United States' CCF-2106790   3 
'National Science Foundation (NSF, United States)' 'United States' GCR-2317843   4 
# 
_pdbx_initial_refinement_model.id               1 
_pdbx_initial_refinement_model.entity_id_list   ? 
_pdbx_initial_refinement_model.type             'experimental model' 
_pdbx_initial_refinement_model.source_name      PDB 
_pdbx_initial_refinement_model.accession_code   8D93 
_pdbx_initial_refinement_model.details          ? 
# 
_space_group.name_H-M_alt     'H 3' 
_space_group.name_Hall        'H 3' 
_space_group.IT_number        146 
_space_group.crystal_system   trigonal 
_space_group.id               1 
# 
_atom_sites.entry_id                    9NOF 
_atom_sites.Cartn_transf_matrix[1][1]   ? 
_atom_sites.Cartn_transf_matrix[1][2]   ? 
_atom_sites.Cartn_transf_matrix[1][3]   ? 
_atom_sites.Cartn_transf_matrix[2][1]   ? 
_atom_sites.Cartn_transf_matrix[2][2]   ? 
_atom_sites.Cartn_transf_matrix[2][3]   ? 
_atom_sites.Cartn_transf_matrix[3][1]   ? 
_atom_sites.Cartn_transf_matrix[3][2]   ? 
_atom_sites.Cartn_transf_matrix[3][3]   ? 
_atom_sites.Cartn_transf_vector[1]      ? 
_atom_sites.Cartn_transf_vector[2]      ? 
_atom_sites.Cartn_transf_vector[3]      ? 
_atom_sites.Cartn_transform_axes        ? 
_atom_sites.fract_transf_matrix[1][1]   0.00144373 
_atom_sites.fract_transf_matrix[1][2]   0.00927672 
_atom_sites.fract_transf_matrix[1][3]   0.00542205 
_atom_sites.fract_transf_matrix[2][1]   0.00552164 
_atom_sites.fract_transf_matrix[2][2]   0.00814101 
_atom_sites.fract_transf_matrix[2][3]   -0.00455900 
_atom_sites.fract_transf_matrix[3][1]   -0.00933064 
_atom_sites.fract_transf_matrix[3][2]   0.00394245 
_atom_sites.fract_transf_matrix[3][3]   -0.00426078 
_atom_sites.fract_transf_vector[1]      0.199674 
_atom_sites.fract_transf_vector[2]      0.005460 
_atom_sites.fract_transf_vector[3]      0.101947 
_atom_sites.solution_primary            ? 
_atom_sites.solution_secondary          ? 
_atom_sites.solution_hydrogens          ? 
_atom_sites.special_details             ? 
# 
loop_
_atom_type.symbol 
_atom_type.scat_dispersion_real 
_atom_type.scat_dispersion_imag 
_atom_type.scat_Cromer_Mann_a1 
_atom_type.scat_Cromer_Mann_a2 
_atom_type.scat_Cromer_Mann_a3 
_atom_type.scat_Cromer_Mann_a4 
_atom_type.scat_Cromer_Mann_b1 
_atom_type.scat_Cromer_Mann_b2 
_atom_type.scat_Cromer_Mann_b3 
_atom_type.scat_Cromer_Mann_b4 
_atom_type.scat_Cromer_Mann_c 
_atom_type.scat_source 
_atom_type.scat_dispersion_source 
C ? ? 5.96793  ? ? ? 14.89577 ? ? ? 0.0 
;1-Gaussian fit: Grosse-Kunstleve RW, Sauter NK, Adams PD: Newsletter of the IUCr Commission on Crystallographic Computing 2004, 3, 22-31.
;
? 
N ? ? 6.96715  ? ? ? 11.43723 ? ? ? 0.0 
;1-Gaussian fit: Grosse-Kunstleve RW, Sauter NK, Adams PD: Newsletter of the IUCr Commission on Crystallographic Computing 2004, 3, 22-31.
;
? 
O ? ? 7.96527  ? ? ? 9.05267  ? ? ? 0.0 
;1-Gaussian fit: Grosse-Kunstleve RW, Sauter NK, Adams PD: Newsletter of the IUCr Commission on Crystallographic Computing 2004, 3, 22-31.
;
? 
P ? ? 14.90797 ? ? ? 11.91318 ? ? ? 0.0 
;1-Gaussian fit: Grosse-Kunstleve RW, Sauter NK, Adams PD: Newsletter of the IUCr Commission on Crystallographic Computing 2004, 3, 22-31.
;
? 
# 
loop_
_atom_site.group_PDB 
_atom_site.id 
_atom_site.type_symbol 
_atom_site.label_atom_id 
_atom_site.label_alt_id 
_atom_site.label_comp_id 
_atom_site.label_asym_id 
_atom_site.label_entity_id 
_atom_site.label_seq_id 
_atom_site.pdbx_PDB_ins_code 
_atom_site.Cartn_x 
_atom_site.Cartn_y 
_atom_site.Cartn_z 
_atom_site.occupancy 
_atom_site.B_iso_or_equiv 
_atom_site.pdbx_formal_charge 
_atom_site.auth_seq_id 
_atom_site.auth_comp_id 
_atom_site.auth_asym_id 
_atom_site.auth_atom_id 
_atom_site.pdbx_PDB_model_num 
ATOM 1   O "O5'" . DG A 1 1  ? 6.61305   -3.05254  14.04161  1.000 268.95443 ? 101 DG A "O5'" 1 
ATOM 2   C "C5'" . DG A 1 1  ? 6.74944   -3.26733  15.44857  1.000 269.59062 ? 101 DG A "C5'" 1 
ATOM 3   C "C4'" . DG A 1 1  ? 5.40620   -3.59871  16.08102  1.000 265.37296 ? 101 DG A "C4'" 1 
ATOM 4   O "O4'" . DG A 1 1  ? 5.55020   -3.66937  17.52591  1.000 266.15397 ? 101 DG A "O4'" 1 
ATOM 5   C "C3'" . DG A 1 1  ? 4.29817   -2.58254  15.80086  1.000 265.77541 ? 101 DG A "C3'" 1 
ATOM 6   O "O3'" . DG A 1 1  ? 3.36614   -3.12994  14.85993  1.000 259.39118 ? 101 DG A "O3'" 1 
ATOM 7   C "C2'" . DG A 1 1  ? 3.65182   -2.35142  17.17008  1.000 265.43583 ? 101 DG A "C2'" 1 
ATOM 8   C "C1'" . DG A 1 1  ? 4.79368   -2.64782  18.13192  1.000 267.94492 ? 101 DG A "C1'" 1 
ATOM 9   N N9    . DG A 1 1  ? 5.69238   -1.51764  18.40646  1.000 274.61714 ? 101 DG A N9    1 
ATOM 10  C C8    . DG A 1 1  ? 7.05279   -1.59285  18.57669  1.000 277.20711 ? 101 DG A C8    1 
ATOM 11  N N7    . DG A 1 1  ? 7.61619   -0.44633  18.82031  1.000 282.92751 ? 101 DG A N7    1 
ATOM 12  C C5    . DG A 1 1  ? 6.56796   0.45873   18.81353  1.000 285.09209 ? 101 DG A C5    1 
ATOM 13  C C6    . DG A 1 1  ? 6.58133   1.85494   19.01836  1.000 293.56576 ? 101 DG A C6    1 
ATOM 14  O O6    . DG A 1 1  ? 7.55288   2.58131   19.25077  1.000 300.20084 ? 101 DG A O6    1 
ATOM 15  N N1    . DG A 1 1  ? 5.30802   2.40479   18.92397  1.000 293.60026 ? 101 DG A N1    1 
ATOM 16  C C2    . DG A 1 1  ? 4.16316   1.69196   18.66737  1.000 285.45371 ? 101 DG A C2    1 
ATOM 17  N N2    . DG A 1 1  ? 3.02555   2.39869   18.61512  1.000 285.90005 ? 101 DG A N2    1 
ATOM 18  N N3    . DG A 1 1  ? 4.13221   0.37706   18.47827  1.000 278.99921 ? 101 DG A N3    1 
ATOM 19  C C4    . DG A 1 1  ? 5.36951   -0.17632  18.56353  1.000 279.55938 ? 101 DG A C4    1 
ATOM 20  P P     . DA A 1 2  ? 2.37986   -2.16883  14.02716  1.000 273.81509 ? 102 DA A P     1 
ATOM 21  O OP1   . DA A 1 2  ? 1.44554   -3.03349  13.26885  1.000 260.59704 ? 102 DA A OP1   1 
ATOM 22  O OP2   . DA A 1 2  ? 3.22608   -1.20072  13.29186  1.000 283.06282 ? 102 DA A OP2   1 
ATOM 23  O "O5'" . DA A 1 2  ? 1.56394   -1.38962  15.16887  1.000 274.39561 ? 102 DA A "O5'" 1 
ATOM 24  C "C5'" . DA A 1 2  ? 0.35002   -0.71142  14.86583  1.000 270.14789 ? 102 DA A "C5'" 1 
ATOM 25  C "C4'" . DA A 1 2  ? 0.52683   0.78727   15.01103  1.000 282.78331 ? 102 DA A "C4'" 1 
ATOM 26  O "O4'" . DA A 1 2  ? 1.74895   1.05274   15.77002  1.000 293.99001 ? 102 DA A "O4'" 1 
ATOM 27  C "C3'" . DA A 1 2  ? 0.68312   1.53467   13.67900  1.000 287.20337 ? 102 DA A "C3'" 1 
ATOM 28  O "O3'" . DA A 1 2  ? -0.07182  2.77679   13.67780  1.000 290.98624 ? 102 DA A "O3'" 1 
ATOM 29  C "C2'" . DA A 1 2  ? 2.18876   1.77923   13.61283  1.000 298.50954 ? 102 DA A "C2'" 1 
ATOM 30  C "C1'" . DA A 1 2  ? 2.50179   2.02030   15.08024  1.000 303.86365 ? 102 DA A "C1'" 1 
ATOM 31  N N9    . DA A 1 2  ? 3.92148   1.89412   15.40209  1.000 310.82567 ? 102 DA A N9    1 
ATOM 32  C C8    . DA A 1 2  ? 4.64282   0.74141   15.49265  1.000 306.62717 ? 102 DA A C8    1 
ATOM 33  N N7    . DA A 1 2  ? 5.90852   0.92855   15.77661  1.000 312.83068 ? 102 DA A N7    1 
ATOM 34  C C5    . DA A 1 2  ? 6.03161   2.30399   15.86915  1.000 322.49446 ? 102 DA A C5    1 
ATOM 35  C C6    . DA A 1 2  ? 7.13130   3.13634   16.14697  1.000 331.95412 ? 102 DA A C6    1 
ATOM 36  N N6    . DA A 1 2  ? 8.35471   2.66573   16.39231  1.000 331.58472 ? 102 DA A N6    1 
ATOM 37  N N1    . DA A 1 2  ? 6.92356   4.46992   16.16699  1.000 341.52351 ? 102 DA A N1    1 
ATOM 38  C C2    . DA A 1 2  ? 5.69033   4.93357   15.92149  1.000 340.77689 ? 102 DA A C2    1 
ATOM 39  N N3    . DA A 1 2  ? 4.57589   4.24587   15.64742  1.000 330.67796 ? 102 DA A N3    1 
ATOM 40  C C4    . DA A 1 2  ? 4.81961   2.92097   15.63729  1.000 322.08197 ? 102 DA A C4    1 
ATOM 41  P P     . DG A 1 3  ? 0.61215   4.12202   13.11086  1.000 288.75256 ? 103 DG A P     1 
ATOM 42  O OP1   . DG A 1 3  ? 1.09237   3.83360   11.73769  1.000 288.38411 ? 103 DG A OP1   1 
ATOM 43  O OP2   . DG A 1 3  ? 1.48290   4.63309   14.19651  1.000 299.10113 ? 103 DG A OP2   1 
ATOM 44  O "O5'" . DG A 1 3  ? -0.56009  5.20183   12.97109  1.000 290.47077 ? 103 DG A "O5'" 1 
ATOM 45  C "C5'" . DG A 1 3  ? -0.31043  6.59394   13.31249  1.000 304.77481 ? 103 DG A "C5'" 1 
ATOM 46  C "C4'" . DG A 1 3  ? 0.85970   7.20360   12.52214  1.000 317.83901 ? 103 DG A "C4'" 1 
ATOM 47  O "O4'" . DG A 1 3  ? 2.12716   6.75720   13.06954  1.000 321.13124 ? 103 DG A "O4'" 1 
ATOM 48  C "C3'" . DG A 1 3  ? 0.90586   6.87107   11.02826  1.000 314.64369 ? 103 DG A "C3'" 1 
ATOM 49  O "O3'" . DG A 1 3  ? 0.34230   7.94123   10.22138  1.000 321.10076 ? 103 DG A "O3'" 1 
ATOM 50  C "C2'" . DG A 1 3  ? 2.39188   6.62630   10.71637  1.000 320.13972 ? 103 DG A "C2'" 1 
ATOM 51  C "C1'" . DG A 1 3  ? 3.11061   6.78447   12.06153  1.000 325.49022 ? 103 DG A "C1'" 1 
ATOM 52  N N9    . DG A 1 3  ? 4.10437   5.72517   12.28739  1.000 320.21455 ? 103 DG A N9    1 
ATOM 53  C C8    . DG A 1 3  ? 3.89425   4.36791   12.23843  1.000 307.72639 ? 103 DG A C8    1 
ATOM 54  N N7    . DG A 1 3  ? 4.97320   3.66201   12.43512  1.000 306.39359 ? 103 DG A N7    1 
ATOM 55  C C5    . DG A 1 3  ? 5.97154   4.60940   12.60981  1.000 317.17761 ? 103 DG A C5    1 
ATOM 56  C C6    . DG A 1 3  ? 7.35612   4.43989   12.85570  1.000 319.32392 ? 103 DG A C6    1 
ATOM 57  O O6    . DG A 1 3  ? 7.99005   3.38042   12.97474  1.000 312.74625 ? 103 DG A O6    1 
ATOM 58  N N1    . DG A 1 3  ? 8.01355   5.66479   12.96451  1.000 330.34855 ? 103 DG A N1    1 
ATOM 59  C C2    . DG A 1 3  ? 7.40468   6.89426   12.84884  1.000 339.70997 ? 103 DG A C2    1 
ATOM 60  N N2    . DG A 1 3  ? 8.19490   7.96761   12.98112  1.000 350.57873 ? 103 DG A N2    1 
ATOM 61  N N3    . DG A 1 3  ? 6.10949   7.06431   12.61706  1.000 338.42348 ? 103 DG A N3    1 
ATOM 62  C C4    . DG A 1 3  ? 5.45543   5.88489   12.51582  1.000 326.26806 ? 103 DG A C4    1 
ATOM 63  P P     . DC A 1 4  ? 0.90969   9.45331   10.25669  1.000 316.20815 ? 104 DC A P     1 
ATOM 64  O OP1   . DC A 1 4  ? 2.01320   9.63715   11.22639  1.000 324.75671 ? 104 DC A OP1   1 
ATOM 65  O OP2   . DC A 1 4  ? -0.28988  10.30693  10.38740  1.000 317.49809 ? 104 DC A OP2   1 
ATOM 66  O "O5'" . DC A 1 4  ? 1.46634   9.69852   8.77302   1.000 321.15790 ? 104 DC A "O5'" 1 
ATOM 67  C "C5'" . DC A 1 4  ? 2.61352   8.98957   8.29481   1.000 319.40278 ? 104 DC A "C5'" 1 
ATOM 68  C "C4'" . DC A 1 4  ? 3.90155   9.60688   8.82020   1.000 331.51764 ? 104 DC A "C4'" 1 
ATOM 69  O "O4'" . DC A 1 4  ? 4.58359   8.65750   9.66176   1.000 325.21904 ? 104 DC A "O4'" 1 
ATOM 70  C "C3'" . DC A 1 4  ? 4.89184   10.01318  7.74729   1.000 336.91929 ? 104 DC A "C3'" 1 
ATOM 71  O "O3'" . DC A 1 4  ? 4.70420   11.40293  7.45895   1.000 351.55811 ? 104 DC A "O3'" 1 
ATOM 72  C "C2'" . DC A 1 4  ? 6.27266   9.72802   8.36878   1.000 336.82673 ? 104 DC A "C2'" 1 
ATOM 73  C "C1'" . DC A 1 4  ? 5.98330   8.81647   9.56346   1.000 329.04518 ? 104 DC A "C1'" 1 
ATOM 74  N N1    . DC A 1 4  ? 6.59319   7.42373   9.51868   1.000 315.91075 ? 104 DC A N1    1 
ATOM 75  C C2    . DC A 1 4  ? 7.99023   7.21485   9.64752   1.000 315.30157 ? 104 DC A C2    1 
ATOM 76  O O2    . DC A 1 4  ? 8.75798   8.18362   9.74427   1.000 324.58511 ? 104 DC A O2    1 
ATOM 77  N N3    . DC A 1 4  ? 8.45950   5.93076   9.64266   1.000 304.37034 ? 104 DC A N3    1 
ATOM 78  C C4    . DC A 1 4  ? 7.60685   4.90583   9.53900   1.000 294.87841 ? 104 DC A C4    1 
ATOM 79  N N4    . DC A 1 4  ? 8.10110   3.66339   9.53666   1.000 285.78706 ? 104 DC A N4    1 
ATOM 80  C C5    . DC A 1 4  ? 6.20344   5.10485   9.42538   1.000 294.18393 ? 104 DC A C5    1 
ATOM 81  C C6    . DC A 1 4  ? 5.74850   6.35786   9.42742   1.000 304.54913 ? 104 DC A C6    1 
ATOM 82  P P     . DA A 1 5  ? 5.71612   12.19756  6.49903   1.000 336.25212 ? 105 DA A P     1 
ATOM 83  O OP1   . DA A 1 5  ? 5.00846   13.39756  5.99521   1.000 349.84633 ? 105 DA A OP1   1 
ATOM 84  O OP2   . DA A 1 5  ? 6.26213   11.21257  5.53946   1.000 323.14793 ? 105 DA A OP2   1 
ATOM 85  O "O5'" . DA A 1 5  ? 6.88093   12.67081  7.49267   1.000 343.23504 ? 105 DA A "O5'" 1 
ATOM 86  C "C5'" . DA A 1 5  ? 7.83766   13.63583  7.07734   1.000 353.45650 ? 105 DA A "C5'" 1 
ATOM 87  C "C4'" . DA A 1 5  ? 9.01413   12.96648  6.39647   1.000 343.10733 ? 105 DA A "C4'" 1 
ATOM 88  O "O4'" . DA A 1 5  ? 9.15856   11.62429  6.90041   1.000 329.19995 ? 105 DA A "O4'" 1 
ATOM 89  C "C3'" . DA A 1 5  ? 8.87106   12.82275  4.88490   1.000 337.84465 ? 105 DA A "C3'" 1 
ATOM 90  O "O3'" . DA A 1 5  ? 9.60724   13.87996  4.21312   1.000 347.70506 ? 105 DA A "O3'" 1 
ATOM 91  C "C2'" . DA A 1 5  ? 9.38344   11.40202  4.57408   1.000 320.82878 ? 105 DA A "C2'" 1 
ATOM 92  C "C1'" . DA A 1 5  ? 9.82821   10.85799  5.93626   1.000 318.32516 ? 105 DA A "C1'" 1 
ATOM 93  N N9    . DA A 1 5  ? 9.48634   9.44738   6.13451   1.000 305.10974 ? 105 DA A N9    1 
ATOM 94  C C8    . DA A 1 5  ? 8.23756   8.90178   6.13560   1.000 300.21584 ? 105 DA A C8    1 
ATOM 95  N N7    . DA A 1 5  ? 8.21791   7.60722   6.33637   1.000 288.40479 ? 105 DA A N7    1 
ATOM 96  C C5    . DA A 1 5  ? 9.55247   7.27068   6.45276   1.000 289.27577 ? 105 DA A C5    1 
ATOM 97  C C6    . DA A 1 5  ? 10.20161  6.04115   6.66655   1.000 284.70554 ? 105 DA A C6    1 
ATOM 98  N N6    . DA A 1 5  ? 9.55015   4.88137   6.80245   1.000 276.15496 ? 105 DA A N6    1 
ATOM 99  N N1    . DA A 1 5  ? 11.54908  6.04856   6.72981   1.000 290.06092 ? 105 DA A N1    1 
ATOM 100 C C2    . DA A 1 5  ? 12.19474  7.21389   6.59241   1.000 299.28801 ? 105 DA A C2    1 
ATOM 101 N N3    . DA A 1 5  ? 11.69329  8.43282   6.38720   1.000 304.29853 ? 105 DA A N3    1 
ATOM 102 C C4    . DA A 1 5  ? 10.35321  8.39220   6.33013   1.000 298.79814 ? 105 DA A C4    1 
ATOM 103 P P     . DG A 1 6  ? 10.91470  13.60225  3.31274   1.000 343.25613 ? 106 DG A P     1 
ATOM 104 O OP1   . DG A 1 6  ? 11.48063  14.93520  3.00720   1.000 357.04472 ? 106 DG A OP1   1 
ATOM 105 O OP2   . DG A 1 6  ? 10.56121  12.71770  2.17987   1.000 330.90591 ? 106 DG A OP2   1 
ATOM 106 O "O5'" . DG A 1 6  ? 11.92915  12.85037  4.29963   1.000 336.05517 ? 106 DG A "O5'" 1 
ATOM 107 C "C5'" . DG A 1 6  ? 13.32301  12.85605  4.03262   1.000 336.66354 ? 106 DG A "C5'" 1 
ATOM 108 C "C4'" . DG A 1 6  ? 13.78710  11.52089  3.46984   1.000 328.16229 ? 106 DG A "C4'" 1 
ATOM 109 O "O4'" . DG A 1 6  ? 12.92139  10.45359  3.91590   1.000 317.86570 ? 106 DG A "O4'" 1 
ATOM 110 C "C3'" . DG A 1 6  ? 13.80551  11.42162  1.93724   1.000 324.77141 ? 106 DG A "C3'" 1 
ATOM 111 O "O3'" . DG A 1 6  ? 15.15250  11.40118  1.47125   1.000 330.28530 ? 106 DG A "O3'" 1 
ATOM 112 C "C2'" . DG A 1 6  ? 13.07631  10.09720  1.62896   1.000 312.16641 ? 106 DG A "C2'" 1 
ATOM 113 C "C1'" . DG A 1 6  ? 13.05276  9.41159   2.98808   1.000 309.97387 ? 106 DG A "C1'" 1 
ATOM 114 N N9    . DG A 1 6  ? 11.96198  8.44516   3.15908   1.000 299.58150 ? 106 DG A N9    1 
ATOM 115 C C8    . DG A 1 6  ? 10.61133  8.69768   3.18139   1.000 295.95083 ? 106 DG A C8    1 
ATOM 116 N N7    . DG A 1 6  ? 9.88349   7.62448   3.34790   1.000 287.06667 ? 106 DG A N7    1 
ATOM 117 C C5    . DG A 1 6  ? 10.81245  6.59485   3.43458   1.000 284.54450 ? 106 DG A C5    1 
ATOM 118 C C6    . DG A 1 6  ? 10.62248  5.20191   3.61270   1.000 276.40999 ? 106 DG A C6    1 
ATOM 119 O O6    . DG A 1 6  ? 9.55688   4.58222   3.73759   1.000 269.48540 ? 106 DG A O6    1 
ATOM 120 N N1    . DG A 1 6  ? 11.83789  4.51580   3.64385   1.000 277.68657 ? 106 DG A N1    1 
ATOM 121 C C2    . DG A 1 6  ? 13.07310  5.10626   3.51830   1.000 285.94853 ? 106 DG A C2    1 
ATOM 122 N N2    . DG A 1 6  ? 14.13622  4.29269   3.56888   1.000 286.89093 ? 106 DG A N2    1 
ATOM 123 N N3    . DG A 1 6  ? 13.26019  6.40478   3.34864   1.000 293.56158 ? 106 DG A N3    1 
ATOM 124 C C4    . DG A 1 6  ? 12.09292  7.08505   3.31708   1.000 292.26881 ? 106 DG A C4    1 
ATOM 125 P P     . DC A 1 7  ? 15.47026  11.34849  -0.10324  1.000 328.90679 ? 107 DC A P     1 
ATOM 126 O OP1   . DC A 1 7  ? 16.74736  12.06304  -0.32398  1.000 340.11496 ? 107 DC A OP1   1 
ATOM 127 O OP2   . DC A 1 7  ? 14.25450  11.78264  -0.82791  1.000 324.72192 ? 107 DC A OP2   1 
ATOM 128 O "O5'" . DC A 1 7  ? 15.69702  9.79101   -0.39719  1.000 319.58884 ? 107 DC A "O5'" 1 
ATOM 129 C "C5'" . DC A 1 7  ? 16.79832  9.10963   0.19425   1.000 322.26802 ? 107 DC A "C5'" 1 
ATOM 130 C "C4'" . DC A 1 7  ? 16.62907  7.60438   0.08326   1.000 312.36365 ? 107 DC A "C4'" 1 
ATOM 131 O "O4'" . DC A 1 7  ? 15.34998  7.22005   0.62278   1.000 304.10130 ? 107 DC A "O4'" 1 
ATOM 132 C "C3'" . DC A 1 7  ? 16.64759  7.05101   -1.34424  1.000 307.42265 ? 107 DC A "C3'" 1 
ATOM 133 O "O3'" . DC A 1 7  ? 17.91383  6.44997   -1.62750  1.000 311.20126 ? 107 DC A "O3'" 1 
ATOM 134 C "C2'" . DC A 1 7  ? 15.51262  6.01118   -1.37039  1.000 295.71532 ? 107 DC A "C2'" 1 
ATOM 135 C "C1'" . DC A 1 7  ? 15.01493  5.97768   0.07156   1.000 294.84612 ? 107 DC A "C1'" 1 
ATOM 136 N N1    . DC A 1 7  ? 13.53842  5.76431   0.17732   1.000 286.66176 ? 107 DC A N1    1 
ATOM 137 C C2    . DC A 1 7  ? 13.05239  4.47499   0.40684   1.000 278.16671 ? 107 DC A C2    1 
ATOM 138 O O2    . DC A 1 7  ? 13.86377  3.54887   0.53139   1.000 277.67036 ? 107 DC A O2    1 
ATOM 139 N N3    . DC A 1 7  ? 11.71187  4.27910   0.48697   1.000 271.51313 ? 107 DC A N3    1 
ATOM 140 C C4    . DC A 1 7  ? 10.87838  5.31224   0.34452   1.000 273.27075 ? 107 DC A C4    1 
ATOM 141 N N4    . DC A 1 7  ? 9.56505   5.07565   0.43467   1.000 267.42526 ? 107 DC A N4    1 
ATOM 142 C C5    . DC A 1 7  ? 11.35572  6.63574   0.10409   1.000 281.91530 ? 107 DC A C5    1 
ATOM 143 C C6    . DC A 1 7  ? 12.68052  6.81354   0.02485   1.000 288.26424 ? 107 DC A C6    1 
ATOM 144 P P     . DC A 1 8  ? 18.16159  5.68098   -3.01958  1.000 310.96512 ? 108 DC A P     1 
ATOM 145 O OP1   . DC A 1 8  ? 19.60506  5.77963   -3.33443  1.000 320.22770 ? 108 DC A OP1   1 
ATOM 146 O OP2   . DC A 1 8  ? 17.17899  6.18553   -4.00468  1.000 306.57837 ? 108 DC A OP2   1 
ATOM 147 O "O5'" . DC A 1 8  ? 17.79879  4.15141   -2.69081  1.000 301.85852 ? 108 DC A "O5'" 1 
ATOM 148 C "C5'" . DC A 1 8  ? 17.81573  3.16600   -3.73290  1.000 296.55381 ? 108 DC A "C5'" 1 
ATOM 149 C "C4'" . DC A 1 8  ? 17.70061  1.75520   -3.16548  1.000 290.62909 ? 108 DC A "C4'" 1 
ATOM 150 O "O4'" . DC A 1 8  ? 16.79201  1.76074   -2.03824  1.000 286.36314 ? 108 DC A "O4'" 1 
ATOM 151 C "C3'" . DC A 1 8  ? 17.18635  0.70730   -4.15307  1.000 282.75660 ? 108 DC A "C3'" 1 
ATOM 152 O "O3'" . DC A 1 8  ? 18.27363  -0.12149  -4.59410  1.000 286.17985 ? 108 DC A "O3'" 1 
ATOM 153 C "C2'" . DC A 1 8  ? 16.15631  -0.10620  -3.36317  1.000 274.57497 ? 108 DC A "C2'" 1 
ATOM 154 C "C1'" . DC A 1 8  ? 15.77042  0.79947   -2.20241  1.000 276.71887 ? 108 DC A "C1'" 1 
ATOM 155 N N1    . DC A 1 8  ? 14.46058  1.52378   -2.35218  1.000 272.49217 ? 108 DC A N1    1 
ATOM 156 C C2    . DC A 1 8  ? 13.24099  0.82266   -2.30401  1.000 263.87382 ? 108 DC A C2    1 
ATOM 157 O O2    . DC A 1 8  ? 13.24544  -0.40982  -2.17399  1.000 259.47521 ? 108 DC A O2    1 
ATOM 158 N N3    . DC A 1 8  ? 12.08029  1.52774   -2.40916  1.000 261.36937 ? 108 DC A N3    1 
ATOM 159 C C4    . DC A 1 8  ? 12.11462  2.85550   -2.54379  1.000 266.99799 ? 108 DC A C4    1 
ATOM 160 N N4    . DC A 1 8  ? 10.95539  3.51213   -2.64636  1.000 265.97754 ? 108 DC A N4    1 
ATOM 161 C C5    . DC A 1 8  ? 13.33877  3.57399   -2.58779  1.000 275.59196 ? 108 DC A C5    1 
ATOM 162 C C6    . DC A 1 8  ? 14.47066  2.88005   -2.47581  1.000 278.06585 ? 108 DC A C6    1 
ATOM 163 P P     . DT A 1 9  ? 18.35891  -0.62006  -6.12281  1.000 285.93599 ? 109 DT A P     1 
ATOM 164 O OP1   . DT A 1 9  ? 19.71345  -0.29662  -6.62534  1.000 289.80441 ? 109 DT A OP1   1 
ATOM 165 O OP2   . DT A 1 9  ? 17.18694  -0.08576  -6.85175  1.000 283.67442 ? 109 DT A OP2   1 
ATOM 166 O "O5'" . DT A 1 9  ? 18.21218  -2.21759  -6.02697  1.000 282.69758 ? 109 DT A "O5'" 1 
ATOM 167 C "C5'" . DT A 1 9  ? 17.69167  -2.83622  -4.84064  1.000 276.32101 ? 109 DT A "C5'" 1 
ATOM 168 C "C4'" . DT A 1 9  ? 16.44135  -3.64716  -5.14946  1.000 269.72073 ? 109 DT A "C4'" 1 
ATOM 169 O "O4'" . DT A 1 9  ? 15.26115  -2.89732  -4.75275  1.000 270.45466 ? 109 DT A "O4'" 1 
ATOM 170 C "C3'" . DT A 1 9  ? 16.25289  -4.00099  -6.63009  1.000 265.09033 ? 109 DT A "C3'" 1 
ATOM 171 O "O3'" . DT A 1 9  ? 15.99511  -5.39376  -6.78719  1.000 262.44865 ? 109 DT A "O3'" 1 
ATOM 172 C "C2'" . DT A 1 9  ? 15.05321  -3.15968  -7.05611  1.000 262.87388 ? 109 DT A "C2'" 1 
ATOM 173 C "C1'" . DT A 1 9  ? 14.28397  -3.01683  -5.75482  1.000 265.28975 ? 109 DT A "C1'" 1 
ATOM 174 N N1    . DT A 1 9  ? 13.42039  -1.81019  -5.73888  1.000 267.65149 ? 109 DT A N1    1 
ATOM 175 C C2    . DT A 1 9  ? 12.05789  -1.96162  -5.70058  1.000 264.66220 ? 109 DT A C2    1 
ATOM 176 O O2    . DT A 1 9  ? 11.50685  -3.04700  -5.64862  1.000 259.88216 ? 109 DT A O2    1 
ATOM 177 N N3    . DT A 1 9  ? 11.35544  -0.78727  -5.70886  1.000 268.66988 ? 109 DT A N3    1 
ATOM 178 C C4    . DT A 1 9  ? 11.86347  0.49436   -5.76441  1.000 275.52452 ? 109 DT A C4    1 
ATOM 179 O O4    . DT A 1 9  ? 11.14111  1.48623   -5.76769  1.000 280.14188 ? 109 DT A O4    1 
ATOM 180 C C5    . DT A 1 9  ? 13.30264  0.58197   -5.81649  1.000 278.05454 ? 109 DT A C5    1 
ATOM 181 C C7    . DT A 1 9  ? 13.97769  1.92070   -5.87926  1.000 286.37123 ? 109 DT A C7    1 
ATOM 182 C C6    . DT A 1 9  ? 14.00097  -0.56223  -5.81208  1.000 273.88832 ? 109 DT A C6    1 
ATOM 183 P P     . DG A 1 10 ? 16.39668  -6.14164  -8.15637  1.000 258.96843 ? 110 DG A P     1 
ATOM 184 O OP1   . DG A 1 10 ? 16.04777  -7.57190  -7.99955  1.000 256.52670 ? 110 DG A OP1   1 
ATOM 185 O OP2   . DG A 1 10 ? 17.77556  -5.73973  -8.51725  1.000 264.88451 ? 110 DG A OP2   1 
ATOM 186 O "O5'" . DG A 1 10 ? 15.44094  -5.49448  -9.26364  1.000 254.56913 ? 110 DG A "O5'" 1 
ATOM 187 C "C5'" . DG A 1 10 ? 14.82581  -6.32797  -10.24465 1.000 250.79766 ? 110 DG A "C5'" 1 
ATOM 188 C "C4'" . DG A 1 10 ? 13.46938  -6.79610  -9.75916  1.000 246.37259 ? 110 DG A "C4'" 1 
ATOM 189 O "O4'" . DG A 1 10 ? 12.97457  -5.83074  -8.81530  1.000 246.70026 ? 110 DG A "O4'" 1 
ATOM 190 C "C3'" . DG A 1 10 ? 12.41582  -6.94335  -10.85418 1.000 242.22312 ? 110 DG A "C3'" 1 
ATOM 191 O "O3'" . DG A 1 10 ? 12.20169  -8.32676  -11.14217 1.000 236.53380 ? 110 DG A "O3'" 1 
ATOM 192 C "C2'" . DG A 1 10 ? 11.15197  -6.30437  -10.28180 1.000 241.27315 ? 110 DG A "C2'" 1 
ATOM 193 C "C1'" . DG A 1 10 ? 11.62565  -5.53528  -9.05285  1.000 244.52431 ? 110 DG A "C1'" 1 
ATOM 194 N N9    . DG A 1 10 ? 11.47589  -4.08652  -9.15148  1.000 247.64188 ? 110 DG A N9    1 
ATOM 195 C C8    . DG A 1 10 ? 12.47221  -3.13910  -9.16911  1.000 252.37527 ? 110 DG A C8    1 
ATOM 196 N N7    . DG A 1 10 ? 12.02149  -1.91478  -9.23729  1.000 255.49441 ? 110 DG A N7    1 
ATOM 197 C C5    . DG A 1 10 ? 10.64023  -2.06670  -9.25904  1.000 252.50689 ? 110 DG A C5    1 
ATOM 198 C C6    . DG A 1 10 ? 9.60826   -1.09526  -9.32768  1.000 254.74930 ? 110 DG A C6    1 
ATOM 199 O O6    . DG A 1 10 ? 9.71367   0.13866   -9.38516  1.000 260.25269 ? 110 DG A O6    1 
ATOM 200 N N1    . DG A 1 10 ? 8.34454   -1.68730  -9.32442  1.000 251.13548 ? 110 DG A N1    1 
ATOM 201 C C2    . DG A 1 10 ? 8.11321   -3.04040  -9.26311  1.000 246.23097 ? 110 DG A C2    1 
ATOM 202 N N2    . DG A 1 10 ? 6.83358   -3.43184  -9.27129  1.000 243.67999 ? 110 DG A N2    1 
ATOM 203 N N3    . DG A 1 10 ? 9.06612   -3.95331  -9.19963  1.000 244.48040 ? 110 DG A N3    1 
ATOM 204 C C4    . DG A 1 10 ? 10.29584  -3.39830  -9.20260  1.000 247.68493 ? 110 DG A C4    1 
ATOM 205 P P     . DT A 1 11 ? 12.14687  -8.84107  -12.66472 1.000 247.80219 ? 111 DT A P     1 
ATOM 206 O OP1   . DT A 1 11 ? 13.03731  -10.01942 -12.74722 1.000 249.14689 ? 111 DT A OP1   1 
ATOM 207 O OP2   . DT A 1 11 ? 12.38176  -7.67532  -13.54741 1.000 251.69245 ? 111 DT A OP2   1 
ATOM 208 O "O5'" . DT A 1 11 ? 10.63084  -9.31648  -12.87013 1.000 230.26463 ? 111 DT A "O5'" 1 
ATOM 209 C "C5'" . DT A 1 11 ? 9.81105   -8.67637  -13.84093 1.000 224.59068 ? 111 DT A "C5'" 1 
ATOM 210 C "C4'" . DT A 1 11 ? 8.68401   -7.90555  -13.17494 1.000 219.10607 ? 111 DT A "C4'" 1 
ATOM 211 O "O4'" . DT A 1 11 ? 9.17523   -6.63037  -12.68591 1.000 235.46189 ? 111 DT A "O4'" 1 
ATOM 212 C "C3'" . DT A 1 11 ? 7.49670   -7.57866  -14.09108 1.000 215.91453 ? 111 DT A "C3'" 1 
ATOM 213 O "O3'" . DT A 1 11 ? 6.29548   -8.10700  -13.54068 1.000 214.78868 ? 111 DT A "O3'" 1 
ATOM 214 C "C2'" . DT A 1 11 ? 7.46891   -6.04387  -14.13922 1.000 226.29984 ? 111 DT A "C2'" 1 
ATOM 215 C "C1'" . DT A 1 11 ? 8.15318   -5.67839  -12.83322 1.000 235.87002 ? 111 DT A "C1'" 1 
ATOM 216 N N1    . DT A 1 11 ? 8.75360   -4.29604  -12.81308 1.000 253.19590 ? 111 DT A N1    1 
ATOM 217 C C2    . DT A 1 11 ? 7.92045   -3.19402  -12.78591 1.000 256.24731 ? 111 DT A C2    1 
ATOM 218 O O2    . DT A 1 11 ? 6.70288   -3.27128  -12.78943 1.000 249.62617 ? 111 DT A O2    1 
ATOM 219 N N3    . DT A 1 11 ? 8.56880   -1.98697  -12.76152 1.000 261.85482 ? 111 DT A N3    1 
ATOM 220 C C4    . DT A 1 11 ? 9.93438   -1.77147  -12.75443 1.000 264.84959 ? 111 DT A C4    1 
ATOM 221 O O4    . DT A 1 11 ? 10.42013  -0.64468  -12.73199 1.000 269.31555 ? 111 DT A O4    1 
ATOM 222 C C5    . DT A 1 11 ? 10.74872  -2.96493  -12.77551 1.000 263.42412 ? 111 DT A C5    1 
ATOM 223 C C7    . DT A 1 11 ? 12.24339  -2.85685  -12.76898 1.000 267.44414 ? 111 DT A C7    1 
ATOM 224 C C6    . DT A 1 11 ? 10.12708  -4.15407  -12.80234 1.000 258.74305 ? 111 DT A C6    1 
ATOM 225 P P     . DA B 2 2  ? 4.13716   7.37341   -13.99731 1.000 246.20485 ? 108 DA B P     1 
ATOM 226 O OP1   . DA B 2 2  ? 4.63497   6.41925   -15.01677 1.000 238.51126 ? 108 DA B OP1   1 
ATOM 227 O OP2   . DA B 2 2  ? 4.58872   8.78480   -13.99355 1.000 244.48575 ? 108 DA B OP2   1 
ATOM 228 O "O5'" . DA B 2 2  ? 2.53742   7.36803   -14.01242 1.000 251.58605 ? 108 DA B "O5'" 1 
ATOM 229 C "C5'" . DA B 2 2  ? 1.82552   6.87022   -12.89214 1.000 259.18763 ? 108 DA B "C5'" 1 
ATOM 230 C "C4'" . DA B 2 2  ? 1.44204   5.41539   -13.08975 1.000 267.31378 ? 108 DA B "C4'" 1 
ATOM 231 O "O4'" . DA B 2 2  ? 2.56853   4.67265   -13.63122 1.000 263.29784 ? 108 DA B "O4'" 1 
ATOM 232 C "C3'" . DA B 2 2  ? 1.03172   4.69369   -11.81545 1.000 260.35105 ? 108 DA B "C3'" 1 
ATOM 233 O "O3'" . DA B 2 2  ? -0.03986  3.81811   -12.08784 1.000 260.51849 ? 108 DA B "O3'" 1 
ATOM 234 C "C2'" . DA B 2 2  ? 2.29681   3.93646   -11.42233 1.000 252.86198 ? 108 DA B "C2'" 1 
ATOM 235 C "C1'" . DA B 2 2  ? 2.89217   3.59396   -12.78003 1.000 256.19277 ? 108 DA B "C1'" 1 
ATOM 236 N N9    . DA B 2 2  ? 4.34865   3.44398   -12.76077 1.000 238.63602 ? 108 DA B N9    1 
ATOM 237 C C8    . DA B 2 2  ? 5.27797   4.44588   -12.73581 1.000 226.50000 ? 108 DA B C8    1 
ATOM 238 N N7    . DA B 2 2  ? 6.51909   4.02092   -12.72606 1.000 218.55489 ? 108 DA B N7    1 
ATOM 239 C C5    . DA B 2 2  ? 6.39785   2.64242   -12.74539 1.000 217.20266 ? 108 DA B C5    1 
ATOM 240 C C6    . DA B 2 2  ? 7.35338   1.60647   -12.74635 1.000 215.12044 ? 108 DA B C6    1 
ATOM 241 N N6    . DA B 2 2  ? 8.67189   1.82247   -12.72736 1.000 213.73213 ? 108 DA B N6    1 
ATOM 242 N N1    . DA B 2 2  ? 6.89920   0.33562   -12.76880 1.000 215.08302 ? 108 DA B N1    1 
ATOM 243 C C2    . DA B 2 2  ? 5.57749   0.12422   -12.78916 1.000 232.19692 ? 108 DA B C2    1 
ATOM 244 N N3    . DA B 2 2  ? 4.58483   1.01514   -12.79134 1.000 243.69689 ? 108 DA B N3    1 
ATOM 245 C C4    . DA B 2 2  ? 5.06685   2.26758   -12.77059 1.000 232.29073 ? 108 DA B C4    1 
ATOM 246 P P     . DC B 2 3  ? -1.02613  3.37174   -10.90555 1.000 246.96153 ? 109 DC B P     1 
ATOM 247 O OP1   . DC B 2 3  ? -2.36198  3.14083   -11.50027 1.000 245.96880 ? 109 DC B OP1   1 
ATOM 248 O OP2   . DC B 2 3  ? -0.86246  4.34379   -9.80169  1.000 244.34037 ? 109 DC B OP2   1 
ATOM 249 O "O5'" . DC B 2 3  ? -0.42018  1.97434   -10.42377 1.000 240.77562 ? 109 DC B "O5'" 1 
ATOM 250 C "C5'" . DC B 2 3  ? -0.33040  0.89403   -11.34246 1.000 242.72433 ? 109 DC B "C5'" 1 
ATOM 251 C "C4'" . DC B 2 3  ? 0.36703   -0.30175  -10.71710 1.000 239.15771 ? 109 DC B "C4'" 1 
ATOM 252 O "O4'" . DC B 2 3  ? 1.80368   -0.16408  -10.84815 1.000 246.16151 ? 109 DC B "O4'" 1 
ATOM 253 C "C3'" . DC B 2 3  ? 0.10507   -0.51423  -9.22400  1.000 223.98399 ? 109 DC B "C3'" 1 
ATOM 254 O "O3'" . DC B 2 3  ? -0.08496  -1.89277  -8.98607  1.000 219.36775 ? 109 DC B "O3'" 1 
ATOM 255 C "C2'" . DC B 2 3  ? 1.39607   -0.01185  -8.57343  1.000 221.99927 ? 109 DC B "C2'" 1 
ATOM 256 C "C1'" . DC B 2 3  ? 2.40063   -0.46582  -9.60883  1.000 234.65396 ? 109 DC B "C1'" 1 
ATOM 257 N N1    . DC B 2 3  ? 3.72040   0.20986   -9.54684  1.000 236.76269 ? 109 DC B N1    1 
ATOM 258 C C2    . DC B 2 3  ? 4.87171   -0.56814  -9.51133  1.000 223.45822 ? 109 DC B C2    1 
ATOM 259 O O2    . DC B 2 3  ? 4.75277   -1.79624  -9.51034  1.000 221.07656 ? 109 DC B O2    1 
ATOM 260 N N3    . DC B 2 3  ? 6.08055   0.04231   -9.47665  1.000 211.77897 ? 109 DC B N3    1 
ATOM 261 C C4    . DC B 2 3  ? 6.15279   1.37288   -9.48288  1.000 212.22486 ? 109 DC B C4    1 
ATOM 262 N N4    . DC B 2 3  ? 7.36730   1.93295   -9.44631  1.000 200.84320 ? 109 DC B N4    1 
ATOM 263 C C5    . DC B 2 3  ? 4.98349   2.18786   -9.52517  1.000 226.04848 ? 109 DC B C5    1 
ATOM 264 C C6    . DC B 2 3  ? 3.79815   1.56789   -9.56063  1.000 238.07881 ? 109 DC B C6    1 
ATOM 265 P P     . DA B 2 4  ? -0.76099  -2.38924  -7.62035  1.000 244.27344 ? 110 DA B P     1 
ATOM 266 O OP1   . DA B 2 4  ? -1.69680  -3.48142  -7.96637  1.000 246.09126 ? 110 DA B OP1   1 
ATOM 267 O OP2   . DA B 2 4  ? -1.25177  -1.18907  -6.91014  1.000 248.50150 ? 110 DA B OP2   1 
ATOM 268 O "O5'" . DA B 2 4  ? 0.46378   -2.98467  -6.78270  1.000 241.17081 ? 110 DA B "O5'" 1 
ATOM 269 C "C5'" . DA B 2 4  ? 1.30309   -3.97524  -7.36136  1.000 244.16230 ? 110 DA B "C5'" 1 
ATOM 270 C "C4'" . DA B 2 4  ? 2.40759   -4.37472  -6.40161  1.000 235.24922 ? 110 DA B "C4'" 1 
ATOM 271 O "O4'" . DA B 2 4  ? 3.53748   -3.47726  -6.55359  1.000 235.83425 ? 110 DA B "O4'" 1 
ATOM 272 C "C3'" . DA B 2 4  ? 2.02496   -4.32772  -4.91582  1.000 238.88759 ? 110 DA B "C3'" 1 
ATOM 273 O "O3'" . DA B 2 4  ? 2.46328   -5.51713  -4.26452  1.000 240.02545 ? 110 DA B "O3'" 1 
ATOM 274 C "C2'" . DA B 2 4  ? 2.77997   -3.10247  -4.40029  1.000 236.39025 ? 110 DA B "C2'" 1 
ATOM 275 C "C1'" . DA B 2 4  ? 4.01507   -3.15409  -5.27540  1.000 231.61444 ? 110 DA B "C1'" 1 
ATOM 276 N N9    . DA B 2 4  ? 4.76227   -1.90354  -5.34084  1.000 229.69292 ? 110 DA B N9    1 
ATOM 277 C C8    . DA B 2 4  ? 4.26547   -0.62920  -5.34928  1.000 232.95898 ? 110 DA B C8    1 
ATOM 278 N N7    . DA B 2 4  ? 5.19539   0.29810   -5.40911  1.000 235.60225 ? 110 DA B N7    1 
ATOM 279 C C5    . DA B 2 4  ? 6.37850   -0.42244  -5.43982  1.000 228.52343 ? 110 DA B C5    1 
ATOM 280 C C6    . DA B 2 4  ? 7.73124   -0.03383  -5.50490  1.000 222.69792 ? 110 DA B C6    1 
ATOM 281 N N6    . DA B 2 4  ? 8.13363   1.24039   -5.55280  1.000 222.88234 ? 110 DA B N6    1 
ATOM 282 N N1    . DA B 2 4  ? 8.65989   -1.01262  -5.51725  1.000 220.00432 ? 110 DA B N1    1 
ATOM 283 C C2    . DA B 2 4  ? 8.25655   -2.28413  -5.46892  1.000 220.70767 ? 110 DA B C2    1 
ATOM 284 N N3    . DA B 2 4  ? 7.02375   -2.76879  -5.40645  1.000 223.47995 ? 110 DA B N3    1 
ATOM 285 C C4    . DA B 2 4  ? 6.12410   -1.77789  -5.39533  1.000 226.12286 ? 110 DA B C4    1 
ATOM 286 P P     . DC B 2 5  ? 1.39695   -6.62208  -3.79164  1.000 218.81829 ? 111 DC B P     1 
ATOM 287 O OP1   . DC B 2 5  ? 2.06037   -7.51509  -2.81368  1.000 220.76726 ? 111 DC B OP1   1 
ATOM 288 O OP2   . DC B 2 5  ? 0.78187   -7.19720  -5.00737  1.000 218.77683 ? 111 DC B OP2   1 
ATOM 289 O "O5'" . DC B 2 5  ? 0.28233   -5.76859  -3.02770  1.000 221.61391 ? 111 DC B "O5'" 1 
ATOM 290 C "C5'" . DC B 2 5  ? 0.54423   -5.25775  -1.72501  1.000 223.24648 ? 111 DC B "C5'" 1 
ATOM 291 C "C4'" . DC B 2 5  ? -0.58496  -5.59036  -0.75836  1.000 228.93417 ? 111 DC B "C4'" 1 
ATOM 292 O "O4'" . DC B 2 5  ? -1.83205  -5.02696  -1.24105  1.000 230.61330 ? 111 DC B "O4'" 1 
ATOM 293 C "C3'" . DC B 2 5  ? -0.86968  -7.07096  -0.56492  1.000 232.08401 ? 111 DC B "C3'" 1 
ATOM 294 O "O3'" . DC B 2 5  ? -1.44172  -7.27043  0.72553   1.000 237.87839 ? 111 DC B "O3'" 1 
ATOM 295 C "C2'" . DC B 2 5  ? -1.87958  -7.34425  -1.67582  1.000 231.96446 ? 111 DC B "C2'" 1 
ATOM 296 C "C1'" . DC B 2 5  ? -2.71059  -6.06731  -1.64347  1.000 232.91063 ? 111 DC B "C1'" 1 
ATOM 297 N N1    . DC B 2 5  ? -3.30750  -5.67375  -2.95867  1.000 230.95427 ? 111 DC B N1    1 
ATOM 298 C C2    . DC B 2 5  ? -4.62860  -6.02800  -3.27194  1.000 234.22709 ? 111 DC B C2    1 
ATOM 299 O O2    . DC B 2 5  ? -5.28562  -6.69602  -2.46388  1.000 238.73940 ? 111 DC B O2    1 
ATOM 300 N N3    . DC B 2 5  ? -5.14765  -5.63040  -4.46415  1.000 232.81450 ? 111 DC B N3    1 
ATOM 301 C C4    . DC B 2 5  ? -4.40568  -4.90959  -5.30701  1.000 228.80856 ? 111 DC B C4    1 
ATOM 302 N N4    . DC B 2 5  ? -4.95288  -4.53752  -6.46774  1.000 228.38013 ? 111 DC B N4    1 
ATOM 303 C C5    . DC B 2 5  ? -3.06795  -4.53442  -4.99807  1.000 225.56212 ? 111 DC B C5    1 
ATOM 304 C C6    . DC B 2 5  ? -2.56725  -4.93294  -3.82782  1.000 226.55401 ? 111 DC B C6    1 
ATOM 305 P P     . DC B 2 6  ? -1.91448  -8.73018  1.20173   1.000 238.29300 ? 112 DC B P     1 
ATOM 306 O OP1   . DC B 2 6  ? -2.06198  -8.67383  2.67445   1.000 244.13376 ? 112 DC B OP1   1 
ATOM 307 O OP2   . DC B 2 6  ? -1.00250  -9.71870  0.58184   1.000 235.79313 ? 112 DC B OP2   1 
ATOM 308 O "O5'" . DC B 2 6  ? -3.36594  -8.90171  0.53991   1.000 240.26417 ? 112 DC B "O5'" 1 
ATOM 309 C "C5'" . DC B 2 6  ? -4.41352  -9.56209  1.25349   1.000 247.08610 ? 112 DC B "C5'" 1 
ATOM 310 C "C4'" . DC B 2 6  ? -4.77767  -10.88463 0.59713   1.000 248.08084 ? 112 DC B "C4'" 1 
ATOM 311 O "O4'" . DC B 2 6  ? -5.15891  -10.65803 -0.78710  1.000 243.61451 ? 112 DC B "O4'" 1 
ATOM 312 C "C3'" . DC B 2 6  ? -3.65592  -11.91785 0.57236   1.000 247.27711 ? 112 DC B "C3'" 1 
ATOM 313 O "O3'" . DC B 2 6  ? -4.16835  -13.20200 0.88953   1.000 253.04186 ? 112 DC B "O3'" 1 
ATOM 314 C "C2'" . DC B 2 6  ? -3.14258  -11.84835 -0.86205  1.000 240.74543 ? 112 DC B "C2'" 1 
ATOM 315 C "C1'" . DC B 2 6  ? -4.40150  -11.48835 -1.63950  1.000 240.36399 ? 112 DC B "C1'" 1 
ATOM 316 N N1    . DC B 2 6  ? -4.11106  -10.72999 -2.89431  1.000 234.37638 ? 112 DC B N1    1 
ATOM 317 C C2    . DC B 2 6  ? -5.11547  -10.53315 -3.85492  1.000 233.78636 ? 112 DC B C2    1 
ATOM 318 O O2    . DC B 2 6  ? -6.24699  -10.99466 -3.65591  1.000 237.87445 ? 112 DC B O2    1 
ATOM 319 N N3    . DC B 2 6  ? -4.81377  -9.83313  -4.98146  1.000 229.23145 ? 112 DC B N3    1 
ATOM 320 C C4    . DC B 2 6  ? -3.58246  -9.35016  -5.15916  1.000 225.37735 ? 112 DC B C4    1 
ATOM 321 N N4    . DC B 2 6  ? -3.32882  -8.66996  -6.28140  1.000 221.81800 ? 112 DC B N4    1 
ATOM 322 C C5    . DC B 2 6  ? -2.55381  -9.54604  -4.19669  1.000 225.52879 ? 112 DC B C5    1 
ATOM 323 C C6    . DC B 2 6  ? -2.85838  -10.23451 -3.09402  1.000 230.06782 ? 112 DC B C6    1 
ATOM 324 P P     . DG B 2 7  ? -3.87608  -13.84479 2.33278   1.000 250.24814 ? 113 DG B P     1 
ATOM 325 O OP1   . DG B 2 7  ? -3.73972  -12.72998 3.29637   1.000 251.02378 ? 113 DG B OP1   1 
ATOM 326 O OP2   . DG B 2 7  ? -2.77758  -14.82663 2.18307   1.000 250.10943 ? 113 DG B OP2   1 
ATOM 327 O "O5'" . DG B 2 7  ? -5.21157  -14.65755 2.66781   1.000 257.62845 ? 113 DG B "O5'" 1 
ATOM 328 C "C5'" . DG B 2 7  ? -6.45679  -14.25048 2.10350   1.000 257.17959 ? 113 DG B "C5'" 1 
ATOM 329 C "C4'" . DG B 2 7  ? -6.97194  -15.30288 1.13591   1.000 257.09659 ? 113 DG B "C4'" 1 
ATOM 330 O "O4'" . DG B 2 7  ? -6.56036  -14.96710 -0.21443  1.000 249.27659 ? 113 DG B "O4'" 1 
ATOM 331 C "C3'" . DG B 2 7  ? -6.47224  -16.71740 1.41596   1.000 261.49762 ? 113 DG B "C3'" 1 
ATOM 332 O "O3'" . DG B 2 7  ? -7.59039  -17.67352 1.49961   1.000 267.85094 ? 113 DG B "O3'" 1 
ATOM 333 C "C2'" . DG B 2 7  ? -5.45316  -17.00772 0.30370   1.000 255.20557 ? 113 DG B "C2'" 1 
ATOM 334 C "C1'" . DG B 2 7  ? -5.83852  -16.03093 -0.80901  1.000 248.29534 ? 113 DG B "C1'" 1 
ATOM 335 N N9    . DG B 2 7  ? -4.70159  -15.45438 -1.52729  1.000 241.44960 ? 113 DG B N9    1 
ATOM 336 C C8    . DG B 2 7  ? -3.39883  -15.37451 -1.09856  1.000 240.19858 ? 113 DG B C8    1 
ATOM 337 N N7    . DG B 2 7  ? -2.60672  -14.78800 -1.95380  1.000 234.02324 ? 113 DG B N7    1 
ATOM 338 C C5    . DG B 2 7  ? -3.44018  -14.45088 -3.01434  1.000 231.21313 ? 113 DG B C5    1 
ATOM 339 C C6    . DG B 2 7  ? -3.14661  -13.79021 -4.22930  1.000 225.50068 ? 113 DG B C6    1 
ATOM 340 O O6    . DG B 2 7  ? -2.05503  -13.36149 -4.62185  1.000 221.62028 ? 113 DG B O6    1 
ATOM 341 N N1    . DG B 2 7  ? -4.28223  -13.64695 -5.02804  1.000 225.10136 ? 113 DG B N1    1 
ATOM 342 C C2    . DG B 2 7  ? -5.53918  -14.08696 -4.68520  1.000 229.41688 ? 113 DG B C2    1 
ATOM 343 N N2    . DG B 2 7  ? -6.51645  -13.86464 -5.57455  1.000 228.49236 ? 113 DG B N2    1 
ATOM 344 N N3    . DG B 2 7  ? -5.82384  -14.70279 -3.54944  1.000 234.84228 ? 113 DG B N3    1 
ATOM 345 C C4    . DG B 2 7  ? -4.73100  -14.84928 -2.76469  1.000 235.53352 ? 113 DG B C4    1 
ATOM 346 P P     . DT B 2 8  ? -8.24291  -18.41051 0.21834   1.000 265.80388 ? 114 DT B P     1 
ATOM 347 O OP1   . DT B 2 8  ? -9.52548  -18.98916 0.68403   1.000 273.13545 ? 114 DT B OP1   1 
ATOM 348 O OP2   . DT B 2 8  ? -7.23814  -19.31265 -0.38622  1.000 264.10974 ? 114 DT B OP2   1 
ATOM 349 O "O5'" . DT B 2 8  ? -8.57863  -17.23148 -0.81824  1.000 258.15257 ? 114 DT B "O5'" 1 
ATOM 350 C "C5'" . DT B 2 8  ? -9.81881  -17.21934 -1.53601  1.000 258.11491 ? 114 DT B "C5'" 1 
ATOM 351 C "C4'" . DT B 2 8  ? -9.69629  -17.93398 -2.87628  1.000 254.39264 ? 114 DT B "C4'" 1 
ATOM 352 O "O4'" . DT B 2 8  ? -8.51017  -17.47933 -3.57058  1.000 247.84706 ? 114 DT B "O4'" 1 
ATOM 353 C "C3'" . DT B 2 8  ? -9.59684  -19.45888 -2.78755  1.000 259.30556 ? 114 DT B "C3'" 1 
ATOM 354 O "O3'" . DT B 2 8  ? -10.69008 -20.06010 -3.46548  1.000 260.85817 ? 114 DT B "O3'" 1 
ATOM 355 C "C2'" . DT B 2 8  ? -8.24919  -19.80958 -3.44213  1.000 255.32550 ? 114 DT B "C2'" 1 
ATOM 356 C "C1'" . DT B 2 8  ? -7.90478  -18.55964 -4.24584  1.000 247.59324 ? 114 DT B "C1'" 1 
ATOM 357 N N1    . DT B 2 8  ? -6.43404  -18.28177 -4.31098  1.000 243.93457 ? 114 DT B N1    1 
ATOM 358 C C2    . DT B 2 8  ? -5.89439  -17.68478 -5.43528  1.000 237.72876 ? 114 DT B C2    1 
ATOM 359 O O2    . DT B 2 8  ? -6.55252  -17.37650 -6.41413  1.000 235.10628 ? 114 DT B O2    1 
ATOM 360 N N3    . DT B 2 8  ? -4.53892  -17.46466 -5.36699  1.000 235.27184 ? 114 DT B N3    1 
ATOM 361 C C4    . DT B 2 8  ? -3.69353  -17.76764 -4.31593  1.000 238.13785 ? 114 DT B C4    1 
ATOM 362 O O4    . DT B 2 8  ? -2.48923  -17.53241 -4.34620  1.000 235.73005 ? 114 DT B O4    1 
ATOM 363 C C5    . DT B 2 8  ? -4.32297  -18.38311 -3.17695  1.000 244.77483 ? 114 DT B C5    1 
ATOM 364 C C7    . DT B 2 8  ? -3.49990  -18.75767 -1.98210  1.000 249.16388 ? 114 DT B C7    1 
ATOM 365 C C6    . DT B 2 8  ? -5.64494  -18.60766 -3.22716  1.000 247.42159 ? 114 DT B C6    1 
ATOM 366 O "O5'" . DC C 3 1  ? -24.10512 10.08256  7.56415   1.000 301.06962 ? 102 DC C "O5'" 1 
ATOM 367 C "C5'" . DC C 3 1  ? -24.36618 8.76838   7.08540   1.000 294.55171 ? 102 DC C "C5'" 1 
ATOM 368 C "C4'" . DC C 3 1  ? -24.53412 8.77040   5.57796   1.000 294.29384 ? 102 DC C "C4'" 1 
ATOM 369 O "O4'" . DC C 3 1  ? -23.63246 9.74826   5.00380   1.000 292.60741 ? 102 DC C "O4'" 1 
ATOM 370 C "C3'" . DC C 3 1  ? -24.20162 7.45016   4.89382   1.000 287.55988 ? 102 DC C "C3'" 1 
ATOM 371 O "O3'" . DC C 3 1  ? -24.96489 7.29741   3.69715   1.000 292.18933 ? 102 DC C "O3'" 1 
ATOM 372 C "C2'" . DC C 3 1  ? -22.71804 7.59868   4.59668   1.000 280.43536 ? 102 DC C "C2'" 1 
ATOM 373 C "C1'" . DC C 3 1  ? -22.57650 9.09646   4.32681   1.000 284.64601 ? 102 DC C "C1'" 1 
ATOM 374 N N1    . DC C 3 1  ? -21.28942 9.63649   4.82081   1.000 280.75642 ? 102 DC C N1    1 
ATOM 375 C C2    . DC C 3 1  ? -20.47585 10.38620  3.96638   1.000 279.28856 ? 102 DC C C2    1 
ATOM 376 O O2    . DC C 3 1  ? -20.85671 10.61308  2.81170   1.000 280.94352 ? 102 DC C O2    1 
ATOM 377 N N3    . DC C 3 1  ? -19.29517 10.85129  4.43329   1.000 276.42597 ? 102 DC C N3    1 
ATOM 378 C C4    . DC C 3 1  ? -18.92004 10.58543  5.68466   1.000 275.26333 ? 102 DC C C4    1 
ATOM 379 N N4    . DC C 3 1  ? -17.74473 11.06127  6.09727   1.000 273.30944 ? 102 DC C N4    1 
ATOM 380 C C5    . DC C 3 1  ? -19.73094 9.81553   6.56662   1.000 276.38534 ? 102 DC C C5    1 
ATOM 381 C C6    . DC C 3 1  ? -20.89399 9.36305   6.09664   1.000 278.99541 ? 102 DC C C6    1 
ATOM 382 P P     . DT C 3 2  ? -24.65034 6.09772   2.67092   1.000 285.64388 ? 103 DT C P     1 
ATOM 383 O OP1   . DT C 3 2  ? -25.91142 5.77241   1.96913   1.000 289.22007 ? 103 DT C OP1   1 
ATOM 384 O OP2   . DT C 3 2  ? -23.93618 5.01910   3.39161   1.000 278.66258 ? 103 DT C OP2   1 
ATOM 385 O "O5'" . DT C 3 2  ? -23.64466 6.75752   1.61718   1.000 287.47415 ? 103 DT C "O5'" 1 
ATOM 386 C "C5'" . DT C 3 2  ? -24.03507 7.92672   0.90265   1.000 288.94396 ? 103 DT C "C5'" 1 
ATOM 387 C "C4'" . DT C 3 2  ? -23.19010 8.10736   -0.34544  1.000 283.90367 ? 103 DT C "C4'" 1 
ATOM 388 O "O4'" . DT C 3 2  ? -21.94218 8.76751   -0.00188  1.000 279.68294 ? 103 DT C "O4'" 1 
ATOM 389 C "C3'" . DT C 3 2  ? -22.80584 6.81298   -1.05614  1.000 278.86187 ? 103 DT C "C3'" 1 
ATOM 390 O "O3'" . DT C 3 2  ? -22.83774 7.00905   -2.46270  1.000 277.37989 ? 103 DT C "O3'" 1 
ATOM 391 C "C2'" . DT C 3 2  ? -21.38837 6.55552   -0.55158  1.000 272.06362 ? 103 DT C "C2'" 1 
ATOM 392 C "C1'" . DT C 3 2  ? -20.84776 7.97011   -0.40522  1.000 272.34849 ? 103 DT C "C1'" 1 
ATOM 393 N N1    . DT C 3 2  ? -19.77900 8.09077   0.62762   1.000 268.12537 ? 103 DT C N1    1 
ATOM 394 C C2    . DT C 3 2  ? -18.62385 8.78122   0.33342   1.000 264.51370 ? 103 DT C C2    1 
ATOM 395 O O2    . DT C 3 2  ? -18.41608 9.31089   -0.74438  1.000 264.13733 ? 103 DT C O2    1 
ATOM 396 N N3    . DT C 3 2  ? -17.71383 8.83008   1.35894   1.000 261.70737 ? 103 DT C N3    1 
ATOM 397 C C4    . DT C 3 2  ? -17.83834 8.27061   2.61532   1.000 261.32703 ? 103 DT C C4    1 
ATOM 398 O O4    . DT C 3 2  ? -16.96463 8.36703   3.47024   1.000 258.99135 ? 103 DT C O4    1 
ATOM 399 C C5    . DT C 3 2  ? -19.06880 7.56305   2.85505   1.000 264.29337 ? 103 DT C C5    1 
ATOM 400 C C7    . DT C 3 2  ? -19.31070 6.91345   4.18273   1.000 263.83147 ? 103 DT C C7    1 
ATOM 401 C C6    . DT C 3 2  ? -19.96998 7.50769   1.86325   1.000 267.73102 ? 103 DT C C6    1 
ATOM 402 P P     . DG C 3 3  ? -22.75451 5.75809   -3.46938  1.000 273.74889 ? 104 DG C P     1 
ATOM 403 O OP1   . DG C 3 3  ? -23.97278 5.77805   -4.31029  1.000 278.19084 ? 104 DG C OP1   1 
ATOM 404 O OP2   . DG C 3 3  ? -22.42267 4.53983   -2.69802  1.000 273.90270 ? 104 DG C OP2   1 
ATOM 405 O "O5'" . DG C 3 3  ? -21.49778 6.11366   -4.38565  1.000 266.81937 ? 104 DG C "O5'" 1 
ATOM 406 C "C5'" . DG C 3 3  ? -21.39214 7.41126   -4.95023  1.000 266.80813 ? 104 DG C "C5'" 1 
ATOM 407 C "C4'" . DG C 3 3  ? -19.95392 7.73386   -5.30024  1.000 259.29776 ? 104 DG C "C4'" 1 
ATOM 408 O "O4'" . DG C 3 3  ? -19.17432 7.89297   -4.08386  1.000 258.44626 ? 104 DG C "O4'" 1 
ATOM 409 C "C3'" . DG C 3 3  ? -19.24059 6.66767   -6.12705  1.000 252.71944 ? 104 DG C "C3'" 1 
ATOM 410 O "O3'" . DG C 3 3  ? -18.44378 7.29423   -7.11170  1.000 247.89882 ? 104 DG C "O3'" 1 
ATOM 411 C "C2'" . DG C 3 3  ? -18.38990 5.93910   -5.08865  1.000 250.97968 ? 104 DG C "C2'" 1 
ATOM 412 C "C1'" . DG C 3 3  ? -18.02699 7.07740   -4.15191  1.000 252.08325 ? 104 DG C "C1'" 1 
ATOM 413 N N9    . DG C 3 3  ? -17.69191 6.63732   -2.80371  1.000 251.92041 ? 104 DG C N9    1 
ATOM 414 C C8    . DG C 3 3  ? -18.47364 5.89098   -1.96023  1.000 254.89720 ? 104 DG C C8    1 
ATOM 415 N N7    . DG C 3 3  ? -17.91263 5.64913   -0.80982  1.000 252.78705 ? 104 DG C N7    1 
ATOM 416 C C5    . DG C 3 3  ? -16.67733 6.27414   -0.89800  1.000 248.88709 ? 104 DG C C5    1 
ATOM 417 C C6    . DG C 3 3  ? -15.62921 6.35347   0.04539   1.000 245.97710 ? 104 DG C C6    1 
ATOM 418 O O6    . DG C 3 3  ? -15.58714 5.86832   1.18156   1.000 246.30608 ? 104 DG C O6    1 
ATOM 419 N N1    . DG C 3 3  ? -14.54767 7.08364   -0.44428  1.000 244.38489 ? 104 DG C N1    1 
ATOM 420 C C2    . DG C 3 3  ? -14.49420 7.66368   -1.68880  1.000 244.11927 ? 104 DG C C2    1 
ATOM 421 N N2    . DG C 3 3  ? -13.36980 8.32957   -1.99082  1.000 242.99030 ? 104 DG C N2    1 
ATOM 422 N N3    . DG C 3 3  ? -15.47166 7.59452   -2.58150  1.000 245.18614 ? 104 DG C N3    1 
ATOM 423 C C4    . DG C 3 3  ? -16.52792 6.88847   -2.11820  1.000 248.33023 ? 104 DG C C4    1 
ATOM 424 P P     . DA C 3 4  ? -17.77124 6.43392   -8.28929  1.000 255.24390 ? 105 DA C P     1 
ATOM 425 O OP1   . DA C 3 4  ? -18.24005 6.99290   -9.57707  1.000 255.99818 ? 105 DA C OP1   1 
ATOM 426 O OP2   . DA C 3 4  ? -17.99040 4.99607   -8.02527  1.000 254.31542 ? 105 DA C OP2   1 
ATOM 427 O "O5'" . DA C 3 4  ? -16.21391 6.73935   -8.10686  1.000 251.33039 ? 105 DA C "O5'" 1 
ATOM 428 C "C5'" . DA C 3 4  ? -15.78044 8.08207   -7.90109  1.000 250.60607 ? 105 DA C "C5'" 1 
ATOM 429 C "C4'" . DA C 3 4  ? -14.31783 8.13017   -7.49452  1.000 245.90917 ? 105 DA C "C4'" 1 
ATOM 430 O "O4'" . DA C 3 4  ? -14.18322 7.79230   -6.08905  1.000 247.90750 ? 105 DA C "O4'" 1 
ATOM 431 C "C3'" . DA C 3 4  ? -13.40204 7.17911   -8.25587  1.000 240.16958 ? 105 DA C "C3'" 1 
ATOM 432 O "O3'" . DA C 3 4  ? -12.16623 7.83184   -8.53599  1.000 235.69821 ? 105 DA C "O3'" 1 
ATOM 433 C "C2'" . DA C 3 4  ? -13.23049 6.00356   -7.28861  1.000 241.52187 ? 105 DA C "C2'" 1 
ATOM 434 C "C1'" . DA C 3 4  ? -13.31149 6.69054   -5.93124  1.000 244.42793 ? 105 DA C "C1'" 1 
ATOM 435 N N9    . DA C 3 4  ? -13.84998 5.84600   -4.86704  1.000 247.01687 ? 105 DA C N9    1 
ATOM 436 C C8    . DA C 3 4  ? -15.06803 5.22740   -4.84486  1.000 250.11845 ? 105 DA C C8    1 
ATOM 437 N N7    . DA C 3 4  ? -15.29554 4.54494   -3.74847  1.000 251.64763 ? 105 DA C N7    1 
ATOM 438 C C5    . DA C 3 4  ? -14.15260 4.73882   -2.99365  1.000 249.04676 ? 105 DA C C5    1 
ATOM 439 C C6    . DA C 3 4  ? -13.76981 4.28121   -1.71792  1.000 248.49277 ? 105 DA C C6    1 
ATOM 440 N N6    . DA C 3 4  ? -14.54077 3.49957   -0.95705  1.000 250.11550 ? 105 DA C N6    1 
ATOM 441 N N1    . DA C 3 4  ? -12.56013 4.66031   -1.25305  1.000 246.35024 ? 105 DA C N1    1 
ATOM 442 C C2    . DA C 3 4  ? -11.79530 5.44667   -2.01952  1.000 245.14702 ? 105 DA C C2    1 
ATOM 443 N N3    . DA C 3 4  ? -12.04635 5.93721   -3.23313  1.000 244.88473 ? 105 DA C N3    1 
ATOM 444 C C4    . DA C 3 4  ? -13.25261 5.54251   -3.66619  1.000 246.72941 ? 105 DA C C4    1 
ATOM 445 P P     . DT C 3 5  ? -11.05765 7.13618   -9.46825  1.000 241.33687 ? 106 DT C P     1 
ATOM 446 O OP1   . DT C 3 5  ? -10.46966 8.19157   -10.32624 1.000 239.16671 ? 106 DT C OP1   1 
ATOM 447 O OP2   . DT C 3 5  ? -11.65721 5.94560   -10.11306 1.000 239.44965 ? 106 DT C OP2   1 
ATOM 448 O "O5'" . DT C 3 5  ? -9.95995  6.64001   -8.41367  1.000 242.14605 ? 106 DT C "O5'" 1 
ATOM 449 C "C5'" . DT C 3 5  ? -9.59872  7.49030   -7.32413  1.000 244.95889 ? 106 DT C "C5'" 1 
ATOM 450 C "C4'" . DT C 3 5  ? -8.63875  6.79594   -6.37355  1.000 245.14603 ? 106 DT C "C4'" 1 
ATOM 451 O "O4'" . DT C 3 5  ? -9.38030  6.07737   -5.34985  1.000 247.75564 ? 106 DT C "O4'" 1 
ATOM 452 C "C3'" . DT C 3 5  ? -7.70695  5.76534   -7.01249  1.000 241.75990 ? 106 DT C "C3'" 1 
ATOM 453 O "O3'" . DT C 3 5  ? -6.45161  5.83315   -6.37031  1.000 242.58757 ? 106 DT C "O3'" 1 
ATOM 454 C "C2'" . DT C 3 5  ? -8.41305  4.45127   -6.69050  1.000 242.28660 ? 106 DT C "C2'" 1 
ATOM 455 C "C1'" . DT C 3 5  ? -8.89415  4.75680   -5.28415  1.000 245.90822 ? 106 DT C "C1'" 1 
ATOM 456 N N1    . DT C 3 5  ? -9.98512  3.87333   -4.78993  1.000 247.42168 ? 106 DT C N1    1 
ATOM 457 C C2    . DT C 3 5  ? -9.86508  3.30187   -3.54576  1.000 248.40726 ? 106 DT C C2    1 
ATOM 458 O O2    . DT C 3 5  ? -8.89939  3.47158   -2.82579  1.000 248.37797 ? 106 DT C O2    1 
ATOM 459 N N3    . DT C 3 5  ? -10.92082 2.51847   -3.16908  1.000 249.51628 ? 106 DT C N3    1 
ATOM 460 C C4    . DT C 3 5  ? -12.06330 2.25524   -3.89556  1.000 250.71896 ? 106 DT C C4    1 
ATOM 461 O O4    . DT C 3 5  ? -12.95918 1.53377   -3.46915  1.000 252.49810 ? 106 DT C O4    1 
ATOM 462 C C5    . DT C 3 5  ? -12.12938 2.88732   -5.19213  1.000 249.86080 ? 106 DT C C5    1 
ATOM 463 C C7    . DT C 3 5  ? -13.32173 2.67003   -6.07212  1.000 251.31458 ? 106 DT C C7    1 
ATOM 464 C C6    . DT C 3 5  ? -11.09972 3.66079   -5.57216  1.000 247.81367 ? 106 DT C C6    1 
ATOM 465 P P     . DG C 3 6  ? -5.08605  5.62314   -7.18594  1.000 224.72948 ? 107 DG C P     1 
ATOM 466 O OP1   . DG C 3 6  ? -4.61704  6.95954   -7.62265  1.000 224.85468 ? 107 DG C OP1   1 
ATOM 467 O OP2   . DG C 3 6  ? -5.29516  4.54401   -8.18254  1.000 221.17846 ? 107 DG C OP2   1 
ATOM 468 O "O5'" . DG C 3 6  ? -4.08450  5.08850   -6.06054  1.000 227.31661 ? 107 DG C "O5'" 1 
ATOM 469 C "C5'" . DG C 3 6  ? -4.10325  5.68173   -4.76304  1.000 231.24845 ? 107 DG C "C5'" 1 
ATOM 470 C "C4'" . DG C 3 6  ? -3.74284  4.66852   -3.68278  1.000 232.44519 ? 107 DG C "C4'" 1 
ATOM 471 O "O4'" . DG C 3 6  ? -4.91677  3.91058   -3.28577  1.000 232.54742 ? 107 DG C "O4'" 1 
ATOM 472 C "C3'" . DG C 3 6  ? -2.68945  3.63611   -4.06309  1.000 231.95016 ? 107 DG C "C3'" 1 
ATOM 473 O "O3'" . DG C 3 6  ? -1.87110  3.38565   -2.92958  1.000 234.73542 ? 107 DG C "O3'" 1 
ATOM 474 C "C2'" . DG C 3 6  ? -3.53222  2.41009   -4.44539  1.000 230.17894 ? 107 DG C "C2'" 1 
ATOM 475 C "C1'" . DG C 3 6  ? -4.68740  2.52103   -3.46030  1.000 230.74295 ? 107 DG C "C1'" 1 
ATOM 476 N N9    . DG C 3 6  ? -5.94538  1.92962   -3.91816  1.000 228.98235 ? 107 DG C N9    1 
ATOM 477 C C8    . DG C 3 6  ? -6.60314  2.20359   -5.08910  1.000 227.50251 ? 107 DG C C8    1 
ATOM 478 N N7    . DG C 3 6  ? -7.72969  1.55981   -5.21966  1.000 227.10122 ? 107 DG C N7    1 
ATOM 479 C C5    . DG C 3 6  ? -7.83655  0.81894   -4.05200  1.000 228.11887 ? 107 DG C C5    1 
ATOM 480 C C6    . DG C 3 6  ? -8.85258  -0.07171  -3.62745  1.000 228.57060 ? 107 DG C C6    1 
ATOM 481 O O6    . DG C 3 6  ? -9.89038  -0.39034  -4.22484  1.000 228.95115 ? 107 DG C O6    1 
ATOM 482 N N1    . DG C 3 6  ? -8.57381  -0.61400  -2.37534  1.000 228.82601 ? 107 DG C N1    1 
ATOM 483 C C2    . DG C 3 6  ? -7.45129  -0.33275  -1.63179  1.000 228.84731 ? 107 DG C C2    1 
ATOM 484 N N2    . DG C 3 6  ? -7.35423  -0.94824  -0.44385  1.000 228.61826 ? 107 DG C N2    1 
ATOM 485 N N3    . DG C 3 6  ? -6.49398  0.50467   -2.01634  1.000 229.33575 ? 107 DG C N3    1 
ATOM 486 C C4    . DG C 3 6  ? -6.75130  1.04125   -3.23269  1.000 228.86348 ? 107 DG C C4    1 
ATOM 487 P P     . DT C 3 7  ? -0.37924  2.81886   -3.09987  1.000 225.85981 ? 108 DT C P     1 
ATOM 488 O OP1   . DT C 3 7  ? 0.56250   3.79960   -2.51351  1.000 229.41828 ? 108 DT C OP1   1 
ATOM 489 O OP2   . DT C 3 7  ? -0.21810  2.38393   -4.50404  1.000 223.79956 ? 108 DT C OP2   1 
ATOM 490 O "O5'" . DT C 3 7  ? -0.39975  1.51154   -2.19304  1.000 226.08645 ? 108 DT C "O5'" 1 
ATOM 491 C "C5'" . DT C 3 7  ? -1.53784  1.24889   -1.37881  1.000 224.66347 ? 108 DT C "C5'" 1 
ATOM 492 C "C4'" . DT C 3 7  ? -1.74810  -0.24276  -1.22183  1.000 222.90461 ? 108 DT C "C4'" 1 
ATOM 493 O "O4'" . DT C 3 7  ? -3.09048  -0.59494  -1.64113  1.000 220.16959 ? 108 DT C "O4'" 1 
ATOM 494 C "C3'" . DT C 3 7  ? -0.79768  -1.10745  -2.05575  1.000 223.11550 ? 108 DT C "C3'" 1 
ATOM 495 O "O3'" . DT C 3 7  ? -0.14691  -2.05696  -1.22710  1.000 224.07973 ? 108 DT C "O3'" 1 
ATOM 496 C "C2'" . DT C 3 7  ? -1.71394  -1.77904  -3.07896  1.000 219.85020 ? 108 DT C "C2'" 1 
ATOM 497 C "C1'" . DT C 3 7  ? -3.03640  -1.81181  -2.33467  1.000 218.49005 ? 108 DT C "C1'" 1 
ATOM 498 N N1    . DT C 3 7  ? -4.22167  -1.90704  -3.23387  1.000 216.45995 ? 108 DT C N1    1 
ATOM 499 C C2    . DT C 3 7  ? -5.28992  -2.69046  -2.86377  1.000 215.54212 ? 108 DT C C2    1 
ATOM 500 O O2    . DT C 3 7  ? -5.32822  -3.31498  -1.82025  1.000 215.59549 ? 108 DT C O2    1 
ATOM 501 N N3    . DT C 3 7  ? -6.32278  -2.71176  -3.76508  1.000 214.74033 ? 108 DT C N3    1 
ATOM 502 C C4    . DT C 3 7  ? -6.38723  -2.04392  -4.97534  1.000 213.90314 ? 108 DT C C4    1 
ATOM 503 O O4    . DT C 3 7  ? -7.35729  -2.12299  -5.72024  1.000 213.22162 ? 108 DT C O4    1 
ATOM 504 C C5    . DT C 3 7  ? -5.23127  -1.24495  -5.30023  1.000 214.03508 ? 108 DT C C5    1 
ATOM 505 C C7    . DT C 3 7  ? -5.18356  -0.47543  -6.58625  1.000 212.37471 ? 108 DT C C7    1 
ATOM 506 C C6    . DT C 3 7  ? -4.21752  -1.21754  -4.42585  1.000 215.72668 ? 108 DT C C6    1 
ATOM 507 P P     . DG C 3 8  ? 1.18059   -1.63278  -0.42708  1.000 215.92291 ? 109 DG C P     1 
ATOM 508 O OP1   . DG C 3 8  ? 0.75064   -0.91081  0.78884   1.000 214.39809 ? 109 DG C OP1   1 
ATOM 509 O OP2   . DG C 3 8  ? 2.10280   -0.97630  -1.38371  1.000 219.06349 ? 109 DG C OP2   1 
ATOM 510 O "O5'" . DG C 3 8  ? 1.81942   -3.02181  0.02566   1.000 217.31336 ? 109 DG C "O5'" 1 
ATOM 511 C "C5'" . DG C 3 8  ? 3.10904   -3.04438  0.59010   1.000 222.41131 ? 109 DG C "C5'" 1 
ATOM 512 C "C4'" . DG C 3 8  ? 4.06790   -3.82396  -0.28611  1.000 224.76040 ? 109 DG C "C4'" 1 
ATOM 513 O "O4'" . DG C 3 8  ? 4.24334   -3.13517  -1.54632  1.000 225.53663 ? 109 DG C "O4'" 1 
ATOM 514 C "C3'" . DG C 3 8  ? 5.45314   -3.98332  0.30939   1.000 230.84805 ? 109 DG C "C3'" 1 
ATOM 515 O "O3'" . DG C 3 8  ? 5.51469   -5.21620  1.01331   1.000 230.11078 ? 109 DG C "O3'" 1 
ATOM 516 C "C2'" . DG C 3 8  ? 6.37008   -3.99119  -0.91160  1.000 234.00544 ? 109 DG C "C2'" 1 
ATOM 517 C "C1'" . DG C 3 8  ? 5.60270   -3.14703  -1.93268  1.000 230.80484 ? 109 DG C "C1'" 1 
ATOM 518 N N9    . DG C 3 8  ? 6.05282   -1.75911  -2.05265  1.000 233.72613 ? 109 DG C N9    1 
ATOM 519 C C8    . DG C 3 8  ? 5.24962   -0.64728  -2.15805  1.000 230.86940 ? 109 DG C C8    1 
ATOM 520 N N7    . DG C 3 8  ? 5.91156   0.46642   -2.26601  1.000 233.73162 ? 109 DG C N7    1 
ATOM 521 C C5    . DG C 3 8  ? 7.24162   0.07482   -2.23568  1.000 239.50026 ? 109 DG C C5    1 
ATOM 522 C C6    . DG C 3 8  ? 8.41109   0.85621   -2.31556  1.000 244.88063 ? 109 DG C C6    1 
ATOM 523 O O6    . DG C 3 8  ? 8.49372   2.08368   -2.43054  1.000 244.64901 ? 109 DG C O6    1 
ATOM 524 N N1    . DG C 3 8  ? 9.56497   0.07589   -2.24694  1.000 251.00941 ? 109 DG C N1    1 
ATOM 525 C C2    . DG C 3 8  ? 9.58116   -1.29358  -2.11946  1.000 251.00829 ? 109 DG C C2    1 
ATOM 526 N N2    . DG C 3 8  ? 10.79206  -1.87500  -2.06858  1.000 257.62126 ? 109 DG C N2    1 
ATOM 527 N N3    . DG C 3 8  ? 8.48533   -2.04314  -2.04498  1.000 244.94816 ? 109 DG C N3    1 
ATOM 528 C C4    . DG C 3 8  ? 7.35288   -1.29278  -2.10842  1.000 239.76476 ? 109 DG C C4    1 
ATOM 529 P P     . DG C 3 9  ? 5.83350   -5.24482  2.58749   1.000 230.95108 ? 110 DG C P     1 
ATOM 530 O OP1   . DG C 3 9  ? 5.19337   -6.45615  3.14764   1.000 226.88443 ? 110 DG C OP1   1 
ATOM 531 O OP2   . DG C 3 9  ? 5.50882   -3.91324  3.15080   1.000 232.33175 ? 110 DG C OP2   1 
ATOM 532 O "O5'" . DG C 3 9  ? 7.41668   -5.44308  2.63795   1.000 238.54212 ? 110 DG C "O5'" 1 
ATOM 533 C "C5'" . DG C 3 9  ? 8.06954   -6.18848  1.61558   1.000 239.91150 ? 110 DG C "C5'" 1 
ATOM 534 C "C4'" . DG C 3 9  ? 9.48823   -5.69479  1.43475   1.000 248.49208 ? 110 DG C "C4'" 1 
ATOM 535 O "O4'" . DG C 3 9  ? 9.47305   -4.44416  0.69921   1.000 250.28249 ? 110 DG C "O4'" 1 
ATOM 536 C "C3'" . DG C 3 9  ? 10.22349  -5.42810  2.74435   1.000 254.57682 ? 110 DG C "C3'" 1 
ATOM 537 O "O3'" . DG C 3 9  ? 11.49985  -6.02983  2.72561   1.000 261.72590 ? 110 DG C "O3'" 1 
ATOM 538 C "C2'" . DG C 3 9  ? 10.31168  -3.90640  2.83166   1.000 257.24546 ? 110 DG C "C2'" 1 
ATOM 539 C "C1'" . DG C 3 9  ? 10.23298  -3.46958  1.37560   1.000 256.30687 ? 110 DG C "C1'" 1 
ATOM 540 N N9    . DG C 3 9  ? 9.57410   -2.17585  1.21947   1.000 253.22567 ? 110 DG C N9    1 
ATOM 541 C C8    . DG C 3 9  ? 8.22326   -1.92447  1.24961   1.000 245.85916 ? 110 DG C C8    1 
ATOM 542 N N7    . DG C 3 9  ? 7.92558   -0.66252  1.10090   1.000 244.82131 ? 110 DG C N7    1 
ATOM 543 C C5    . DG C 3 9  ? 9.15863   -0.03613  0.97284   1.000 251.29114 ? 110 DG C C5    1 
ATOM 544 C C6    . DG C 3 9  ? 9.47225   1.33196   0.78746   1.000 252.41017 ? 110 DG C C6    1 
ATOM 545 O O6    . DG C 3 9  ? 8.69319   2.29172   0.69528   1.000 247.71376 ? 110 DG C O6    1 
ATOM 546 N N1    . DG C 3 9  ? 10.84834  1.53752   0.70753   1.000 259.86991 ? 110 DG C N1    1 
ATOM 547 C C2    . DG C 3 9  ? 11.79632  0.54400   0.79632   1.000 266.43132 ? 110 DG C C2    1 
ATOM 548 N N2    . DG C 3 9  ? 13.07518  0.92727   0.69989   1.000 274.20819 ? 110 DG C N2    1 
ATOM 549 N N3    . DG C 3 9  ? 11.51384  -0.73844  0.96892   1.000 265.31920 ? 110 DG C N3    1 
ATOM 550 C C4    . DG C 3 9  ? 10.18204  -0.95471  1.04773   1.000 257.14905 ? 110 DG C C4    1 
ATOM 551 P P     . DC C 3 10 ? 12.19136  -6.46256  4.10913   1.000 271.26382 ? 111 DC C P     1 
ATOM 552 O OP1   . DC C 3 10 ? 12.94851  -7.71249  3.86907   1.000 270.19797 ? 111 DC C OP1   1 
ATOM 553 O OP2   . DC C 3 10 ? 11.14856  -6.41510  5.15880   1.000 268.66473 ? 111 DC C OP2   1 
ATOM 554 O "O5'" . DC C 3 10 ? 13.20969  -5.27009  4.40882   1.000 282.52282 ? 111 DC C "O5'" 1 
ATOM 555 C "C5'" . DC C 3 10 ? 13.96731  -4.71008  3.34819   1.000 286.48618 ? 111 DC C "C5'" 1 
ATOM 556 C "C4'" . DC C 3 10 ? 14.63635  -3.42216  3.78458   1.000 293.68910 ? 111 DC C "C4'" 1 
ATOM 557 O "O4'" . DC C 3 10 ? 14.01417  -2.30326  3.12370   1.000 288.77331 ? 111 DC C "O4'" 1 
ATOM 558 C "C3'" . DC C 3 10 ? 14.51030  -3.09586  5.25986   1.000 295.87807 ? 111 DC C "C3'" 1 
ATOM 559 O "O3'" . DC C 3 10 ? 15.48097  -3.86729  6.02108   1.000 305.09793 ? 111 DC C "O3'" 1 
ATOM 560 C "C2'" . DC C 3 10 ? 14.77225  -1.58868  5.26702   1.000 297.24213 ? 111 DC C "C2'" 1 
ATOM 561 C "C1'" . DC C 3 10 ? 14.20615  -1.14021  3.90909   1.000 291.26543 ? 111 DC C "C1'" 1 
ATOM 562 N N1    . DC C 3 10 ? 12.90825  -0.39767  3.99671   1.000 281.52005 ? 111 DC C N1    1 
ATOM 563 C C2    . DC C 3 10 ? 12.90718  0.99644   3.89339   1.000 280.26454 ? 111 DC C C2    1 
ATOM 564 O O2    . DC C 3 10 ? 13.98450  1.58148   3.73909   1.000 286.63737 ? 111 DC C O2    1 
ATOM 565 N N3    . DC C 3 10 ? 11.72591  1.66218   3.96626   1.000 272.01269 ? 111 DC C N3    1 
ATOM 566 C C4    . DC C 3 10 ? 10.58855  0.98425   4.13231   1.000 265.89716 ? 111 DC C C4    1 
ATOM 567 N N4    . DC C 3 10 ? 9.44656   1.67909   4.20002   1.000 259.15321 ? 111 DC C N4    1 
ATOM 568 C C5    . DC C 3 10 ? 10.57104  -0.43896  4.23880   1.000 266.41119 ? 111 DC C C5    1 
ATOM 569 C C6    . DC C 3 10 ? 11.74133  -1.08235  4.16346   1.000 273.86131 ? 111 DC C C6    1 
ATOM 570 P P     . DT C 3 11 ? 16.56604  -3.19622  7.00734   1.000 299.87676 ? 112 DT C P     1 
ATOM 571 O OP1   . DT C 3 11 ? 17.52234  -2.41133  6.19167   1.000 304.46628 ? 112 DT C OP1   1 
ATOM 572 O OP2   . DT C 3 11 ? 17.09527  -4.30467  7.83215   1.000 306.74152 ? 112 DT C OP2   1 
ATOM 573 O "O5'" . DT C 3 11 ? 15.71111  -2.27260  8.00235   1.000 296.14260 ? 112 DT C "O5'" 1 
ATOM 574 C "C5'" . DT C 3 11 ? 16.31476  -1.72830  9.17865   1.000 303.90575 ? 112 DT C "C5'" 1 
ATOM 575 C "C4'" . DT C 3 11 ? 17.33172  -0.65963  8.82054   1.000 308.35838 ? 112 DT C "C4'" 1 
ATOM 576 O "O4'" . DT C 3 11 ? 16.97927  -0.07978  7.53857   1.000 300.99253 ? 112 DT C "O4'" 1 
ATOM 577 C "C3'" . DT C 3 11 ? 17.41524  0.50313   9.80236   1.000 307.58852 ? 112 DT C "C3'" 1 
ATOM 578 O "O3'" . DT C 3 11 ? 18.44557  0.23572   10.79956  1.000 318.19633 ? 112 DT C "O3'" 1 
ATOM 579 C "C2'" . DT C 3 11 ? 17.74069  1.68853   8.89915   1.000 303.70859 ? 112 DT C "C2'" 1 
ATOM 580 C "C1'" . DT C 3 11 ? 17.02270  1.32895   7.60564   1.000 297.41616 ? 112 DT C "C1'" 1 
ATOM 581 N N1    . DT C 3 11 ? 15.62359  1.85090   7.51041   1.000 285.80596 ? 112 DT C N1    1 
ATOM 582 C C2    . DT C 3 11 ? 15.40513  3.20912   7.45826   1.000 279.90655 ? 112 DT C C2    1 
ATOM 583 O O2    . DT C 3 11 ? 16.29846  4.03527   7.50616   1.000 282.92956 ? 112 DT C O2    1 
ATOM 584 N N3    . DT C 3 11 ? 14.08836  3.57086   7.36297   1.000 270.25199 ? 112 DT C N3    1 
ATOM 585 C C4    . DT C 3 11 ? 12.99287  2.72973   7.30394   1.000 265.84931 ? 112 DT C C4    1 
ATOM 586 O O4    . DT C 3 11 ? 11.84607  3.15130   7.21670   1.000 257.96422 ? 112 DT C O4    1 
ATOM 587 C C5    . DT C 3 11 ? 13.29332  1.32137   7.35439   1.000 271.28904 ? 112 DT C C5    1 
ATOM 588 C C7    . DT C 3 11 ? 12.18689  0.31175   7.30108   1.000 265.91560 ? 112 DT C C7    1 
ATOM 589 C C6    . DT C 3 11 ? 14.57694  0.95612   7.45213   1.000 281.05055 ? 112 DT C C6    1 
ATOM 590 P P     . DG C 3 12 ? 19.72623  1.19447   11.01989  1.000 332.32510 ? 113 DG C P     1 
ATOM 591 O OP1   . DG C 3 12 ? 20.55002  1.22664   9.79030   1.000 335.43358 ? 113 DG C OP1   1 
ATOM 592 O OP2   . DG C 3 12 ? 20.36826  0.73630   12.27113  1.000 341.48314 ? 113 DG C OP2   1 
ATOM 593 O "O5'" . DG C 3 12 ? 19.11181  2.63998   11.33016  1.000 323.17195 ? 113 DG C "O5'" 1 
ATOM 594 C "C5'" . DG C 3 12 ? 19.70515  3.80111   10.75544  1.000 321.96320 ? 113 DG C "C5'" 1 
ATOM 595 C "C4'" . DG C 3 12 ? 18.74926  4.97995   10.81058  1.000 310.49523 ? 113 DG C "C4'" 1 
ATOM 596 O "O4'" . DG C 3 12 ? 17.49659  4.63158   10.17812  1.000 301.87413 ? 113 DG C "O4'" 1 
ATOM 597 C "C3'" . DG C 3 12 ? 18.39916  5.44765   12.22078  1.000 308.24021 ? 113 DG C "C3'" 1 
ATOM 598 O "O3'" . DG C 3 12 ? 18.92009  6.74736   12.43618  1.000 305.22758 ? 113 DG C "O3'" 1 
ATOM 599 C "C2'" . DG C 3 12 ? 16.86131  5.42948   12.27652  1.000 299.69430 ? 113 DG C "C2'" 1 
ATOM 600 C "C1'" . DG C 3 12 ? 16.45244  5.32611   10.81356  1.000 294.20574 ? 113 DG C "C1'" 1 
ATOM 601 N N9    . DG C 3 12 ? 15.21953  4.56616   10.62176  1.000 289.00323 ? 113 DG C N9    1 
ATOM 602 C C8    . DG C 3 12 ? 15.10749  3.19908   10.58531  1.000 292.74138 ? 113 DG C C8    1 
ATOM 603 N N7    . DG C 3 12 ? 13.89029  2.78004   10.40470  1.000 285.82057 ? 113 DG C N7    1 
ATOM 604 C C5    . DG C 3 12 ? 13.13438  3.94224   10.32526  1.000 277.91640 ? 113 DG C C5    1 
ATOM 605 C C6    . DG C 3 12 ? 11.74299  4.10139   10.13429  1.000 269.39282 ? 113 DG C C6    1 
ATOM 606 O O6    . DG C 3 12 ? 10.89263  3.21400   9.99848   1.000 266.39787 ? 113 DG C O6    1 
ATOM 607 N N1    . DG C 3 12 ? 11.36743  5.44500   10.11013  1.000 264.36799 ? 113 DG C N1    1 
ATOM 608 C C2    . DG C 3 12 ? 12.23552  6.50421   10.25182  1.000 266.21173 ? 113 DG C C2    1 
ATOM 609 N N2    . DG C 3 12 ? 11.68539  7.73290   10.20119  1.000 260.39753 ? 113 DG C N2    1 
ATOM 610 N N3    . DG C 3 12 ? 13.55486  6.36777   10.43254  1.000 273.56461 ? 113 DG C N3    1 
ATOM 611 C C4    . DG C 3 12 ? 13.93128  5.05776   10.45770  1.000 279.56421 ? 113 DG C C4    1 
ATOM 612 P P     . DC C 3 13 ? 19.01709  7.33823   13.92526  1.000 322.03979 ? 114 DC C P     1 
ATOM 613 O OP1   . DC C 3 13 ? 20.05234  8.39566   13.92661  1.000 324.75037 ? 114 DC C OP1   1 
ATOM 614 O OP2   . DC C 3 13 ? 19.12458  6.19262   14.85631  1.000 327.36525 ? 114 DC C OP2   1 
ATOM 615 O "O5'" . DC C 3 13 ? 17.58888  8.01352   14.15045  1.000 311.29189 ? 114 DC C "O5'" 1 
ATOM 616 C "C5'" . DC C 3 13 ? 17.02167  8.82187   13.12879  1.000 306.11034 ? 114 DC C "C5'" 1 
ATOM 617 C "C4'" . DC C 3 13 ? 15.58382  9.16594   13.45952  1.000 297.84011 ? 114 DC C "C4'" 1 
ATOM 618 O "O4'" . DC C 3 13 ? 14.70288  8.11234   13.00587  1.000 295.66391 ? 114 DC C "O4'" 1 
ATOM 619 C "C3'" . DC C 3 13 ? 15.29684  9.33591   14.95514  1.000 298.07032 ? 114 DC C "C3'" 1 
ATOM 620 O "O3'" . DC C 3 13 ? 14.88294  10.65980  15.22018  1.000 292.68264 ? 114 DC C "O3'" 1 
ATOM 621 C "C2'" . DC C 3 13 ? 14.17874  8.32304   15.25041  1.000 296.35168 ? 114 DC C "C2'" 1 
ATOM 622 C "C1'" . DC C 3 13 ? 13.59912  8.07864   13.86984  1.000 291.96437 ? 114 DC C "C1'" 1 
ATOM 623 N N1    . DC C 3 13 ? 12.89565  6.76444   13.72149  1.000 292.37230 ? 114 DC C N1    1 
ATOM 624 C C2    . DC C 3 13 ? 11.51979  6.74938   13.46567  1.000 285.96538 ? 114 DC C C2    1 
ATOM 625 O O2    . DC C 3 13 ? 10.92072  7.82819   13.36976  1.000 280.72996 ? 114 DC C O2    1 
ATOM 626 N N3    . DC C 3 13 ? 10.88781  5.55554   13.32742  1.000 285.91668 ? 114 DC C N3    1 
ATOM 627 C C4    . DC C 3 13 ? 11.58069  4.41888   13.43914  1.000 292.00416 ? 114 DC C C4    1 
ATOM 628 N N4    . DC C 3 13 ? 10.91968  3.26434   13.29678  1.000 291.07618 ? 114 DC C N4    1 
ATOM 629 C C5    . DC C 3 13 ? 12.98424  4.41571   13.70116  1.000 299.59896 ? 114 DC C C5    1 
ATOM 630 C C6    . DC C 3 13 ? 13.59463  5.59893   13.83402  1.000 299.41481 ? 114 DC C C6    1 
ATOM 631 P P     . DT C 3 14 ? 14.96810  11.23510  16.71630  1.000 305.14191 ? 115 DT C P     1 
ATOM 632 O OP1   . DT C 3 14 ? 15.59709  12.57155  16.63917  1.000 304.68614 ? 115 DT C OP1   1 
ATOM 633 O OP2   . DT C 3 14 ? 15.57887  10.18540  17.56391  1.000 310.81751 ? 115 DT C OP2   1 
ATOM 634 O "O5'" . DT C 3 14 ? 13.43635  11.38875  17.15414  1.000 297.02670 ? 115 DT C "O5'" 1 
ATOM 635 C "C5'" . DT C 3 14 ? 12.53609  12.13833  16.34259  1.000 293.66330 ? 115 DT C "C5'" 1 
ATOM 636 C "C4'" . DT C 3 14 ? 11.09402  11.81118  16.68969  1.000 292.37050 ? 115 DT C "C4'" 1 
ATOM 637 O "O4'" . DT C 3 14 ? 10.78095  10.48075  16.23653  1.000 295.77505 ? 115 DT C "O4'" 1 
ATOM 638 C "C3'" . DT C 3 14 ? 10.76993  11.84027  18.18419  1.000 292.77756 ? 115 DT C "C3'" 1 
ATOM 639 O "O3'" . DT C 3 14 ? 9.93219   12.95032  18.47415  1.000 291.72537 ? 115 DT C "O3'" 1 
ATOM 640 C "C2'" . DT C 3 14 ? 10.05833  10.50409  18.46571  1.000 296.60357 ? 115 DT C "C2'" 1 
ATOM 641 C "C1'" . DT C 3 14 ? 9.80298   9.92683   17.07617  1.000 296.23969 ? 115 DT C "C1'" 1 
ATOM 642 N N1    . DT C 3 14 ? 9.94701   8.45031   17.02551  1.000 300.76707 ? 115 DT C N1    1 
ATOM 643 C C2    . DT C 3 14 ? 8.85434   7.66261   16.72609  1.000 299.84452 ? 115 DT C C2    1 
ATOM 644 O O2    . DT C 3 14 ? 7.74491   8.11112   16.49427  1.000 296.06263 ? 115 DT C O2    1 
ATOM 645 N N3    . DT C 3 14 ? 9.11626   6.31650   16.70696  1.000 303.71853 ? 115 DT C N3    1 
ATOM 646 C C4    . DT C 3 14 ? 10.33171  5.69893   16.94735  1.000 309.08554 ? 115 DT C C4    1 
ATOM 647 O O4    . DT C 3 14 ? 10.47224  4.48328   16.91211  1.000 312.44928 ? 115 DT C O4    1 
ATOM 648 C C5    . DT C 3 14 ? 11.42408  6.58207   17.25868  1.000 310.54602 ? 115 DT C C5    1 
ATOM 649 C C7    . DT C 3 14 ? 12.78523  6.02218   17.54414  1.000 317.23075 ? 115 DT C C7    1 
ATOM 650 C C6    . DT C 3 14 ? 11.18305  7.89682   17.28056  1.000 305.94150 ? 115 DT C C6    1 
ATOM 651 P P     . DA D 4 1  ? 2.67022   -13.31712 -12.85974 1.000 240.34473 ? 112 DA D P     1 
ATOM 652 O OP1   . DA D 4 1  ? 3.04339   -13.43794 -11.43361 1.000 234.35070 ? 112 DA D OP1   1 
ATOM 653 O OP2   . DA D 4 1  ? 3.12271   -14.33241 -13.83918 1.000 240.01505 ? 112 DA D OP2   1 
ATOM 654 O "O5'" . DA D 4 1  ? 1.07509   -13.19549 -12.94975 1.000 245.42465 ? 112 DA D "O5'" 1 
ATOM 655 C "C5'" . DA D 4 1  ? 0.44111   -13.10632 -14.22292 1.000 251.85556 ? 112 DA D "C5'" 1 
ATOM 656 C "C4'" . DA D 4 1  ? -1.00868  -13.57409 -14.16468 1.000 254.82241 ? 112 DA D "C4'" 1 
ATOM 657 O "O4'" . DA D 4 1  ? -1.18646  -14.52131 -13.07619 1.000 249.49071 ? 112 DA D "O4'" 1 
ATOM 658 C "C3'" . DA D 4 1  ? -2.03056  -12.47727 -13.89960 1.000 259.34476 ? 112 DA D "C3'" 1 
ATOM 659 O "O3'" . DA D 4 1  ? -3.28271  -12.85730 -14.45193 1.000 264.20791 ? 112 DA D "O3'" 1 
ATOM 660 C "C2'" . DA D 4 1  ? -2.08222  -12.47033 -12.37793 1.000 254.21249 ? 112 DA D "C2'" 1 
ATOM 661 C "C1'" . DA D 4 1  ? -2.06638  -13.96642 -12.10891 1.000 249.98769 ? 112 DA D "C1'" 1 
ATOM 662 N N9    . DA D 4 1  ? -1.58788  -14.34761 -10.78200 1.000 243.39923 ? 112 DA D N9    1 
ATOM 663 C C8    . DA D 4 1  ? -0.33320  -14.15802 -10.27135 1.000 238.53115 ? 112 DA D C8    1 
ATOM 664 N N7    . DA D 4 1  ? -0.17914  -14.63286 -9.05659  1.000 233.32478 ? 112 DA D N7    1 
ATOM 665 C C5    . DA D 4 1  ? -1.41622  -15.18085 -8.75177  1.000 234.84993 ? 112 DA D C5    1 
ATOM 666 C C6    . DA D 4 1  ? -1.90734  -15.84232 -7.60581  1.000 231.59115 ? 112 DA D C6    1 
ATOM 667 N N6    . DA D 4 1  ? -1.16767  -16.06633 -6.51575  1.000 225.89777 ? 112 DA D N6    1 
ATOM 668 N N1    . DA D 4 1  ? -3.19272  -16.26611 -7.62586  1.000 234.66763 ? 112 DA D N1    1 
ATOM 669 C C2    . DA D 4 1  ? -3.92754  -16.03972 -8.72286  1.000 240.58753 ? 112 DA D C2    1 
ATOM 670 N N3    . DA D 4 1  ? -3.57563  -15.43095 -9.85830  1.000 244.19699 ? 112 DA D N3    1 
ATOM 671 C C4    . DA D 4 1  ? -2.29473  -15.02000 -9.80618  1.000 241.00166 ? 112 DA D C4    1 
ATOM 672 P P     . DC D 4 2  ? -4.28061  -11.75240 -15.05671 1.000 266.08041 ? 113 DC D P     1 
ATOM 673 O OP1   . DC D 4 2  ? -4.18684  -11.83988 -16.53113 1.000 275.28542 ? 113 DC D OP1   1 
ATOM 674 O OP2   . DC D 4 2  ? -4.02386  -10.44907 -14.39745 1.000 265.31745 ? 113 DC D OP2   1 
ATOM 675 O "O5'" . DC D 4 2  ? -5.72310  -12.29588 -14.62925 1.000 263.69984 ? 113 DC D "O5'" 1 
ATOM 676 C "C5'" . DC D 4 2  ? -5.86829  -13.04411 -13.42676 1.000 261.10167 ? 113 DC D "C5'" 1 
ATOM 677 C "C4'" . DC D 4 2  ? -6.71930  -12.28256 -12.43617 1.000 262.50428 ? 113 DC D "C4'" 1 
ATOM 678 O "O4'" . DC D 4 2  ? -6.21521  -12.50287 -11.09607 1.000 251.56142 ? 113 DC D "O4'" 1 
ATOM 679 C "C3'" . DC D 4 2  ? -6.72732  -10.77388 -12.65678 1.000 269.62922 ? 113 DC D "C3'" 1 
ATOM 680 O "O3'" . DC D 4 2  ? -8.04719  -10.28549 -12.63519 1.000 277.16774 ? 113 DC D "O3'" 1 
ATOM 681 C "C2'" . DC D 4 2  ? -5.89156  -10.22105 -11.50598 1.000 261.41566 ? 113 DC D "C2'" 1 
ATOM 682 C "C1'" . DC D 4 2  ? -6.08041  -11.27544 -10.42551 1.000 251.58697 ? 113 DC D "C1'" 1 
ATOM 683 N N1    . DC D 4 2  ? -4.91431  -11.37760 -9.50737  1.000 241.23944 ? 113 DC D N1    1 
ATOM 684 C C2    . DC D 4 2  ? -5.01543  -12.12317 -8.32341  1.000 232.19017 ? 113 DC D C2    1 
ATOM 685 O O2    . DC D 4 2  ? -6.08346  -12.68846 -8.05375  1.000 233.17267 ? 113 DC D O2    1 
ATOM 686 N N3    . DC D 4 2  ? -3.93126  -12.20277 -7.50654  1.000 223.16311 ? 113 DC D N3    1 
ATOM 687 C C4    . DC D 4 2  ? -2.80037  -11.57531 -7.83935  1.000 223.13444 ? 113 DC D C4    1 
ATOM 688 N N4    . DC D 4 2  ? -1.75819  -11.67537 -7.00787  1.000 214.47666 ? 113 DC D N4    1 
ATOM 689 C C5    . DC D 4 2  ? -2.68493  -10.81717 -9.04042  1.000 232.63020 ? 113 DC D C5    1 
ATOM 690 C C6    . DC D 4 2  ? -3.75402  -10.74710 -9.83458  1.000 241.32798 ? 113 DC D C6    1 
ATOM 691 P P     . DG D 4 3  ? -8.59816  -9.45642  -13.89322 1.000 265.07639 ? 114 DG D P     1 
ATOM 692 O OP1   . DG D 4 3  ? -7.98322  -10.05302 -15.09869 1.000 265.75726 ? 114 DG D OP1   1 
ATOM 693 O OP2   . DG D 4 3  ? -8.41565  -8.01425  -13.60690 1.000 267.40754 ? 114 DG D OP2   1 
ATOM 694 O "O5'" . DG D 4 3  ? -10.16509 -9.77266  -13.90891 1.000 270.33137 ? 114 DG D "O5'" 1 
ATOM 695 C "C5'" . DG D 4 3  ? -11.05277 -8.99943  -13.11176 1.000 269.80858 ? 114 DG D "C5'" 1 
ATOM 696 C "C4'" . DG D 4 3  ? -11.84762 -9.87998  -12.16753 1.000 263.95643 ? 114 DG D "C4'" 1 
ATOM 697 O "O4'" . DG D 4 3  ? -10.96894 -10.43209 -11.16124 1.000 251.27311 ? 114 DG D "O4'" 1 
ATOM 698 C "C3'" . DG D 4 3  ? -12.91625 -9.15585  -11.37919 1.000 265.66466 ? 114 DG D "C3'" 1 
ATOM 699 O "O3'" . DG D 4 3  ? -13.92625 -10.09772 -10.97920 1.000 265.27293 ? 114 DG D "O3'" 1 
ATOM 700 C "C2'" . DG D 4 3  ? -12.11399 -8.58395  -10.20526 1.000 255.90356 ? 114 DG D "C2'" 1 
ATOM 701 C "C1'" . DG D 4 3  ? -11.01994 -9.63430  -9.98947  1.000 246.48574 ? 114 DG D "C1'" 1 
ATOM 702 N N9    . DG D 4 3  ? -9.68168  -9.08225  -9.76877  1.000 240.91774 ? 114 DG D N9    1 
ATOM 703 C C8    . DG D 4 3  ? -8.97957  -8.24588  -10.60579 1.000 246.15378 ? 114 DG D C8    1 
ATOM 704 N N7    . DG D 4 3  ? -7.79300  -7.93745  -10.16317 1.000 239.71929 ? 114 DG D N7    1 
ATOM 705 C C5    . DG D 4 3  ? -7.69299  -8.61977  -8.95916  1.000 229.28246 ? 114 DG D C5    1 
ATOM 706 C C6    . DG D 4 3  ? -6.62707  -8.66799  -8.03002  1.000 219.29928 ? 114 DG D C6    1 
ATOM 707 O O6    . DG D 4 3  ? -5.53032  -8.09610  -8.09040  1.000 217.71158 ? 114 DG D O6    1 
ATOM 708 N N1    . DG D 4 3  ? -6.93247  -9.47914  -6.93968  1.000 211.28988 ? 114 DG D N1    1 
ATOM 709 C C2    . DG D 4 3  ? -8.11723  -10.15687 -6.77379  1.000 213.13353 ? 114 DG D C2    1 
ATOM 710 N N2    . DG D 4 3  ? -8.23062  -10.89163 -5.65835  1.000 205.41922 ? 114 DG D N2    1 
ATOM 711 N N3    . DG D 4 3  ? -9.12502  -10.12153 -7.63869  1.000 222.46725 ? 114 DG D N3    1 
ATOM 712 C C4    . DG D 4 3  ? -8.84117  -9.33559  -8.70497  1.000 230.00185 ? 114 DG D C4    1 
ATOM 713 P P     . DG D 4 4  ? -14.75840 -9.93888  -9.61233  1.000 254.79288 ? 115 DG D P     1 
ATOM 714 O OP1   . DG D 4 4  ? -15.95291 -10.79946 -9.75455  1.000 260.10028 ? 115 DG D OP1   1 
ATOM 715 O OP2   . DG D 4 4  ? -14.96056 -8.50378  -9.31162  1.000 258.01345 ? 115 DG D OP2   1 
ATOM 716 O "O5'" . DG D 4 4  ? -13.79525 -10.59635 -8.51616  1.000 242.02506 ? 115 DG D "O5'" 1 
ATOM 717 C "C5'" . DG D 4 4  ? -14.33157 -11.15125 -7.32470  1.000 237.04802 ? 115 DG D "C5'" 1 
ATOM 718 C "C4'" . DG D 4 4  ? -13.94817 -10.30433 -6.13290  1.000 230.85287 ? 115 DG D "C4'" 1 
ATOM 719 O "O4'" . DG D 4 4  ? -12.61831 -9.78817  -6.33642  1.000 226.81398 ? 115 DG D "O4'" 1 
ATOM 720 C "C3'" . DG D 4 4  ? -14.83214 -9.07811  -5.92638  1.000 236.86625 ? 115 DG D "C3'" 1 
ATOM 721 O "O3'" . DG D 4 4  ? -15.83385 -9.29299  -4.88045  1.000 235.80584 ? 115 DG D "O3'" 1 
ATOM 722 C "C2'" . DG D 4 4  ? -13.85842 -7.94010  -5.58279  1.000 232.74291 ? 115 DG D "C2'" 1 
ATOM 723 C "C1'" . DG D 4 4  ? -12.48107 -8.61063  -5.59210  1.000 225.33819 ? 115 DG D "C1'" 1 
ATOM 724 N N9    . DG D 4 4  ? -11.44672 -7.78152  -6.20444  1.000 228.40943 ? 115 DG D N9    1 
ATOM 725 C C8    . DG D 4 4  ? -11.53021 -7.11702  -7.40097  1.000 238.35566 ? 115 DG D C8    1 
ATOM 726 N N7    . DG D 4 4  ? -10.45930 -6.43968  -7.69924  1.000 239.25417 ? 115 DG D N7    1 
ATOM 727 C C5    . DG D 4 4  ? -9.60939  -6.65844  -6.62557  1.000 228.90318 ? 115 DG D C5    1 
ATOM 728 C C6    . DG D 4 4  ? -8.30256  -6.17321  -6.39067  1.000 224.94279 ? 115 DG D C6    1 
ATOM 729 O O6    . DG D 4 4  ? -7.62275  -5.43008  -7.11264  1.000 230.37796 ? 115 DG D O6    1 
ATOM 730 N N1    . DG D 4 4  ? -7.79216  -6.63231  -5.17816  1.000 213.91320 ? 115 DG D N1    1 
ATOM 731 C C2    . DG D 4 4  ? -8.46386  -7.45753  -4.30393  1.000 207.95966 ? 115 DG D C2    1 
ATOM 732 N N2    . DG D 4 4  ? -7.80912  -7.79424  -3.18203  1.000 197.66085 ? 115 DG D N2    1 
ATOM 733 N N3    . DG D 4 4  ? -9.69291  -7.92220  -4.51431  1.000 212.12830 ? 115 DG D N3    1 
ATOM 734 C C4    . DG D 4 4  ? -10.20173 -7.48238  -5.69229  1.000 222.26792 ? 115 DG D C4    1 
ATOM 735 P P     . DA D 4 5  ? -15.54206 -10.15386 -3.54369  1.000 239.31666 ? 116 DA D P     1 
ATOM 736 O OP1   . DA D 4 5  ? -15.52482 -11.59497 -3.87422  1.000 237.72444 ? 116 DA D OP1   1 
ATOM 737 O OP2   . DA D 4 5  ? -16.50754 -9.69603  -2.52148  1.000 239.99165 ? 116 DA D OP2   1 
ATOM 738 O "O5'" . DA D 4 5  ? -14.09380 -9.68246  -3.04930  1.000 229.50406 ? 116 DA D "O5'" 1 
ATOM 739 C "C5'" . DA D 4 5  ? -13.34887 -10.50010 -2.14556  1.000 218.95159 ? 116 DA D "C5'" 1 
ATOM 740 C "C4'" . DA D 4 5  ? -12.86861 -9.70533  -0.93658  1.000 212.25076 ? 116 DA D "C4'" 1 
ATOM 741 O "O4'" . DA D 4 5  ? -11.81899 -8.78502  -1.32896  1.000 211.74214 ? 116 DA D "O4'" 1 
ATOM 742 C "C3'" . DA D 4 5  ? -13.93867 -8.88672  -0.22234  1.000 215.08399 ? 116 DA D "C3'" 1 
ATOM 743 O "O3'" . DA D 4 5  ? -13.88959 -9.15185  1.17800   1.000 207.43269 ? 116 DA D "O3'" 1 
ATOM 744 C "C2'" . DA D 4 5  ? -13.59572 -7.42733  -0.55289  1.000 217.69196 ? 116 DA D "C2'" 1 
ATOM 745 C "C1'" . DA D 4 5  ? -12.11366 -7.46551  -0.91320  1.000 213.18283 ? 116 DA D "C1'" 1 
ATOM 746 N N9    . DA D 4 5  ? -11.77611 -6.57459  -2.02348  1.000 220.10948 ? 116 DA D N9    1 
ATOM 747 C C8    . DA D 4 5  ? -12.54699 -6.31952  -3.11868  1.000 230.61143 ? 116 DA D C8    1 
ATOM 748 N N7    . DA D 4 5  ? -11.99924 -5.49881  -3.98141  1.000 235.97020 ? 116 DA D N7    1 
ATOM 749 C C5    . DA D 4 5  ? -10.77702 -5.18751  -3.41434  1.000 227.81594 ? 116 DA D C5    1 
ATOM 750 C C6    . DA D 4 5  ? -9.72249  -4.35420  -3.83905  1.000 228.09280 ? 116 DA D C6    1 
ATOM 751 N N6    . DA D 4 5  ? -9.74830  -3.66378  -4.98470  1.000 237.30716 ? 116 DA D N6    1 
ATOM 752 N N1    . DA D 4 5  ? -8.63963  -4.25869  -3.03992  1.000 219.07097 ? 116 DA D N1    1 
ATOM 753 C C2    . DA D 4 5  ? -8.61898  -4.95518  -1.89327  1.000 210.09304 ? 116 DA D C2    1 
ATOM 754 N N3    . DA D 4 5  ? -9.55137  -5.77019  -1.38691  1.000 208.76949 ? 116 DA D N3    1 
ATOM 755 C C4    . DA D 4 5  ? -10.61591 -5.84351  -2.20459  1.000 217.98378 ? 116 DA D C4    1 
ATOM 756 P P     . DC D 4 6  ? -14.64823 -8.19926  2.22894   1.000 217.69304 ? 117 DC D P     1 
ATOM 757 O OP1   . DC D 4 6  ? -14.88759 -9.01781  3.43748   1.000 213.00147 ? 117 DC D OP1   1 
ATOM 758 O OP2   . DC D 4 6  ? -15.80176 -7.54911  1.56546   1.000 227.64473 ? 117 DC D OP2   1 
ATOM 759 O "O5'" . DC D 4 6  ? -13.55132 -7.08879  2.57838   1.000 211.82727 ? 117 DC D "O5'" 1 
ATOM 760 C "C5'" . DC D 4 6  ? -12.21374 -7.49420  2.83823   1.000 205.24870 ? 117 DC D "C5'" 1 
ATOM 761 C "C4'" . DC D 4 6  ? -11.30585 -6.29988  3.07056   1.000 204.88060 ? 117 DC D "C4'" 1 
ATOM 762 O "O4'" . DC D 4 6  ? -10.97020 -5.67296  1.80392   1.000 208.19538 ? 117 DC D "O4'" 1 
ATOM 763 C "C3'" . DC D 4 6  ? -11.89045 -5.19202  3.94984   1.000 207.08778 ? 117 DC D "C3'" 1 
ATOM 764 O "O3'" . DC D 4 6  ? -10.91159 -4.77028  4.88678   1.000 203.64132 ? 117 DC D "O3'" 1 
ATOM 765 C "C2'" . DC D 4 6  ? -12.21183 -4.08654  2.94238   1.000 212.65884 ? 117 DC D "C2'" 1 
ATOM 766 C "C1'" . DC D 4 6  ? -11.08624 -4.27763  1.94428   1.000 211.48371 ? 117 DC D "C1'" 1 
ATOM 767 N N1    . DC D 4 6  ? -11.34899 -3.68442  0.59735   1.000 218.77624 ? 117 DC D N1    1 
ATOM 768 C C2    . DC D 4 6  ? -10.37035 -2.88529  -0.01351  1.000 219.87064 ? 117 DC D C2    1 
ATOM 769 O O2    . DC D 4 6  ? -9.30572  -2.68017  0.58275   1.000 214.12388 ? 117 DC D O2    1 
ATOM 770 N N3    . DC D 4 6  ? -10.62064 -2.36321  -1.24323  1.000 229.48479 ? 117 DC D N3    1 
ATOM 771 C C4    . DC D 4 6  ? -11.78472 -2.61331  -1.84739  1.000 237.53249 ? 117 DC D C4    1 
ATOM 772 N N4    . DC D 4 6  ? -11.99258 -2.08257  -3.05740  1.000 247.35652 ? 117 DC D N4    1 
ATOM 773 C C5    . DC D 4 6  ? -12.78852 -3.42627  -1.24009  1.000 236.35683 ? 117 DC D C5    1 
ATOM 774 C C6    . DC D 4 6  ? -12.53059 -3.93533  -0.03161  1.000 227.02392 ? 117 DC D C6    1 
ATOM 775 P P     . DA D 4 7  ? -11.33981 -3.96577  6.21030   1.000 214.28853 ? 118 DA D P     1 
ATOM 776 O OP1   . DA D 4 7  ? -11.05634 -4.84879  7.36328   1.000 207.61645 ? 118 DA D OP1   1 
ATOM 777 O OP2   . DA D 4 7  ? -12.71325 -3.44429  6.01906   1.000 221.21401 ? 118 DA D OP2   1 
ATOM 778 O "O5'" . DA D 4 7  ? -10.32608 -2.72390  6.24169   1.000 211.63780 ? 118 DA D "O5'" 1 
ATOM 779 C "C5'" . DA D 4 7  ? -8.91671  -2.95150  6.15746   1.000 205.88500 ? 118 DA D "C5'" 1 
ATOM 780 C "C4'" . DA D 4 7  ? -8.19635  -1.75123  5.55830   1.000 208.44406 ? 118 DA D "C4'" 1 
ATOM 781 O "O4'" . DA D 4 7  ? -8.61195  -1.56520  4.17797   1.000 217.11884 ? 118 DA D "O4'" 1 
ATOM 782 C "C3'" . DA D 4 7  ? -8.44815  -0.41485  6.25853   1.000 209.99702 ? 118 DA D "C3'" 1 
ATOM 783 O "O3'" . DA D 4 7  ? -7.23962  0.34672   6.28112   1.000 209.42542 ? 118 DA D "O3'" 1 
ATOM 784 C "C2'" . DA D 4 7  ? -9.50416  0.23630   5.36775   1.000 218.19143 ? 118 DA D "C2'" 1 
ATOM 785 C "C1'" . DA D 4 7  ? -9.06770  -0.24159  3.99367   1.000 222.68089 ? 118 DA D "C1'" 1 
ATOM 786 N N9    . DA D 4 7  ? -10.14485 -0.26714  3.01184   1.000 231.73989 ? 118 DA D N9    1 
ATOM 787 C C8    . DA D 4 7  ? -11.35398 -0.88737  3.13755   1.000 234.36811 ? 118 DA D C8    1 
ATOM 788 N N7    . DA D 4 7  ? -12.12835 -0.75766  2.08726   1.000 243.31045 ? 118 DA D N7    1 
ATOM 789 C C5    . DA D 4 7  ? -11.37241 -0.00016  1.20947   1.000 246.93543 ? 118 DA D C5    1 
ATOM 790 C C6    . DA D 4 7  ? -11.62721 0.48596   -0.08774  1.000 256.71749 ? 118 DA D C6    1 
ATOM 791 N N6    . DA D 4 7  ? -12.76963 0.26620   -0.74542  1.000 264.63486 ? 118 DA D N6    1 
ATOM 792 N N1    . DA D 4 7  ? -10.65925 1.20973   -0.68442  1.000 258.69116 ? 118 DA D N1    1 
ATOM 793 C C2    . DA D 4 7  ? -9.51923  1.43053   -0.02176  1.000 251.27642 ? 118 DA D C2    1 
ATOM 794 N N3    . DA D 4 7  ? -9.16382  1.02515   1.19559   1.000 241.64177 ? 118 DA D N3    1 
ATOM 795 C C4    . DA D 4 7  ? -10.14478 0.30848   1.76276   1.000 239.94889 ? 118 DA D C4    1 
ATOM 796 P P     . DT D 4 8  ? -7.09261  1.64649   7.21971   1.000 209.39182 ? 119 DT D P     1 
ATOM 797 O OP1   . DT D 4 8  ? -6.45256  1.21184   8.48199   1.000 204.34332 ? 119 DT D OP1   1 
ATOM 798 O OP2   . DT D 4 8  ? -8.38985  2.35628   7.27988   1.000 215.14313 ? 119 DT D OP2   1 
ATOM 799 O "O5'" . DT D 4 8  ? -6.06062  2.57276   6.41476   1.000 212.13183 ? 119 DT D "O5'" 1 
ATOM 800 C "C5'" . DT D 4 8  ? -5.91715  2.42612   4.99845   1.000 218.94318 ? 119 DT D "C5'" 1 
ATOM 801 C "C4'" . DT D 4 8  ? -6.41750  3.66149   4.26861   1.000 227.54936 ? 119 DT D "C4'" 1 
ATOM 802 O "O4'" . DT D 4 8  ? -7.50761  3.29434   3.40013   1.000 234.30640 ? 119 DT D "O4'" 1 
ATOM 803 C "C3'" . DT D 4 8  ? -6.96805  4.76899   5.17362   1.000 226.64402 ? 119 DT D "C3'" 1 
ATOM 804 O "O3'" . DT D 4 8  ? -6.01254  5.86883   5.30594   1.000 226.40261 ? 119 DT D "O3'" 1 
ATOM 805 C "C2'" . DT D 4 8  ? -8.29957  5.19230   4.52379   1.000 235.08473 ? 119 DT D "C2'" 1 
ATOM 806 C "C1'" . DT D 4 8  ? -8.31735  4.42220   3.20446   1.000 240.80364 ? 119 DT D "C1'" 1 
ATOM 807 N N1    . DT D 4 8  ? -9.68271  3.96769   2.78417   1.000 246.05281 ? 119 DT D N1    1 
ATOM 808 C C2    . DT D 4 8  ? -10.12124 4.25208   1.51206   1.000 255.49904 ? 119 DT D C2    1 
ATOM 809 O O2    . DT D 4 8  ? -9.45067  4.85581   0.69720   1.000 259.99816 ? 119 DT D O2    1 
ATOM 810 N N3    . DT D 4 8  ? -11.38003 3.79299   1.22214   1.000 260.14188 ? 119 DT D N3    1 
ATOM 811 C C4    . DT D 4 8  ? -12.22837 3.09932   2.06128   1.000 256.64150 ? 119 DT D C4    1 
ATOM 812 O O4    . DT D 4 8  ? -13.34445 2.73053   1.70863   1.000 261.95721 ? 119 DT D O4    1 
ATOM 813 C C5    . DT D 4 8  ? -11.71014 2.83681   3.38274   1.000 246.94967 ? 119 DT D C5    1 
ATOM 814 C C7    . DT D 4 8  ? -12.54289 2.09106   4.38170   1.000 243.32512 ? 119 DT D C7    1 
ATOM 815 C C6    . DT D 4 8  ? -10.47690 3.27904   3.67783   1.000 242.07639 ? 119 DT D C6    1 
ATOM 816 P P     . DC D 4 9  ? -5.80577  6.99247   4.16308   1.000 222.35709 ? 120 DC D P     1 
ATOM 817 O OP1   . DC D 4 9  ? -5.77801  6.34279   2.83169   1.000 226.79266 ? 120 DC D OP1   1 
ATOM 818 O OP2   . DC D 4 9  ? -4.65209  7.82255   4.58477   1.000 222.29804 ? 120 DC D OP2   1 
ATOM 819 O "O5'" . DC D 4 9  ? -7.08989  7.93985   4.29341   1.000 227.91901 ? 120 DC D "O5'" 1 
ATOM 820 C "C5'" . DC D 4 9  ? -7.06682  9.25919   3.75302   1.000 233.76199 ? 120 DC D "C5'" 1 
ATOM 821 C "C4'" . DC D 4 9  ? -6.86454  9.23215   2.24583   1.000 240.32210 ? 120 DC D "C4'" 1 
ATOM 822 O "O4'" . DC D 4 9  ? -7.66350  8.17060   1.66636   1.000 242.99918 ? 120 DC D "O4'" 1 
ATOM 823 C "C3'" . DC D 4 9  ? -7.30678  10.48930  1.52331   1.000 249.19689 ? 120 DC D "C3'" 1 
ATOM 824 O "O3'" . DC D 4 9  ? -6.61162  10.61482  0.28992   1.000 256.78850 ? 120 DC D "O3'" 1 
ATOM 825 C "C2'" . DC D 4 9  ? -8.78813  10.21836  1.30264   1.000 253.05227 ? 120 DC D "C2'" 1 
ATOM 826 C "C1'" . DC D 4 9  ? -8.80257  8.71922   1.02306   1.000 251.18620 ? 120 DC D "C1'" 1 
ATOM 827 N N1    . DC D 4 9  ? -10.01622 8.01947   1.54735   1.000 248.98348 ? 120 DC D N1    1 
ATOM 828 C C2    . DC D 4 9  ? -11.11504 7.79886   0.70895   1.000 257.15999 ? 120 DC D C2    1 
ATOM 829 O O2    . DC D 4 9  ? -11.07146 8.19691   -0.45962  1.000 266.09304 ? 120 DC D O2    1 
ATOM 830 N N3    . DC D 4 9  ? -12.20058 7.15202   1.20751   1.000 255.57342 ? 120 DC D N3    1 
ATOM 831 C C4    . DC D 4 9  ? -12.20759 6.73862   2.47495   1.000 246.56376 ? 120 DC D C4    1 
ATOM 832 N N4    . DC D 4 9  ? -13.29486 6.10583   2.92592   1.000 246.14297 ? 120 DC D N4    1 
ATOM 833 C C5    . DC D 4 9  ? -11.09877 6.95431   3.33982   1.000 238.19839 ? 120 DC D C5    1 
ATOM 834 C C6    . DC D 4 9  ? -10.03730 7.59147   2.83954   1.000 239.60832 ? 120 DC D C6    1 
ATOM 835 P P     . DA D 4 10 ? -6.22625  12.07120  -0.27134  1.000 258.97057 ? 121 DA D P     1 
ATOM 836 O OP1   . DA D 4 10 ? -5.22262  11.88404  -1.34346  1.000 264.86046 ? 121 DA D OP1   1 
ATOM 837 O OP2   . DA D 4 10 ? -5.90687  12.93497  0.88870   1.000 252.60183 ? 121 DA D OP2   1 
ATOM 838 O "O5'" . DA D 4 10 ? -7.58826  12.60768  -0.91947  1.000 266.88889 ? 121 DA D "O5'" 1 
ATOM 839 C "C5'" . DA D 4 10 ? -8.15528  11.92803  -2.03433  1.000 275.26728 ? 121 DA D "C5'" 1 
ATOM 840 C "C4'" . DA D 4 10 ? -9.45639  12.57993  -2.47669  1.000 281.60055 ? 121 DA D "C4'" 1 
ATOM 841 O "O4'" . DA D 4 10 ? -10.57903 11.89556  -1.86323  1.000 277.13644 ? 121 DA D "O4'" 1 
ATOM 842 C "C3'" . DA D 4 10 ? -9.60623  14.05722  -2.11510  1.000 282.15555 ? 121 DA D "C3'" 1 
ATOM 843 O "O3'" . DA D 4 10 ? -10.22125 14.75947  -3.18895  1.000 291.92214 ? 121 DA D "O3'" 1 
ATOM 844 C "C2'" . DA D 4 10 ? -10.50636 14.02297  -0.88222  1.000 275.02272 ? 121 DA D "C2'" 1 
ATOM 845 C "C1'" . DA D 4 10 ? -11.39497 12.82504  -1.18458  1.000 276.27114 ? 121 DA D "C1'" 1 
ATOM 846 N N9    . DA D 4 10 ? -11.92629 12.17658  0.00977   1.000 268.00314 ? 121 DA D N9    1 
ATOM 847 C C8    . DA D 4 10 ? -11.33638 12.10894  1.23794   1.000 258.17619 ? 121 DA D C8    1 
ATOM 848 N N7    . DA D 4 10 ? -12.03781 11.45183  2.12896   1.000 253.04972 ? 121 DA D N7    1 
ATOM 849 C C5    . DA D 4 10 ? -13.17177 11.06452  1.43768   1.000 259.93218 ? 121 DA D C5    1 
ATOM 850 C C6    . DA D 4 10 ? -14.31726 10.34468  1.82474   1.000 259.69208 ? 121 DA D C6    1 
ATOM 851 N N6    . DA D 4 10 ? -14.49821 9.86283   3.05698   1.000 252.01078 ? 121 DA D N6    1 
ATOM 852 N N1    . DA D 4 10 ? -15.26973 10.13546  0.89157   1.000 268.30787 ? 121 DA D N1    1 
ATOM 853 C C2    . DA D 4 10 ? -15.08221 10.62160  -0.34067  1.000 276.50381 ? 121 DA D C2    1 
ATOM 854 N N3    . DA D 4 10 ? -14.04994 11.31455  -0.82042  1.000 277.83850 ? 121 DA D N3    1 
ATOM 855 C C4    . DA D 4 10 ? -13.11960 11.50115  0.12813   1.000 269.11803 ? 121 DA D C4    1 
# 
loop_
_atom_site_anisotrop.id 
_atom_site_anisotrop.type_symbol 
_atom_site_anisotrop.pdbx_label_atom_id 
_atom_site_anisotrop.pdbx_label_alt_id 
_atom_site_anisotrop.pdbx_label_comp_id 
_atom_site_anisotrop.pdbx_label_asym_id 
_atom_site_anisotrop.pdbx_label_seq_id 
_atom_site_anisotrop.pdbx_PDB_ins_code 
_atom_site_anisotrop.U[1][1] 
_atom_site_anisotrop.U[2][2] 
_atom_site_anisotrop.U[3][3] 
_atom_site_anisotrop.U[1][2] 
_atom_site_anisotrop.U[1][3] 
_atom_site_anisotrop.U[2][3] 
_atom_site_anisotrop.pdbx_auth_seq_id 
_atom_site_anisotrop.pdbx_auth_comp_id 
_atom_site_anisotrop.pdbx_auth_asym_id 
_atom_site_anisotrop.pdbx_auth_atom_id 
1   O "O5'" . DG A 1  ? 4.25959 4.26558 1.69388 0.06793  0.20764  -0.34944 101 DG A "O5'" 
2   C "C5'" . DG A 1  ? 4.37671 4.19924 1.66727 -0.02939 0.16504  -0.37932 101 DG A "C5'" 
3   C "C4'" . DG A 1  ? 4.41313 4.11761 1.55223 -0.01112 0.23836  -0.56573 101 DG A "C4'" 
4   O "O4'" . DG A 1  ? 4.54509 4.04126 1.52630 -0.11639 0.18800  -0.59423 101 DG A "O4'" 
5   C "C3'" . DG A 1  ? 4.46285 4.09267 1.54273 0.04243  0.26017  -0.66955 101 DG A "C3'" 
6   O "O3'" . DG A 1  ? 4.24495 4.08560 1.52514 0.10896  0.35999  -0.73488 101 DG A "O3'" 
7   C "C2'" . DG A 1  ? 4.53124 3.99796 1.55616 -0.00988 0.23255  -0.76134 101 DG A "C2'" 
8   C "C1'" . DG A 1  ? 4.66852 3.97434 1.53783 -0.13604 0.16203  -0.68069 101 DG A "C1'" 
9   N N9    . DG A 1  ? 4.82065 3.98061 1.63294 -0.22293 0.04624  -0.56747 101 DG A N9    
10  C C8    . DG A 1  ? 4.81817 4.01615 1.69828 -0.30561 -0.04029 -0.40836 101 DG A C8    
11  N N7    . DG A 1  ? 4.95379 4.01432 1.78185 -0.38429 -0.14066 -0.32711 101 DG A N7    
12  C C5    . DG A 1  ? 5.07435 3.97492 1.78293 -0.34242 -0.11741 -0.44065 101 DG A C5    
13  C C6    . DG A 1  ? 5.29550 3.97815 1.88051 -0.38919 -0.19137 -0.42204 101 DG A C6    
14  O O6    . DG A 1  ? 5.42141 4.00900 1.97586 -0.49378 -0.29786 -0.29817 101 DG A O6    
15  N N1    . DG A 1  ? 5.36754 3.93946 1.84848 -0.30241 -0.12997 -0.56317 101 DG A N1    
16  C C2    . DG A 1  ? 5.21834 3.90306 1.72454 -0.19391 -0.01461 -0.70238 101 DG A C2    
17  N N2    . DG A 1  ? 5.26370 3.87436 1.72484 -0.11268 0.02893  -0.81079 101 DG A N2    
18  N N3    . DG A 1  ? 5.03289 3.91979 1.64802 -0.16481 0.05296  -0.72263 101 DG A N3    
19  C C4    . DG A 1  ? 4.98082 3.95385 1.68731 -0.23883 -0.00257 -0.58829 101 DG A C4    
20  P P     . DA A 2  ? 4.40539 4.24569 1.75266 0.17174  0.39024  -0.77863 102 DA A P     
21  O OP1   . DA A 2  ? 4.15658 4.05490 1.69003 0.19026  0.48557  -0.79616 102 DA A OP1   
22  O OP2   . DA A 2  ? 4.54469 4.40382 1.80660 0.24815  0.32432  -0.68682 102 DA A OP2   
23  O "O5'" . DA A 2  ? 4.46415 4.19896 1.76267 0.13128  0.35836  -0.88171 102 DA A "O5'" 
24  C "C5'" . DA A 2  ? 4.39325 4.11244 1.75868 0.15139  0.40438  -0.94900 102 DA A "C5'" 
25  C "C4'" . DA A 2  ? 4.67316 4.21314 1.85819 0.20879  0.32728  -0.94183 102 DA A "C4'" 
26  O "O4'" . DA A 2  ? 4.97356 4.27734 1.91938 0.15056  0.23273  -0.86896 102 DA A "O4'" 
27  C "C3'" . DA A 2  ? 4.72755 4.29092 1.89396 0.30893  0.32349  -0.88710 102 DA A "C3'" 
28  O "O3'" . DA A 2  ? 4.83969 4.27732 1.93914 0.36025  0.31139  -0.93384 102 DA A "O3'" 
29  C "C2'" . DA A 2  ? 4.94931 4.41416 1.97853 0.27976  0.23318  -0.75768 102 DA A "C2'" 
30  C "C1'" . DA A 2  ? 5.16332 4.36601 2.01610 0.16345  0.16752  -0.76784 102 DA A "C1'" 
31  N N9    . DA A 2  ? 5.24435 4.42733 2.13828 0.04783  0.07820  -0.61974 102 DA A N9    
32  C C8    . DA A 2  ? 5.10849 4.43925 2.10270 0.00752  0.08673  -0.55999 102 DA A C8    
33  N N7    . DA A 2  ? 5.18783 4.48918 2.20913 -0.09299 -0.00749 -0.41679 102 DA A N7    
34  C C5    . DA A 2  ? 5.40629 4.51701 2.33002 -0.13297 -0.08504 -0.38094 102 DA A C5    
35  C C6    . DA A 2  ? 5.57670 4.57164 2.46440 -0.24870 -0.20316 -0.24345 102 DA A C6    
36  N N6    . DA A 2  ? 5.51280 4.60238 2.48354 -0.34200 -0.26501 -0.10978 102 DA A N6    
37  N N1    . DA A 2  ? 5.81493 4.59305 2.56836 -0.26577 -0.25544 -0.24609 102 DA A N1    
38  C C2    . DA A 2  ? 5.86081 4.55488 2.53227 -0.15825 -0.19079 -0.37681 102 DA A C2    
39  N N3    . DA A 2  ? 5.67840 4.49504 2.39081 -0.04021 -0.07952 -0.51009 102 DA A N3    
40  C C4    . DA A 2  ? 5.45899 4.48169 2.29696 -0.04138 -0.03237 -0.50514 102 DA A C4    
41  P P     . DG A 3  ? 4.95523 4.19135 1.82471 0.42653  0.23138  -0.86431 103 DG A P     
42  O OP1   . DG A 3  ? 4.80545 4.28736 1.86449 0.47858  0.24548  -0.77344 103 DG A OP1   
43  O OP2   . DG A 3  ? 5.22805 4.19441 1.94202 0.29749  0.13260  -0.80158 103 DG A OP2   
44  O "O5'" . DG A 3  ? 4.99776 4.16527 1.87353 0.50232  0.25395  -0.93485 103 DG A "O5'" 
45  C "C5'" . DG A 3  ? 5.38472 4.21284 1.98250 0.51084  0.17661  -0.91871 103 DG A "C5'" 
46  C "C4'" . DG A 3  ? 5.53853 4.35229 2.18562 0.46953  0.09245  -0.76059 103 DG A "C4'" 
47  O "O4'" . DG A 3  ? 5.57655 4.37075 2.25422 0.32082  0.02169  -0.65165 103 DG A "O4'" 
48  C "C3'" . DG A 3  ? 5.32497 4.43819 2.19187 0.55589  0.13354  -0.70881 103 DG A "C3'" 
49  O "O3'" . DG A 3  ? 5.43625 4.49808 2.26604 0.66351  0.13513  -0.71781 103 DG A "O3'" 
50  C "C2'" . DG A 3  ? 5.32606 4.52120 2.31659 0.44693  0.06215  -0.54324 103 DG A "C2'" 
51  C "C1'" . DG A 3  ? 5.52247 4.47892 2.36576 0.29977  -0.01852 -0.50804 103 DG A "C1'" 
52  N N9    . DG A 3  ? 5.36170 4.47384 2.33115 0.20793  -0.03499 -0.42479 103 DG A N9    
53  C C8    . DG A 3  ? 5.09132 4.42170 2.17919 0.23895  0.04355  -0.47228 103 DG A C8    
54  N N7    . DG A 3  ? 5.01232 4.43886 2.19037 0.15367  0.00862  -0.36933 103 DG A N7    
55  C C5    . DG A 3  ? 5.21043 4.49892 2.34196 0.05289  -0.10237 -0.24216 103 DG A C5    
56  C C6    . DG A 3  ? 5.20076 4.53532 2.39677 -0.06646 -0.18443 -0.08998 103 DG A C6    
57  O O6    . DG A 3  ? 5.02222 4.52800 2.33271 -0.09395 -0.17194 -0.03664 103 DG A O6    
58  N N1    . DG A 3  ? 5.43017 4.58726 2.53430 -0.15816 -0.28979 0.00710  103 DG A N1    
59  C C2    . DG A 3  ? 5.67398 4.60785 2.62561 -0.13042 -0.31025 -0.04000 103 DG A C2    
60  N N2    . DG A 3  ? 5.90248 4.66204 2.75588 -0.24000 -0.41732 0.06922  103 DG A N2    
61  N N3    . DG A 3  ? 5.69415 4.57932 2.58508 -0.00361 -0.23126 -0.18152 103 DG A N3    
62  C C4    . DG A 3  ? 5.44014 4.52215 2.43441 0.07935  -0.13093 -0.27549 103 DG A C4    
63  P P     . DC A 4  ? 5.52778 4.28879 2.19790 0.62026  0.03311  -0.62960 104 DC A P     
64  O OP1   . DC A 4  ? 5.73825 4.29485 2.30617 0.45174  -0.06209 -0.54362 104 DC A OP1   
65  O OP2   . DC A 4  ? 5.65584 4.24772 2.15992 0.74092  0.06820  -0.74195 104 DC A OP2   
66  O "O5'" . DC A 4  ? 5.47209 4.41793 2.31252 0.65657  0.01586  -0.51263 104 DC A "O5'" 
67  C "C5'" . DC A 4  ? 5.31807 4.47158 2.34621 0.57374  -0.00985 -0.38806 104 DC A "C5'" 
68  C "C4'" . DC A 4  ? 5.56260 4.52511 2.50844 0.41575  -0.12650 -0.25467 104 DC A "C4'" 
69  O "O4'" . DC A 4  ? 5.44719 4.46992 2.43973 0.30616  -0.14110 -0.22659 104 DC A "O4'" 
70  C "C3'" . DC A 4  ? 5.55490 4.62550 2.62098 0.38124  -0.18055 -0.10077 104 DC A "C3'" 
71  O "O3'" . DC A 4  ? 5.87467 4.70377 2.77917 0.40260  -0.23048 -0.08426 104 DC A "O3'" 
72  C "C2'" . DC A 4  ? 5.54375 4.61432 2.63981 0.21104  -0.26298 0.02757  104 DC A "C2'" 
73  C "C1'" . DC A 4  ? 5.46720 4.51450 2.52052 0.17851  -0.23051 -0.06250 104 DC A "C1'" 
74  N N1    . DC A 4  ? 5.14001 4.47086 2.39230 0.15189  -0.19600 -0.01745 104 DC A N1    
75  C C2    . DC A 4  ? 5.07639 4.48947 2.41417 0.02642  -0.27094 0.13738  104 DC A C2    
76  O O2    . DC A 4  ? 5.26801 4.53733 2.52742 -0.07635 -0.36952 0.24317  104 DC A O2    
77  N N3    . DC A 4  ? 4.80311 4.45837 2.30320 0.02338  -0.23093 0.16942  104 DC A N3    
78  C C4    . DC A 4  ? 4.62065 4.40570 2.17769 0.12461  -0.12528 0.05280  104 DC A C4    
79  N N4    . DC A 4  ? 4.39212 4.38413 2.08235 0.12137  -0.08704 0.08823  104 DC A N4    
80  C C5    . DC A 4  ? 4.66480 4.37591 2.13693 0.23446  -0.05304 -0.10309 104 DC A C5    
81  C C6    . DC A 4  ? 4.91531 4.41112 2.24505 0.24899  -0.09069 -0.13145 104 DC A C6    
82  P P     . DA A 5  ? 5.66276 4.50085 2.61244 0.34372  -0.30773 0.07616  105 DA A P     
83  O OP1   . DA A 5  ? 5.95452 4.58790 2.75015 0.43642  -0.31336 0.03941  105 DA A OP1   
84  O OP2   . DA A 5  ? 5.27957 4.49198 2.50659 0.36135  -0.26734 0.15007  105 DA A OP2   
85  O "O5'" . DA A 5  ? 5.86938 4.48851 2.68348 0.14527  -0.42452 0.18247  105 DA A "O5'" 
86  C "C5'" . DA A 5  ? 6.05321 4.56521 2.81131 0.04111  -0.52098 0.32417  105 DA A "C5'" 
87  C "C4'" . DA A 5  ? 5.72957 4.56830 2.73865 -0.02935 -0.54006 0.47008  105 DA A "C4'" 
88  O "O4'" . DA A 5  ? 5.42884 4.48891 2.59035 -0.03540 -0.49216 0.44527  105 DA A "O4'" 
89  C "C3'" . DA A 5  ? 5.51287 4.60984 2.71385 0.08713  -0.48356 0.49989  105 DA A "C3'" 
90  O "O3'" . DA A 5  ? 5.68312 4.69427 2.83383 0.01355  -0.56409 0.62767  105 DA A "O3'" 
91  C "C2'" . DA A 5  ? 5.07979 4.55694 2.55330 0.09683  -0.42800 0.54195  105 DA A "C2'" 
92  C "C1'" . DA A 5  ? 5.08741 4.49899 2.50850 -0.01654 -0.46280 0.54052  105 DA A "C1'" 
93  N N9    . DA A 5  ? 4.79796 4.43175 2.36307 0.05223  -0.37293 0.46706  105 DA A N9    
94  C C8    . DA A 5  ? 4.72914 4.38860 2.28910 0.18493  -0.27384 0.31032  105 DA A C8    
95  N N7    . DA A 5  ? 4.47198 4.33027 2.15581 0.20941  -0.20923 0.27674  105 DA A N7    
96  C C5    . DA A 5  ? 4.40825 4.38794 2.19496 0.09888  -0.26737 0.42373  105 DA A C5    
97  C C6    . DA A 5  ? 4.23127 4.42569 2.16054 0.07567  -0.24108 0.47178  105 DA A C6    
98  N N6    . DA A 5  ? 4.06989 4.37460 2.04813 0.15728  -0.14593 0.36766  105 DA A N6    
99  N N1    . DA A 5  ? 4.23925 4.53135 2.25040 -0.03464 -0.31610 0.63404  105 DA A N1    
100 C C2    . DA A 5  ? 4.41395 4.59430 2.36332 -0.13034 -0.41314 0.73917  105 DA A C2    
101 N N3    . DA A 5  ? 4.60321 4.55657 2.40217 -0.12819 -0.44794 0.70593  105 DA A N3    
102 C C4    . DA A 5  ? 4.58960 4.44957 2.31380 -0.00270 -0.36947 0.54434  105 DA A C4    
103 P P     . DG A 6  ? 5.45467 4.76132 2.82619 -0.06708 -0.59810 0.80459  106 DG A P     
104 O OP1   . DG A 6  ? 5.75184 4.84515 2.96908 -0.16721 -0.69507 0.90710  106 DG A OP1   
105 O OP2   . DG A 6  ? 5.10629 4.74753 2.71910 0.07604  -0.49651 0.78153  106 DG A OP2   
106 O "O5'" . DG A 6  ? 5.30672 4.71550 2.74635 -0.21052 -0.64308 0.88073  106 DG A "O5'" 
107 C "C5'" . DG A 6  ? 5.21764 4.79909 2.77495 -0.34514 -0.71389 1.05912  106 DG A "C5'" 
108 C "C4'" . DG A 6  ? 4.87386 4.86865 2.72617 -0.28728 -0.64344 1.10837  106 DG A "C4'" 
109 O "O4'" . DG A 6  ? 4.70985 4.76307 2.60452 -0.17537 -0.54909 0.96823  106 DG A "O4'" 
110 C "C3'" . DG A 6  ? 4.68989 4.92839 2.72155 -0.18498 -0.58647 1.15405  106 DG A "C3'" 
111 O "O3'" . DG A 6  ? 4.63725 5.09768 2.81441 -0.28840 -0.63917 1.33473  106 DG A "O3'" 
112 C "C2'" . DG A 6  ? 4.40184 4.86530 2.59376 -0.02702 -0.45939 1.04839  106 DG A "C2'" 
113 C "C1'" . DG A 6  ? 4.41491 4.81107 2.55161 -0.07651 -0.46363 0.99224  106 DG A "C1'" 
114 N N9    . DG A 6  ? 4.26031 4.70172 2.42070 0.05545  -0.35618 0.83562  106 DG A N9    
115 C C8    . DG A 6  ? 4.30680 4.58927 2.34872 0.16182  -0.30198 0.67774  106 DG A C8    
116 N N7    . DG A 6  ? 4.14008 4.52987 2.23728 0.25295  -0.20872 0.56567  106 DG A N7    
117 C C5    . DG A 6  ? 3.98264 4.59499 2.23377 0.21063  -0.19918 0.65332  106 DG A C5    
118 C C6    . DG A 6  ? 3.79129 4.57342 2.13761 0.26778  -0.11455 0.59834  106 DG A C6    
119 O O6    . DG A 6  ? 3.71631 4.49252 2.03039 0.35724  -0.03069 0.45587  106 DG A O6    
120 N N1    . DG A 6  ? 3.69809 4.67222 2.18052 0.20883  -0.13431 0.73122  106 DG A N1    
121 C C2    . DG A 6  ? 3.76838 4.79308 2.30328 0.10268  -0.22540 0.89808  106 DG A C2    
122 N N2    . DG A 6  ? 3.66053 4.90279 2.33723 0.06849  -0.22893 1.01452  106 DG A N2    
123 N N3    . DG A 6  ? 3.94450 4.81831 2.39120 0.03417  -0.30708 0.95059  106 DG A N3    
124 C C4    . DG A 6  ? 4.04869 4.70744 2.34876 0.09561  -0.28821 0.82086  106 DG A C4    
125 P P     . DC A 7  ? 4.46704 5.19566 2.83427 -0.21643 -0.59534 1.41869  107 DC A P     
126 O OP1   . DC A 7  ? 4.58715 5.36674 2.96892 -0.37496 -0.69573 1.59965  107 DC A OP1   
127 O OP2   . DC A 7  ? 4.48099 5.08343 2.77353 -0.07673 -0.53650 1.29757  107 DC A OP2   
128 O "O5'" . DC A 7  ? 4.14559 5.23465 2.76268 -0.12403 -0.49782 1.42566  107 DC A "O5'" 
129 C "C5'" . DC A 7  ? 4.08140 5.35404 2.80929 -0.21529 -0.52988 1.53613  107 DC A "C5'" 
130 C "C4'" . DC A 7  ? 3.81879 5.33564 2.71396 -0.09369 -0.42041 1.48915  107 DC A "C4'" 
131 O "O4'" . DC A 7  ? 3.80819 5.15343 2.59283 -0.00182 -0.35708 1.30444  107 DC A "O4'" 
132 C "C3'" . DC A 7  ? 3.60280 5.39234 2.68551 0.03070  -0.32801 1.51960  107 DC A "C3'" 
133 O "O3'" . DC A 7  ? 3.48838 5.57800 2.75785 -0.00467 -0.33172 1.67850  107 DC A "O3'" 
134 C "C2'" . DC A 7  ? 3.44737 5.24961 2.53886 0.18172  -0.20925 1.35662  107 DC A "C2'" 
135 C "C1'" . DC A 7  ? 3.56988 5.13469 2.49825 0.13149  -0.24126 1.25382  107 DC A "C1'" 
136 N N1    . DC A 7  ? 3.54875 4.96819 2.37490 0.24283  -0.16522 1.06327  107 DC A N1    
137 C C2    . DC A 7  ? 3.39291 4.91031 2.26583 0.32717  -0.07121 0.97196  107 DC A C2    
138 O O2    . DC A 7  ? 3.28672 4.98848 2.27501 0.31574  -0.05294 1.05057  107 DC A O2    
139 N N3    . DC A 7  ? 3.37453 4.78387 2.15786 0.41850  -0.00280 0.80317  107 DC A N3    
140 C C4    . DC A 7  ? 3.50017 4.72156 2.16132 0.44047  -0.02379 0.72850  107 DC A C4    
141 N N4    . DC A 7  ? 3.47569 4.62433 2.06093 0.53411  0.04622  0.56708  107 DC A N4    
142 C C5    . DC A 7  ? 3.67005 4.76923 2.27221 0.36711  -0.11727 0.81870  107 DC A C5    
143 C C6    . DC A 7  ? 3.68978 4.88940 2.37355 0.26345  -0.18599 0.98349  107 DC A C6    
144 P P     . DC A 8  ? 3.31167 5.71584 2.78775 0.11941  -0.23061 1.73210  108 DC A P     
145 O OP1   . DC A 8  ? 3.29955 5.94835 2.91929 0.03280  -0.28226 1.93075  108 DC A OP1   
146 O OP2   . DC A 8  ? 3.30164 5.61559 2.73135 0.21054  -0.18398 1.64155  108 DC A OP2   
147 O "O5'" . DC A 8  ? 3.14067 5.65088 2.67770 0.23316  -0.12502 1.64726  108 DC A "O5'" 
148 C "C5'" . DC A 8  ? 2.94532 5.69360 2.62878 0.36480  -0.01198 1.65704  108 DC A "C5'" 
149 C "C4'" . DC A 8  ? 2.84019 5.65525 2.54715 0.43718  0.06585  1.60043  108 DC A "C4'" 
150 O "O4'" . DC A 8  ? 2.92587 5.48696 2.46766 0.41461  0.05031  1.45467  108 DC A "O4'" 
151 C "C3'" . DC A 8  ? 2.67247 5.62243 2.44856 0.59151  0.20181  1.53864  108 DC A "C3'" 
152 O "O3'" . DC A 8  ? 2.57433 5.79325 2.50596 0.63091  0.24379  1.67377  108 DC A "O3'" 
153 C "C2'" . DC A 8  ? 2.65992 5.45607 2.31661 0.64231  0.26002  1.37110  108 DC A "C2'" 
154 C "C1'" . DC A 8  ? 2.82150 5.36230 2.33025 0.53483  0.16179  1.30991  108 DC A "C1'" 
155 N N1    . DC A 8  ? 2.87845 5.21491 2.26010 0.56283  0.16851  1.16387  108 DC A N1    
156 C C2    . DC A 8  ? 2.81602 5.08507 2.12492 0.65431  0.25892  0.99842  108 DC A C2    
157 O O2    . DC A 8  ? 2.72070 5.08029 2.05789 0.70790  0.33506  0.97068  108 DC A O2    
158 N N3    . DC A 8  ? 2.87452 4.98081 2.07551 0.68188  0.26054  0.87524  108 DC A N3    
159 C C4    . DC A 8  ? 3.00190 4.98932 2.15349 0.62909  0.17876  0.91020  108 DC A C4    
160 N N4    . DC A 8  ? 3.07847 4.90816 2.11931 0.67309  0.18600  0.78944  108 DC A N4    
161 C C5    . DC A 8  ? 3.07989 5.10620 2.28515 0.52841  0.08612  1.07353  108 DC A C5    
162 C C6    . DC A 8  ? 3.00988 5.22094 2.33441 0.49431  0.08294  1.19539  108 DC A C6    
163 P P     . DT A 9  ? 2.46217 5.88925 2.51283 0.75164  0.34830  1.71230  109 DT A P     
164 O OP1   . DT A 9  ? 2.38188 6.03642 2.59295 0.70530  0.30585  1.89884  109 DT A OP1   
165 O OP2   . DT A 9  ? 2.50147 5.79925 2.47762 0.79669  0.37884  1.59078  109 DT A OP2   
166 O "O5'" . DT A 9  ? 2.39718 5.88418 2.45986 0.86578  0.46184  1.65132  109 DT A "O5'" 
167 C "C5'" . DT A 9  ? 2.40893 5.74494 2.34508 0.85856  0.47062  1.55094  109 DT A "C5'" 
168 C "C4'" . DT A 9  ? 2.39619 5.59264 2.25932 0.95282  0.56041  1.35966  109 DT A "C4'" 
169 O "O4'" . DT A 9  ? 2.51651 5.53317 2.22637 0.91966  0.54567  1.23809  109 DT A "O4'" 
170 C "C3'" . DT A 9  ? 2.29941 5.51570 2.25711 1.03869  0.59663  1.32311  109 DT A "C3'" 
171 O "O3'" . DT A 9  ? 2.31732 5.40720 2.24733 1.10133  0.63092  1.22861  109 DT A "O3'" 
172 C "C2'" . DT A 9  ? 2.33659 5.44259 2.20883 1.03717  0.60261  1.21723  109 DT A "C2'" 
173 C "C1'" . DT A 9  ? 2.46855 5.43072 2.18053 0.99311  0.59925  1.11971  109 DT A "C1'" 
174 N N1    . DT A 9  ? 2.56681 5.42482 2.17790 0.96408  0.56788  1.05958  109 DT A N1    
175 C C2    . DT A 9  ? 2.60862 5.32971 2.11763 1.00508  0.60992  0.88722  109 DT A C2    
176 O O2    . DT A 9  ? 2.58459 5.19294 2.09680 1.02716  0.63391  0.77004  109 DT A O2    
177 N N3    . DT A 9  ? 2.72214 5.32642 2.15967 0.98328  0.56112  0.83435  109 DT A N3    
178 C C4    . DT A 9  ? 2.81957 5.37475 2.27436 0.91439  0.46150  0.92273  109 DT A C4    
179 O O4    . DT A 9  ? 2.95329 5.36478 2.32605 0.90556  0.41980  0.85936  109 DT A O4    
180 C C5    . DT A 9  ? 2.77108 5.45606 2.33767 0.85416  0.41084  1.09732  109 DT A C5    
181 C C7    . DT A 9  ? 2.88687 5.52845 2.46548 0.75970  0.29995  1.20838  109 DT A C7    
182 C C6    . DT A 9  ? 2.63831 5.48157 2.28663 0.88521  0.46673  1.15795  109 DT A C6    
183 P P     . DG A 10 ? 2.25171 5.34492 2.24299 1.17006  0.64469  1.25576  110 DG A P     
184 O OP1   . DG A 10 ? 2.30831 5.22310 2.21544 1.20155  0.67608  1.15622  110 DG A OP1   
185 O OP2   . DG A 10 ? 2.19868 5.53182 2.33390 1.17523  0.61901  1.44146  110 DG A OP2   
186 O "O5'" . DG A 10 ? 2.23318 5.24444 2.19485 1.17261  0.64586  1.17831  110 DG A "O5'" 
187 C "C5'" . DG A 10 ? 2.25623 5.10774 2.16520 1.20191  0.66732  1.08421  110 DG A "C5'" 
188 C "C4'" . DG A 10 ? 2.30949 4.94833 2.10321 1.17148  0.68210  0.90994  110 DG A "C4'" 
189 O "O4'" . DG A 10 ? 2.31811 4.97495 2.08042 1.13709  0.66803  0.87795  110 DG A "O4'" 
190 C "C3'" . DG A 10 ? 2.31590 4.81986 2.06762 1.16389  0.68955  0.80667  110 DG A "C3'" 
191 O "O3'" . DG A 10 ? 2.30686 4.66937 2.01097 1.16029  0.71572  0.74245  110 DG A "O3'" 
192 C "C2'" . DG A 10 ? 2.35499 4.76997 2.04232 1.12453  0.68106  0.68893  110 DG A "C2'" 
193 C "C1'" . DG A 10 ? 2.35932 4.87953 2.05196 1.11765  0.66853  0.74468  110 DG A "C1'" 
194 N N9    . DG A 10 ? 2.36148 4.97909 2.06871 1.11944  0.65042  0.78164  110 DG A N9    
195 C C8    . DG A 10 ? 2.33290 5.14277 2.11344 1.12115  0.63586  0.93012  110 DG A C8    
196 N N7    . DG A 10 ? 2.37288 5.21192 2.12281 1.11539  0.62601  0.93005  110 DG A N7    
197 C C5    . DG A 10 ? 2.42229 5.08716 2.08466 1.12378  0.63248  0.76659  110 DG A C5    
198 C C6    . DG A 10 ? 2.49335 5.10154 2.08441 1.13612  0.62627  0.68968  110 DG A C6    
199 O O6    . DG A 10 ? 2.54760 5.23095 2.10987 1.14658  0.61849  0.75030  110 DG A O6    
200 N N1    . DG A 10 ? 2.52229 4.96039 2.05932 1.12761  0.62846  0.53458  110 DG A N1    
201 C C2    . DG A 10 ? 2.49622 4.82528 2.03415 1.09609  0.63962  0.46869  110 DG A C2    
202 N N2    . DG A 10 ? 2.52784 4.71220 2.01869 1.06602  0.64070  0.33723  110 DG A N2    
203 N N3    . DG A 10 ? 2.44936 4.81095 2.02883 1.09134  0.65074  0.53407  110 DG A N3    
204 C C4    . DG A 10 ? 2.41118 4.94460 2.05512 1.11317  0.64499  0.67959  110 DG A C4    
205 P P     . DT A 11 ? 2.46251 4.77951 2.17334 1.17641  0.72974  0.74167  111 DT A P     
206 O OP1   . DT A 11 ? 2.48351 4.79033 2.19260 1.21241  0.75418  0.79410  111 DT A OP1   
207 O OP2   . DT A 11 ? 2.44942 4.89125 2.22250 1.19794  0.70868  0.81567  111 DT A OP2   
208 O "O5'" . DT A 11 ? 2.32748 4.45878 1.96275 1.11459  0.74182  0.58362  111 DT A "O5'" 
209 C "C5'" . DT A 11 ? 2.25774 4.37683 1.89885 1.09930  0.73127  0.54324  111 DT A "C5'" 
210 C "C4'" . DT A 11 ? 2.21066 4.29159 1.82279 1.06123  0.71414  0.45543  111 DT A "C4'" 
211 O "O4'" . DT A 11 ? 2.36008 4.57765 2.00875 1.09574  0.68928  0.52896  111 DT A "O4'" 
212 C "C3'" . DT A 11 ? 2.18652 4.23508 1.78217 1.04856  0.70774  0.39003  111 DT A "C3'" 
213 O "O3'" . DT A 11 ? 2.22132 4.18633 1.75334 1.01588  0.71425  0.28670  111 DT A "O3'" 
214 C "C2'" . DT A 11 ? 2.27549 4.41773 1.90514 1.07107  0.67946  0.42437  111 DT A "C2'" 
215 C "C1'" . DT A 11 ? 2.37484 4.58062 2.00652 1.08567  0.67259  0.46883  111 DT A "C1'" 
216 N N1    . DT A 11 ? 2.52909 4.88944 2.20176 1.12908  0.65257  0.56532  111 DT A N1    
217 C C2    . DT A 11 ? 2.57416 4.94078 2.22129 1.13736  0.63705  0.52237  111 DT A C2    
218 O O2    . DT A 11 ? 2.54038 4.80185 2.14243 1.11312  0.63466  0.41166  111 DT A O2    
219 N N3    . DT A 11 ? 2.58755 5.09601 2.26572 1.17356  0.62626  0.62171  111 DT A N3    
220 C C4    . DT A 11 ? 2.55215 5.21028 2.30064 1.18662  0.62660  0.76547  111 DT A C4    
221 O O4    . DT A 11 ? 2.55517 5.34434 2.33324 1.19971  0.61875  0.85899  111 DT A O4    
222 C C5    . DT A 11 ? 2.52349 5.17766 2.30778 1.17881  0.63779  0.80551  111 DT A C5    
223 C C7    . DT A 11 ? 2.48661 5.31312 2.36193 1.18996  0.63377  0.96675  111 DT A C7    
224 C C6    . DT A 11 ? 2.53180 5.03138 2.26787 1.15765  0.65189  0.70123  111 DT A C6    
225 P P     . DA B 2  ? 3.75768 3.31865 2.27834 0.06016  -0.62641 0.65969  108 DA B P     
226 O OP1   . DA B 2  ? 3.56670 3.40787 2.08777 -0.03768 -0.67109 0.57691  108 DA B OP1   
227 O OP2   . DA B 2  ? 3.79283 3.29662 2.19989 -0.00852 -0.71023 0.72100  108 DA B OP2   
228 O "O5'" . DA B 2  ? 3.77747 3.22178 2.55988 0.10906  -0.59140 0.76140  108 DA B "O5'" 
229 C "C5'" . DA B 2  ? 3.91605 3.15812 2.77377 0.27175  -0.45680 0.75276  108 DA B "C5'" 
230 C "C4'" . DA B 2  ? 3.95427 3.28621 2.91622 0.31028  -0.39556 0.69847  108 DA B "C4'" 
231 O "O4'" . DA B 2  ? 3.87532 3.41701 2.71179 0.24736  -0.43623 0.59169  108 DA B "O4'" 
232 C "C3'" . DA B 2  ? 3.92655 3.06582 2.89980 0.47214  -0.25319 0.66585  108 DA B "C3'" 
233 O "O3'" . DA B 2  ? 3.85294 3.01507 3.03051 0.49896  -0.20954 0.68798  108 DA B "O3'" 
234 C "C2'" . DA B 2  ? 3.88064 3.07127 2.65570 0.50185  -0.23358 0.54755  108 DA B "C2'" 
235 C "C1'" . DA B 2  ? 3.82648 3.30128 2.60639 0.36519  -0.34093 0.50038  108 DA B "C1'" 
236 N N9    . DA B 2  ? 3.63699 3.21873 2.21136 0.33583  -0.37737 0.39083  108 DA B N9    
237 C C8    . DA B 2  ? 3.53929 3.13342 1.93325 0.27783  -0.43542 0.38527  108 DA B C8    
238 N N7    . DA B 2  ? 3.45210 3.16089 1.69109 0.26279  -0.45622 0.26713  108 DA B N7    
239 C C5    . DA B 2  ? 3.38240 3.15398 1.71633 0.31714  -0.41484 0.18824  108 DA B C5    
240 C C6    . DA B 2  ? 3.33388 3.22912 1.61060 0.33535  -0.42087 0.04425  108 DA B C6    
241 N N6    . DA B 2  ? 3.34497 3.33373 1.44214 0.29840  -0.46593 -0.05210 108 DA B N6    
242 N N1    . DA B 2  ? 3.27654 3.19610 1.69954 0.39336  -0.38423 -0.00120 108 DA B N1    
243 C C2    . DA B 2  ? 3.46381 3.29440 2.06423 0.42738  -0.33743 0.09419  108 DA B C2    
244 N N3    . DA B 2  ? 3.62321 3.34214 2.29402 0.41546  -0.32187 0.22717  108 DA B N3    
245 C C4    . DA B 2  ? 3.53263 3.22597 2.06739 0.36045  -0.36583 0.26688  108 DA B C4    
246 P P     . DC B 3  ? 3.72298 2.66970 2.99073 0.64200  -0.06997 0.70569  109 DC B P     
247 O OP1   . DC B 3  ? 3.61557 2.59286 3.13727 0.62636  -0.06634 0.77441  109 DC B OP1   
248 O OP2   . DC B 3  ? 3.79256 2.54191 2.94935 0.70871  -0.02102 0.72001  109 DC B OP2   
249 O "O5'" . DC B 3  ? 3.67083 2.63511 2.84243 0.70609  -0.01067 0.60805  109 DC B "O5'" 
250 C "C5'" . DC B 3  ? 3.60388 2.76112 2.85741 0.65585  -0.05350 0.56058  109 DC B "C5'" 
251 C "C4'" . DC B 3  ? 3.59818 2.73699 2.75172 0.72738  -0.00967 0.46276  109 DC B "C4'" 
252 O "O4'" . DC B 3  ? 3.71752 2.95448 2.68102 0.68701  -0.07433 0.37488  109 DC B "O4'" 
253 C "C3'" . DC B 3  ? 3.51220 2.40406 2.59413 0.85225  0.10575  0.47322  109 DC B "C3'" 
254 O "O3'" . DC B 3  ? 3.43663 2.32165 2.57671 0.90450  0.14420  0.43280  109 DC B "O3'" 
255 C "C2'" . DC B 3  ? 3.58767 2.42336 2.42394 0.86788  0.09176  0.41706  109 DC B "C2'" 
256 C "C1'" . DC B 3  ? 3.68002 2.75136 2.48440 0.78567  -0.01130 0.32849  109 DC B "C1'" 
257 N N1    . DC B 3  ? 3.76223 2.87556 2.35812 0.74979  -0.06664 0.27095  109 DC B N1    
258 C C2    . DC B 3  ? 3.59978 2.80072 2.08990 0.75704  -0.10146 0.15217  109 DC B C2    
259 O O2    . DC B 3  ? 3.53016 2.76065 2.10909 0.79615  -0.09000 0.10041  109 DC B O2    
260 N N3    . DC B 3  ? 3.49762 2.74787 1.80115 0.72137  -0.15159 0.09403  109 DC B N3    
261 C C4    . DC B 3  ? 3.54529 2.75515 1.76314 0.67716  -0.16939 0.15753  109 DC B C4    
262 N N4    . DC B 3  ? 3.44668 2.70858 1.47587 0.63965  -0.21935 0.09822  109 DC B N4    
263 C C5    . DC B 3  ? 3.71405 2.82775 2.04702 0.66989  -0.14265 0.28081  109 DC B C5    
264 C C6    . DC B 3  ? 3.81675 2.88903 2.34013 0.70774  -0.09089 0.33001  109 DC B C6    
265 P P     . DA B 4  ? 3.83253 2.48732 2.96143 1.01247  0.26559  0.46498  110 DA B P     
266 O OP1   . DA B 4  ? 3.77822 2.47262 3.09951 1.02285  0.28822  0.48201  110 DA B OP1   
267 O OP2   . DA B 4  ? 3.94802 2.45163 3.04228 1.03841  0.32828  0.53081  110 DA B OP2   
268 O "O5'" . DA B 4  ? 3.88599 2.47186 2.80556 1.06156  0.26342  0.38220  110 DA B "O5'" 
269 C "C5'" . DA B 4  ? 3.87573 2.60657 2.79475 1.04057  0.18510  0.28853  110 DA B "C5'" 
270 C "C4'" . DA B 4  ? 3.86343 2.49001 2.58496 1.09585  0.18362  0.22013  110 DA B "C4'" 
271 O "O4'" . DA B 4  ? 3.90487 2.59300 2.46277 1.05860  0.12932  0.17184  110 DA B "O4'" 
272 C "C3'" . DA B 4  ? 4.03075 2.40186 2.64404 1.17485  0.28724  0.27694  110 DA B "C3'" 
273 O "O3'" . DA B 4  ? 4.08918 2.38155 2.64914 1.22405  0.27968  0.23187  110 DA B "O3'" 
274 C "C2'" . DA B 4  ? 4.08781 2.39168 2.50226 1.17424  0.29395  0.27371  110 DA B "C2'" 
275 C "C1'" . DA B 4  ? 3.98209 2.47410 2.34410 1.12135  0.18166  0.17706  110 DA B "C1'" 
276 N N9    . DA B 4  ? 3.99896 2.51430 2.21403 1.08485  0.15307  0.16856  110 DA B N9    
277 C C8    . DA B 4  ? 4.05563 2.52668 2.26907 1.06130  0.18084  0.24361  110 DA B C8    
278 N N7    . DA B 4  ? 4.12963 2.63122 2.19098 1.02701  0.13521  0.21691  110 DA B N7    
279 C C5    . DA B 4  ? 4.04987 2.62791 2.00507 1.02892  0.07974  0.11285  110 DA B C5    
280 C C6    . DA B 4  ? 4.01090 2.65949 1.79111 1.00015  0.01630  0.03382  110 DA B C6    
281 N N6    . DA B 4  ? 4.05208 2.69952 1.71692 0.95847  -0.00315 0.05777  110 DA B N6    
282 N N1    . DA B 4  ? 3.96685 2.68772 1.70459 1.01557  -0.03195 -0.07490 110 DA B N1    
283 C C2    . DA B 4  ? 3.93601 2.64982 1.80005 1.05662  -0.02378 -0.09706 110 DA B C2    
284 N N3    . DA B 4  ? 3.94095 2.58785 1.96242 1.08285  0.03246  -0.02265 110 DA B N3    
285 C C4    . DA B 4  ? 3.98341 2.56812 2.04011 1.06677  0.08656  0.07993  110 DA B C4    
286 P P     . DC B 5  ? 3.79681 2.02120 2.49608 1.23757  0.33371  0.27954  111 DC B P     
287 O OP1   . DC B 5  ? 3.88248 2.02636 2.47930 1.24954  0.31512  0.24115  111 DC B OP1   
288 O OP2   . DC B 5  ? 3.67879 2.04116 2.59255 1.22416  0.29493  0.27777  111 DC B OP2   
289 O "O5'" . DC B 5  ? 3.84360 2.00540 2.57132 1.20275  0.44308  0.36379  111 DC B "O5'" 
290 C "C5'" . DC B 5  ? 3.95605 2.00901 2.51729 1.20072  0.50216  0.37160  111 DC B "C5'" 
291 C "C4'" . DC B 5  ? 4.03067 2.01769 2.65010 1.18561  0.59499  0.42410  111 DC B "C4'" 
292 O "O4'" . DC B 5  ? 3.97422 2.01540 2.77265 1.16515  0.64306  0.47117  111 DC B "O4'" 
293 C "C3'" . DC B 5  ? 4.05399 2.02216 2.74198 1.18743  0.57760  0.42749  111 DC B "C3'" 
294 O "O3'" . DC B 5  ? 4.18740 2.04412 2.80677 1.18254  0.66288  0.46788  111 DC B "O3'" 
295 C "C2'" . DC B 5  ? 3.93866 2.01256 2.86237 1.17272  0.56865  0.45200  111 DC B "C2'" 
296 C "C1'" . DC B 5  ? 3.93116 2.01523 2.90315 1.15563  0.64186  0.49329  111 DC B "C1'" 
297 N N1    . DC B 5  ? 3.80629 2.00337 2.96555 1.14029  0.61122  0.51198  111 DC B N1    
298 C C2    . DC B 5  ? 3.76728 2.00781 3.12446 1.12097  0.64666  0.55297  111 DC B C2    
299 O O2    . DC B 5  ? 3.83933 2.02361 3.20807 1.11943  0.70539  0.57174  111 DC B O2    
300 N N3    . DC B 5  ? 3.66100 2.00022 3.18467 1.10409  0.61353  0.57543  111 DC B N3    
301 C C4    . DC B 5  ? 3.60597 1.99249 3.09522 1.10695  0.54999  0.56700  111 DC B C4    
302 N N4    . DC B 5  ? 3.51601 1.99295 3.16843 1.08673  0.51514  0.60526  111 DC B N4    
303 C C5    . DC B 5  ? 3.65104 1.99149 2.92780 1.12986  0.51636  0.52454  111 DC B C5    
304 C C6    . DC B 5  ? 3.74457 1.99480 2.86865 1.14505  0.54849  0.49418  111 DC B C6    
305 P P     . DC B 6  ? 4.19598 1.99393 2.86414 1.17905  0.65991  0.49344  112 DC B P     
306 O OP1   . DC B 6  ? 4.37334 2.02727 2.87536 1.17953  0.74368  0.52769  112 DC B OP1   
307 O OP2   . DC B 6  ? 4.14266 1.97794 2.83847 1.19242  0.54037  0.44224  112 DC B OP2   
308 O "O5'" . DC B 6  ? 4.11930 1.99364 3.01600 1.16031  0.70177  0.53598  112 DC B "O5'" 
309 C "C5'" . DC B 6  ? 4.21552 2.02081 3.15180 1.14975  0.77280  0.58840  112 DC B "C5'" 
310 C "C4'" . DC B 6  ? 4.15971 2.01027 3.25596 1.14224  0.70687  0.59359  112 DC B "C4'" 
311 O "O4'" . DC B 6  ? 3.99056 1.98681 3.27887 1.13545  0.66997  0.57840  112 DC B "O4'" 
312 C "C3'" . DC B 6  ? 4.17725 1.99717 3.22099 1.15625  0.59351  0.55253  112 DC B "C3'" 
313 O "O3'" . DC B 6  ? 4.24793 2.00942 3.35710 1.14669  0.57379  0.58632  112 DC B "O3'" 
314 C "C2'" . DC B 6  ? 4.00542 1.96810 3.17371 1.16728  0.50597  0.49379  112 DC B "C2'" 
315 C "C1'" . DC B 6  ? 3.90778 1.96561 3.25935 1.14753  0.55725  0.52987  112 DC B "C1'" 
316 N N1    . DC B 6  ? 3.76392 1.94884 3.19248 1.15088  0.51793  0.49739  112 DC B N1    
317 C C2    . DC B 6  ? 3.65899 1.94596 3.27786 1.13241  0.53357  0.52489  112 DC B C2    
318 O O2    . DC B 6  ? 3.67873 1.95636 3.40306 1.11471  0.58202  0.56804  112 DC B O2    
319 N N3    . DC B 6  ? 3.54814 1.93840 3.22321 1.13468  0.49405  0.50718  112 DC B N3    
320 C C4    . DC B 6  ? 3.54267 1.93727 3.08337 1.15803  0.44491  0.45981  112 DC B C4    
321 N N4    . DC B 6  ? 3.45058 1.94216 3.03534 1.16353  0.40693  0.45285  112 DC B N4    
322 C C5    . DC B 6  ? 3.64122 1.93937 2.98849 1.17771  0.42918  0.42099  112 DC B C5    
323 C C6    . DC B 6  ? 3.74734 1.94337 3.05083 1.17175  0.46491  0.44404  112 DC B C6    
324 P P     . DG B 7  ? 4.33134 1.91534 3.26161 1.14120  0.58186  0.62411  113 DG B P     
325 O OP1   . DG B 7  ? 4.43199 1.93996 3.16582 1.14270  0.68038  0.63914  113 DG B OP1   
326 O OP2   . DG B 7  ? 4.33702 1.89969 3.26629 1.15520  0.44495  0.57834  113 DG B OP2   
327 O "O5'" . DG B 7  ? 4.41022 1.94470 3.43379 1.11548  0.63626  0.69788  113 DG B "O5'" 
328 C "C5'" . DG B 7  ? 4.32384 1.94825 3.49957 1.10549  0.71858  0.72232  113 DG B "C5'" 
329 C "C4'" . DG B 7  ? 4.22435 1.92981 3.61434 1.09816  0.64655  0.72045  113 DG B "C4'" 
330 O "O4'" . DG B 7  ? 4.03113 1.88950 3.55073 1.11257  0.57862  0.65675  113 DG B "O4'" 
331 C "C3'" . DG B 7  ? 4.30921 1.92952 3.69698 1.09589  0.53701  0.72410  113 DG B "C3'" 
332 O "O3'" . DG B 7  ? 4.36379 1.95282 3.86050 1.07101  0.55389  0.78374  113 DG B "O3'" 
333 C "C2'" . DG B 7  ? 4.15967 1.88567 3.65132 1.12315  0.40673  0.63750  113 DG B "C2'" 
334 C "C1'" . DG B 7  ? 3.98284 1.86727 3.58397 1.12679  0.44903  0.60900  113 DG B "C1'" 
335 N N9    . DG B 7  ? 3.87497 1.84378 3.45524 1.15138  0.38711  0.53265  113 DG B N9    
336 C C8    . DG B 7  ? 3.92572 1.84128 3.35946 1.17227  0.33112  0.48608  113 DG B C8    
337 N N7    . DG B 7  ? 3.81106 1.82943 3.25133 1.19246  0.28993  0.41843  113 DG B N7    
338 C C5    . DG B 7  ? 3.68027 1.82269 3.28209 1.18229  0.31816  0.42814  113 DG B C5    
339 C C6    . DG B 7  ? 3.53945 1.81942 3.20913 1.19385  0.29466  0.38355  113 DG B C6    
340 O O6    . DG B 7  ? 3.50259 1.82633 3.09164 1.21940  0.24486  0.31800  113 DG B O6    
341 N N1    . DG B 7  ? 3.44730 1.81794 3.28757 1.17281  0.33270  0.42291  113 DG B N1    
342 C C2    . DG B 7  ? 3.48369 1.82082 3.41228 1.14565  0.38806  0.48658  113 DG B C2    
343 N N2    . DG B 7  ? 3.38321 1.82341 3.47505 1.12581  0.41510  0.51358  113 DG B N2    
344 N N3    . DG B 7  ? 3.61896 1.82940 3.47457 1.13827  0.41518  0.52397  113 DG B N3    
345 C C4    . DG B 7  ? 3.71328 1.82920 3.40673 1.15657  0.37669  0.49589  113 DG B C4    
346 P P     . DT B 8  ? 4.21195 1.92798 3.95941 1.07074  0.49660  0.76384  114 DT B P     
347 O OP1   . DT B 8  ? 4.30930 1.96841 4.10019 1.03972  0.56746  0.84246  114 DT B OP1   
348 O OP2   . DT B 8  ? 4.15778 1.89512 3.98206 1.09335  0.34176  0.69888  114 DT B OP2   
349 O "O5'" . DT B 8  ? 4.02773 1.90839 3.87250 1.07857  0.55216  0.72831  114 DT B "O5'" 
350 C "C5'" . DT B 8  ? 3.93634 1.91619 3.95466 1.06218  0.60404  0.75181  114 DT B "C5'" 
351 C "C4'" . DT B 8  ? 3.78694 1.88895 3.98987 1.07018  0.49934  0.70091  114 DT B "C4'" 
352 O "O4'" . DT B 8  ? 3.68449 1.85967 3.87290 1.09564  0.42417  0.62613  114 DT B "O4'" 
353 C "C3'" . DT B 8  ? 3.85191 1.89019 4.11033 1.07273  0.40467  0.69988  114 DT B "C3'" 
354 O "O3'" . DT B 8  ? 3.78956 1.90171 4.22015 1.05627  0.41644  0.72047  114 DT B "O3'" 
355 C "C2'" . DT B 8  ? 3.77766 1.86011 4.06344 1.10816  0.27147  0.60827  114 DT B "C2'" 
356 C "C1'" . DT B 8  ? 3.63399 1.84672 3.92671 1.11704  0.30234  0.56668  114 DT B "C1'" 
357 N N1    . DT B 8  ? 3.61399 1.83112 3.82330 1.14909  0.23016  0.49379  114 DT B N1    
358 C C2    . DT B 8  ? 3.46559 1.82623 3.74079 1.16742  0.20282  0.43006  114 DT B C2    
359 O O2    . DT B 8  ? 3.34798 1.83221 3.75277 1.15591  0.22801  0.43549  114 DT B O2    
360 N N3    . DT B 8  ? 3.46765 1.82425 3.64735 1.19817  0.14576  0.36197  114 DT B N3    
361 C C4    . DT B 8  ? 3.59514 1.82292 3.63011 1.20844  0.11134  0.35262  114 DT B C4    
362 O O4    . DT B 8  ? 3.58877 1.83024 3.53765 1.23467  0.06130  0.28316  114 DT B O4    
363 C C5    . DT B 8  ? 3.74767 1.82525 3.72742 1.18465  0.13751  0.43057  114 DT B C5    
364 C C7    . DT B 8  ? 3.90545 1.83265 3.72898 1.18871  0.09977  0.43898  114 DT B C7    
365 C C6    . DT B 8  ? 3.75279 1.83160 3.81650 1.15765  0.19644  0.49579  114 DT B C6    
366 O "O5'" . DC C 1  ? 4.82122 2.88655 3.73151 1.55078  0.35005  -0.24229 102 DC C "O5'" 
367 C "C5'" . DC C 1  ? 4.63895 2.82883 3.72384 1.51165  0.35920  -0.19015 102 DC C "C5'" 
368 C "C4'" . DC C 1  ? 4.65968 2.75197 3.77017 1.47742  0.28662  -0.19143 102 DC C "C4'" 
369 O "O4'" . DC C 1  ? 4.76790 2.66298 3.68686 1.44018  0.23309  -0.23410 102 DC C "O4'" 
370 C "C3'" . DC C 1  ? 4.51593 2.67371 3.73634 1.40193  0.28360  -0.14442 102 DC C "C3'" 
371 O "O3'" . DC C 1  ? 4.55468 2.68234 3.86484 1.39958  0.22997  -0.13565 102 DC C "O3'" 
372 C "C2'" . DC C 1  ? 4.51564 2.55682 3.58281 1.32341  0.26499  -0.16045 102 DC C "C2'" 
373 C "C1'" . DC C 1  ? 4.68708 2.54802 3.58014 1.34591  0.21642  -0.21664 102 DC C "C1'" 
374 N N1    . DC C 1  ? 4.72560 2.50188 3.43998 1.30512  0.22378  -0.24117 102 DC C N1    
375 C C2    . DC C 1  ? 4.81783 2.41826 3.37561 1.25072  0.16482  -0.27305 102 DC C C2    
376 O O2    . DC C 1  ? 4.86619 2.37703 3.43136 1.23945  0.10690  -0.28199 102 DC C O2    
377 N N3    . DC C 1  ? 4.85664 2.39022 3.25606 1.20856  0.17130  -0.29184 102 DC C N3    
378 C C4    . DC C 1  ? 4.81137 2.44213 3.20525 1.22034  0.23145  -0.27989 102 DC C C4    
379 N N4    . DC C 1  ? 4.86241 2.42366 3.09844 1.17446  0.23210  -0.29698 102 DC C N4    
380 C C5    . DC C 1  ? 4.71633 2.52098 3.26407 1.27531  0.29206  -0.24796 102 DC C C5    
381 C C6    . DC C 1  ? 4.67412 2.54803 3.37841 1.31503  0.28680  -0.22943 102 DC C C6    
382 P P     . DT C 2  ? 4.43638 2.58209 3.83469 1.31886  0.20773  -0.09613 103 DT C P     
383 O OP1   . DT C 2  ? 4.41586 2.60942 3.96376 1.34594  0.17797  -0.07387 103 DT C OP1   
384 O OP2   . DT C 2  ? 4.29612 2.55611 3.73568 1.27808  0.26480  -0.06052 103 DT C OP2   
385 O "O5'" . DT C 2  ? 4.58054 2.52896 3.81322 1.25609  0.14608  -0.13200 103 DT C "O5'" 
386 C "C5'" . DT C 2  ? 4.67846 2.47717 3.82293 1.28148  0.08297  -0.17189 103 DT C "C5'" 
387 C "C4'" . DT C 2  ? 4.70356 2.34514 3.73834 1.20107  0.02348  -0.18823 103 DT C "C4'" 
388 O "O4'" . DT C 2  ? 4.74227 2.28879 3.59562 1.16431  0.02799  -0.21976 103 DT C "O4'" 
389 C "C3'" . DT C 2  ? 4.59237 2.28626 3.71686 1.12868  0.02602  -0.15019 103 DT C "C3'" 
390 O "O3'" . DT C 2  ? 4.62961 2.19297 3.71659 1.08464  -0.04313 -0.16100 103 DT C "O3'" 
391 C "C2'" . DT C 2  ? 4.53568 2.23492 3.56658 1.07384  0.06351  -0.15315 103 DT C "C2'" 
392 C "C1'" . DT C 2  ? 4.65231 2.20573 3.48996 1.07947  0.03694  -0.20326 103 DT C "C1'" 
393 N N1    . DT C 2  ? 4.62155 2.20173 3.36427 1.06310  0.08317  -0.21098 103 DT C N1    
394 C C2    . DT C 2  ? 4.67671 2.12908 3.24453 1.00554  0.05719  -0.24175 103 DT C C2    
395 O O2    . DT C 2  ? 4.74709 2.06127 3.22767 0.96512  -0.00112 -0.26406 103 DT C O2    
396 N N3    . DT C 2  ? 4.65133 2.14507 3.14728 0.99322  0.10086  -0.24372 103 DT C N3    
397 C C4    . DT C 2  ? 4.57146 2.21169 3.14609 1.03154  0.16568  -0.21908 103 DT C C4    
398 O O4    . DT C 2  ? 4.56039 2.22306 3.05704 1.01424  0.19780  -0.22167 103 DT C O4    
399 C C5    . DT C 2  ? 4.50742 2.27400 3.26053 1.08940  0.19138  -0.18812 103 DT C C5    
400 C C7    . DT C 2  ? 4.41659 2.34640 3.26140 1.12879  0.26120  -0.15826 103 DT C C7    
401 C C6    . DT C 2  ? 4.53610 2.27021 3.36625 1.10223  0.14960  -0.18525 103 DT C C6    
402 P P     . DG C 3  ? 4.54101 2.13331 3.72689 1.01863  -0.05632 -0.12523 104 DG C P     
403 O OP1   . DG C 3  ? 4.57384 2.14448 3.85166 1.04246  -0.10754 -0.11420 104 DG C OP1   
404 O OP2   . DG C 3  ? 4.45667 2.20572 3.74466 1.00711  0.00972  -0.08667 104 DG C OP2   
405 O "O5'" . DG C 3  ? 4.55965 1.99732 3.58095 0.93495  -0.09288 -0.15477 104 DG C "O5'" 
406 C "C5'" . DG C 3  ? 4.66743 1.93427 3.53580 0.93029  -0.15123 -0.19766 104 DG C "C5'" 
407 C "C4'" . DG C 3  ? 4.66168 1.82602 3.36444 0.85247  -0.15908 -0.22376 104 DG C "C4'" 
408 O "O4'" . DG C 3  ? 4.64910 1.87468 3.29600 0.86336  -0.10430 -0.23053 104 DG C "O4'" 
409 C "C3'" . DG C 3  ? 4.56273 1.74267 3.29679 0.77337  -0.15455 -0.20497 104 DG C "C3'" 
410 O "O3'" . DG C 3  ? 4.60536 1.63016 3.18350 0.70368  -0.20175 -0.23618 104 DG C "O3'" 
411 C "C2'" . DG C 3  ? 4.48642 1.79755 3.25211 0.76640  -0.08262 -0.18789 104 DG C "C2'" 
412 C "C1'" . DG C 3  ? 4.55548 1.82771 3.19483 0.79635  -0.07250 -0.21809 104 DG C "C1'" 
413 N N9    . DG C 3  ? 4.49253 1.90172 3.17758 0.82476  -0.00453 -0.20057 104 DG C N9    
414 C C8    . DG C 3  ? 4.42917 1.98864 3.26712 0.88122  0.04127  -0.16639 104 DG C C8    
415 N N7    . DG C 3  ? 4.37228 2.02496 3.20753 0.89118  0.09612  -0.15678 104 DG C N7    
416 C C5    . DG C 3  ? 4.40675 1.96847 3.08136 0.83888  0.08523  -0.18603 104 DG C C5    
417 C C6    . DG C 3  ? 4.38168 1.98286 2.98146 0.82144  0.12401  -0.18924 104 DG C C6    
418 O O6    . DG C 3  ? 4.32564 2.04816 2.98472 0.85045  0.17696  -0.16669 104 DG C O6    
419 N N1    . DG C 3  ? 4.45497 1.93812 2.89242 0.75988  0.09359  -0.22079 104 DG C N1    
420 C C2    . DG C 3  ? 4.52689 1.86837 2.88015 0.71896  0.03422  -0.24634 104 DG C C2    
421 N N2    . DG C 3  ? 4.59710 1.84343 2.79199 0.65551  0.01280  -0.27320 104 DG C N2    
422 N N3    . DG C 3  ? 4.53383 1.83054 2.95159 0.73513  -0.00348 -0.24400 104 DG C N3    
423 C C4    . DG C 3  ? 4.48039 1.89410 3.06092 0.79652  0.02459  -0.21316 104 DG C C4    
424 P P     . DA C 4  ? 4.70737 1.70388 3.28685 0.61793  -0.21330 -0.22798 105 DA C P     
425 O OP1   . DA C 4  ? 4.78853 1.63293 3.30531 0.58956  -0.28818 -0.24421 105 DA C OP1   
426 O OP2   . DA C 4  ? 4.58867 1.73613 3.33803 0.62756  -0.16635 -0.18631 105 DA C OP2   
427 O "O5'" . DA C 4  ? 4.71609 1.68227 3.15105 0.55624  -0.19128 -0.25223 105 DA C "O5'" 
428 C "C5'" . DA C 4  ? 4.80147 1.65418 3.06624 0.54926  -0.21806 -0.28856 105 DA C "C5'" 
429 C "C4'" . DA C 4  ? 4.76837 1.64180 2.93326 0.49494  -0.18357 -0.30072 105 DA C "C4'" 
430 O "O4'" . DA C 4  ? 4.72568 1.73737 2.95630 0.54372  -0.12171 -0.28369 105 DA C "O4'" 
431 C "C3'" . DA C 4  ? 4.67835 1.58491 2.86210 0.42086  -0.16674 -0.29273 105 DA C "C3'" 
432 O "O3'" . DA C 4  ? 4.70136 1.53207 2.72203 0.34923  -0.17741 -0.32103 105 DA C "O3'" 
433 C "C2'" . DA C 4  ? 4.58708 1.67462 2.91504 0.45287  -0.09687 -0.25919 105 DA C "C2'" 
434 C "C1'" . DA C 4  ? 4.62171 1.74782 2.91763 0.50788  -0.07267 -0.26309 105 DA C "C1'" 
435 N N9    . DA C 4  ? 4.55184 1.83332 3.00036 0.57096  -0.01969 -0.22855 105 DA C N9    
436 C C8    . DA C 4  ? 4.52043 1.86500 3.11793 0.62364  -0.01639 -0.20111 105 DA C C8    
437 N N7    . DA C 4  ? 4.45582 1.94260 3.16304 0.66875  0.03665  -0.17165 105 DA C N7    
438 C C5    . DA C 4  ? 4.44121 1.95631 3.06512 0.64658  0.06882  -0.18084 105 DA C C5    
439 C C6    . DA C 4  ? 4.37766 2.01864 3.04530 0.67035  0.12538  -0.16009 105 DA C C6    
440 N N6    . DA C 4  ? 4.30929 2.07510 3.11886 0.72247  0.16257  -0.12480 105 DA C N6    
441 N N1    . DA C 4  ? 4.38965 2.02374 2.94679 0.63451  0.14031  -0.17521 105 DA C N1    
442 C C2    . DA C 4  ? 4.46249 1.97586 2.87612 0.57702  0.10267  -0.20864 105 DA C C2    
443 N N3    . DA C 4  ? 4.52076 1.90799 2.87575 0.54746  0.04980  -0.23086 105 DA C N3    
444 C C4    . DA C 4  ? 4.50494 1.89795 2.97170 0.58641  0.03472  -0.21547 105 DA C C4    
445 P P     . DT C 5  ? 4.77778 1.61649 2.77544 0.26260  -0.16676 -0.32459 106 DT C P     
446 O OP1   . DT C 5  ? 4.86352 1.54743 2.67629 0.19057  -0.21757 -0.35895 106 DT C OP1   
447 O OP2   . DT C 5  ? 4.68890 1.57809 2.83099 0.27090  -0.16011 -0.30016 106 DT C OP2   
448 O "O5'" . DT C 5  ? 4.73352 1.71218 2.75475 0.25860  -0.10164 -0.31421 106 DT C "O5'" 
449 C "C5'" . DT C 5  ? 4.79586 1.77894 2.73253 0.27747  -0.09087 -0.32383 106 DT C "C5'" 
450 C "C4'" . DT C 5  ? 4.73216 1.86290 2.71937 0.27503  -0.02934 -0.30671 106 DT C "C4'" 
451 O "O4'" . DT C 5  ? 4.67517 1.92798 2.81043 0.35250  0.01110  -0.27511 106 DT C "O4'" 
452 C "C3'" . DT C 5  ? 4.64968 1.85034 2.68575 0.22025  -0.00312 -0.30001 106 DT C "C3'" 
453 O "O3'" . DT C 5  ? 4.65495 1.92459 2.63770 0.18744  0.02826  -0.30281 106 DT C "O3'" 
454 C "C2'" . DT C 5  ? 4.55347 1.87293 2.77938 0.27683  0.03257  -0.26397 106 DT C "C2'" 
455 C "C1'" . DT C 5  ? 4.56927 1.94968 2.82444 0.34405  0.05537  -0.24951 106 DT C "C1'" 
456 N N1    . DT C 5  ? 4.50269 1.97458 2.92362 0.41277  0.07893  -0.21508 106 DT C N1    
457 C C2    . DT C 5  ? 4.44454 2.04802 2.94580 0.45236  0.12862  -0.18823 106 DT C C2    
458 O O2    . DT C 5  ? 4.44761 2.09634 2.89329 0.43554  0.15331  -0.19108 106 DT C O2    
459 N N3    . DT C 5  ? 4.38369 2.06519 3.03160 0.50896  0.14656  -0.15582 106 DT C N3    
460 C C4    . DT C 5  ? 4.38482 2.03123 3.11011 0.52981  0.11951  -0.14689 106 DT C C4    
461 O O4    . DT C 5  ? 4.33517 2.06510 3.19350 0.57682  0.13824  -0.11457 106 DT C O4    
462 C C5    . DT C 5  ? 4.45068 1.95586 3.08702 0.48822  0.06560  -0.17620 106 DT C C5    
463 C C7    . DT C 5  ? 4.46202 1.91651 3.17029 0.50384  0.02828  -0.16750 106 DT C C7    
464 C C6    . DT C 5  ? 4.50169 1.92493 2.98917 0.43205  0.04840  -0.20890 106 DT C C6    
465 P P     . DG C 6  ? 4.44702 1.72482 2.36685 0.10079  0.03414  -0.31885 107 DG C P     
466 O OP1   . DG C 6  ? 4.55546 1.70157 2.28643 0.03962  -0.01011 -0.35101 107 DG C OP1   
467 O OP2   . DG C 6  ? 4.36204 1.65946 2.38228 0.09161  0.04014  -0.31166 107 DG C OP2   
468 O "O5'" . DG C 6  ? 4.41284 1.84352 2.38063 0.10722  0.08804  -0.30068 107 DG C "O5'" 
469 C "C5'" . DG C 6  ? 4.46580 1.92283 2.39775 0.14221  0.09837  -0.29340 107 DG C "C5'" 
470 C "C4'" . DG C 6  ? 4.38463 2.00603 2.44120 0.18001  0.15303  -0.26109 107 DG C "C4'" 
471 O "O4'" . DG C 6  ? 4.32216 1.99247 2.52112 0.25402  0.16950  -0.23394 107 DG C "O4'" 
472 C "C3'" . DG C 6  ? 4.32155 2.04577 2.44574 0.14334  0.18389  -0.25353 107 DG C "C3'" 
473 O "O3'" . DG C 6  ? 4.31054 2.15199 2.45635 0.15049  0.21899  -0.23544 107 DG C "O3'" 
474 C "C2'" . DG C 6  ? 4.23263 1.99840 2.51473 0.18770  0.19805  -0.23177 107 DG C "C2'" 
475 C "C1'" . DG C 6  ? 4.21752 1.99482 2.55484 0.26051  0.20227  -0.21039 107 DG C "C1'" 
476 N N9    . DG C 6  ? 4.16639 1.92419 2.60971 0.30236  0.19302  -0.19594 107 DG C N9    
477 C C8    . DG C 6  ? 4.19386 1.83950 2.61070 0.28612  0.15287  -0.21310 107 DG C C8    
478 N N7    . DG C 6  ? 4.14629 1.80436 2.67816 0.33085  0.15070  -0.19140 107 DG C N7    
479 C C5    . DG C 6  ? 4.08086 1.86681 2.71980 0.37905  0.19334  -0.15788 107 DG C C5    
480 C C6    . DG C 6  ? 4.01441 1.87195 2.79828 0.43411  0.21027  -0.12190 107 DG C C6    
481 O O6    . DG C 6  ? 4.00751 1.83183 2.85976 0.45226  0.18971  -0.11201 107 DG C O6    
482 N N1    . DG C 6  ? 3.95561 1.93535 2.80339 0.46525  0.25350  -0.09386 107 DG C N1    
483 C C2    . DG C 6  ? 3.96217 1.98859 2.74439 0.44693  0.27568  -0.09963 107 DG C C2    
484 N N2    . DG C 6  ? 3.89633 2.03781 2.75231 0.48054  0.31380  -0.06773 107 DG C N2    
485 N N3    . DG C 6  ? 4.03285 1.99752 2.68335 0.39556  0.25947  -0.13252 107 DG C N3    
486 C C4    . DG C 6  ? 4.08851 1.93419 2.67307 0.36335  0.21917  -0.16044 107 DG C C4    
487 P P     . DT C 7  ? 4.16032 2.10344 2.31789 0.09884  0.24466  -0.23580 108 DT C P     
488 O OP1   . DT C 7  ? 4.24921 2.19044 2.27720 0.05459  0.23734  -0.24634 108 DT C OP1   
489 O OP2   . DT C 7  ? 4.14139 2.04924 2.31273 0.06071  0.23601  -0.25395 108 DT C OP2   
490 O "O5'" . DT C 7  ? 4.06025 2.14963 2.38037 0.15624  0.28891  -0.19705 108 DT C "O5'" 
491 C "C5'" . DT C 7  ? 4.01215 2.11481 2.40922 0.22579  0.29758  -0.17152 108 DT C "C5'" 
492 C "C4'" . DT C 7  ? 3.89971 2.10630 2.46335 0.26704  0.32887  -0.13915 108 DT C "C4'" 
493 O "O4'" . DT C 7  ? 3.85749 2.01437 2.49358 0.30685  0.31769  -0.13041 108 DT C "O4'" 
494 C "C3'" . DT C 7  ? 3.86997 2.12720 2.48021 0.23261  0.34138  -0.14544 108 DT C "C3'" 
495 O "O3'" . DT C 7  ? 3.80718 2.19619 2.51065 0.25494  0.37508  -0.11668 108 DT C "O3'" 
496 C "C2'" . DT C 7  ? 3.82271 2.02470 2.50589 0.24821  0.33023  -0.14590 108 DT C "C2'" 
497 C "C1'" . DT C 7  ? 3.78803 1.98332 2.53028 0.30833  0.32887  -0.11976 108 DT C "C1'" 
498 N N1    . DT C 7  ? 3.78139 1.88856 2.55454 0.32124  0.30315  -0.12348 108 DT C N1    
499 C C2    . DT C 7  ? 3.71767 1.86090 2.61106 0.37395  0.31176  -0.09037 108 DT C C2    
500 O O2    . DT C 7  ? 3.65930 1.90027 2.63208 0.41047  0.34034  -0.05805 108 DT C O2    
501 N N3    . DT C 7  ? 3.72795 1.78817 2.64304 0.37873  0.28332  -0.09466 108 DT C N3    
502 C C4    . DT C 7  ? 3.78646 1.72779 2.61310 0.33738  0.24670  -0.12836 108 DT C C4    
503 O O4    . DT C 7  ? 3.79181 1.66356 2.64608 0.34415  0.21947  -0.12773 108 DT C O4    
504 C C5    . DT C 7  ? 3.84315 1.74871 2.54049 0.28171  0.24053  -0.16234 108 DT C C5    
505 C C7    . DT C 7  ? 3.90300 1.67798 2.48827 0.22789  0.20058  -0.19898 108 DT C C7    
506 C C6    . DT C 7  ? 3.84170 1.83403 2.52090 0.27602  0.26921  -0.15806 108 DT C C6    
507 P P     . DG C 8  ? 3.69825 2.16592 2.33993 0.22385  0.38746  -0.11662 109 DG C P     
508 O OP1   . DG C 8  ? 3.69769 2.15858 2.28988 0.24838  0.38583  -0.10254 109 DG C OP1   
509 O OP2   . DG C 8  ? 3.78575 2.21312 2.32455 0.15455  0.37238  -0.15299 109 DG C OP2   
510 O "O5'" . DG C 8  ? 3.62561 2.22984 2.40146 0.25067  0.41979  -0.08672 109 DG C "O5'" 
511 C "C5'" . DG C 8  ? 3.66190 2.36370 2.42501 0.22721  0.43359  -0.08166 109 DG C "C5'" 
512 C "C4'" . DG C 8  ? 3.65466 2.41466 2.47055 0.20507  0.44596  -0.09487 109 DG C "C4'" 
513 O "O4'" . DG C 8  ? 3.72380 2.39822 2.44735 0.15074  0.42837  -0.13584 109 DG C "O4'" 
514 C "C3'" . DG C 8  ? 3.68757 2.57056 2.51304 0.18605  0.46147  -0.08645 109 DG C "C3'" 
515 O "O3'" . DG C 8  ? 3.60223 2.58189 2.55904 0.23864  0.48191  -0.05062 109 DG C "O3'" 
516 C "C2'" . DG C 8  ? 3.73273 2.62504 2.53337 0.13664  0.46375  -0.12149 109 DG C "C2'" 
517 C "C1'" . DG C 8  ? 3.77331 2.52044 2.47580 0.10467  0.43892  -0.15328 109 DG C "C1'" 
518 N N9    . DG C 8  ? 3.87899 2.57212 2.42941 0.04008  0.41726  -0.17737 109 DG C N9    
519 C C8    . DG C 8  ? 3.92395 2.48666 2.36137 0.02385  0.38704  -0.19093 109 DG C C8    
520 N N7    . DG C 8  ? 4.01602 2.54530 2.31941 -0.03982 0.36851  -0.21117 109 DG C N7    
521 C C5    . DG C 8  ? 4.03684 2.69204 2.37105 -0.07009 0.38958  -0.21026 109 DG C C5    
522 C C6    . DG C 8  ? 4.12687 2.81649 2.36099 -0.14323 0.38228  -0.22498 109 DG C C6    
523 O O6    . DG C 8  ? 4.20244 2.80438 2.28873 -0.19904 0.35288  -0.24189 109 DG C O6    
524 N N1    . DG C 8  ? 4.12484 2.96703 2.44534 -0.14894 0.41092  -0.21759 109 DG C N1    
525 C C2    . DG C 8  ? 4.04033 2.97794 2.51889 -0.08797 0.44069  -0.19965 109 DG C C2    
526 N N2    . DG C 8  ? 4.05411 3.13528 2.59905 -0.09832 0.46379  -0.19637 109 DG C N2    
527 N N3    . DG C 8  ? 3.94879 2.84412 2.51400 -0.02179 0.44549  -0.18508 109 DG C N3    
528 C C4    . DG C 8  ? 3.95465 2.71265 2.44266 -0.01838 0.41995  -0.19076 109 DG C C4    
529 P P     . DG C 9  ? 3.57792 2.64563 2.55153 0.26032  0.48953  -0.01244 110 DG C P     
530 O OP1   . DG C 9  ? 3.47132 2.57803 2.57122 0.32223  0.50235  0.02536  110 DG C OP1   
531 O OP2   . DG C 9  ? 3.65984 2.66158 2.50613 0.23646  0.47344  -0.01895 110 DG C OP2   
532 O "O5'" . DG C 9  ? 3.63051 2.81610 2.61691 0.22975  0.49864  -0.01576 110 DG C "O5'" 
533 C "C5'" . DG C 9  ? 3.61296 2.84019 2.66239 0.22429  0.51002  -0.03523 110 DG C "C5'" 
534 C "C4'" . DG C 9  ? 3.71137 3.01865 2.71154 0.16997  0.51209  -0.05395 110 DG C "C4'" 
535 O "O4'" . DG C 9  ? 3.80969 3.02719 2.67271 0.10660  0.49554  -0.08976 110 DG C "O4'" 
536 C "C3'" . DG C 9  ? 3.76103 3.16227 2.74946 0.16387  0.50987  -0.02450 110 DG C "C3'" 
537 O "O3'" . DG C 9  ? 3.78356 3.31902 2.84180 0.15898  0.52257  -0.02169 110 DG C "O3'" 
538 C "C2'" . DG C 9  ? 3.87022 3.20423 2.69971 0.10124  0.48931  -0.04264 110 DG C "C2'" 
539 C "C1'" . DG C 9  ? 3.90539 3.15851 2.67460 0.05933  0.48431  -0.08675 110 DG C "C1'" 
540 N N9    . DG C 9  ? 3.95891 3.07804 2.58446 0.02231  0.45911  -0.10548 110 DG C N9    
541 C C8    . DG C 9  ? 3.91351 2.91322 2.51480 0.05402  0.44759  -0.10471 110 DG C C8    
542 N N7    . DG C 9  ? 3.98331 2.87496 2.44382 0.01316  0.42219  -0.12506 110 DG C N7    
543 C C5    . DG C 9  ? 4.07571 3.01525 2.45697 -0.05509 0.41573  -0.13848 110 DG C C5    
544 C C6    . DG C 9  ? 4.17105 3.03185 2.38755 -0.12515 0.38743  -0.16061 110 DG C C6    
545 O O6    . DG C 9  ? 4.19498 2.91809 2.29893 -0.13594 0.36088  -0.17504 110 DG C O6    
546 N N1    . DG C 9  ? 4.24303 3.20084 2.43000 -0.18653 0.38978  -0.16488 110 DG C N1    
547 C C2    . DG C 9  ? 4.23265 3.34905 2.54148 -0.17513 0.41719  -0.15112 110 DG C C2    
548 N N2    . DG C 9  ? 4.31613 3.52048 2.58204 -0.24059 0.41562  -0.15701 110 DG C N2    
549 N N3    . DG C 9  ? 4.14495 3.32919 2.60678 -0.10457 0.44245  -0.13226 110 DG C N3    
550 C C4    . DG C 9  ? 4.06598 3.15258 2.55193 -0.05021 0.43960  -0.12630 110 DG C C4    
551 P P     . DC C 10 ? 3.84319 3.50208 2.96152 0.18234  0.52336  0.02157  111 DC C P     
552 O OP1   . DC C 10 ? 3.74756 3.51851 3.00022 0.21877  0.53963  0.02768  111 DC C OP1   
553 O OP2   . DC C 10 ? 3.83307 3.43405 2.94091 0.21743  0.51615  0.05402  111 DC C OP2   
554 O "O5'" . DC C 10 ? 4.00870 3.71124 3.01463 0.10972  0.50998  0.01325  111 DC C "O5'" 
555 C "C5'" . DC C 10 ? 4.07365 3.78837 3.02315 0.04931  0.51105  -0.02510 111 DC C "C5'" 
556 C "C4'" . DC C 10 ? 4.20640 3.92851 3.02392 -0.02375 0.49092  -0.02713 111 DC C "C4'" 
557 O "O4'" . DC C 10 ? 4.23820 3.81729 2.91658 -0.07032 0.47481  -0.05811 111 DC C "O4'" 
558 C "C3'" . DC C 10 ? 4.24338 3.97255 3.02609 -0.01379 0.47603  0.01116  111 DC C "C3'" 
559 O "O3'" . DC C 10 ? 4.27447 4.15848 3.15939 0.00607  0.48188  0.04333  111 DC C "O3'" 
560 C "C2'" . DC C 10 ? 4.34059 4.00302 2.95024 -0.09336 0.45146  -0.00602 111 DC C "C2'" 
561 C "C1'" . DC C 10 ? 4.32457 3.87021 2.87198 -0.11841 0.45030  -0.04938 111 DC C "C1'" 
562 N N1    . DC C 10 ? 4.28992 3.66821 2.73834 -0.10804 0.43381  -0.05781 111 DC C N1    
563 C C2    . DC C 10 ? 4.36469 3.64133 2.64275 -0.17268 0.40587  -0.07747 111 DC C C2    
564 O O2    . DC C 10 ? 4.45071 3.77912 2.66109 -0.24285 0.39508  -0.08520 111 DC C O2    
565 N N3    . DC C 10 ? 4.33928 3.46439 2.53157 -0.15629 0.38996  -0.08698 111 DC C N3    
566 C C4    . DC C 10 ? 4.24679 3.33305 2.52305 -0.08236 0.40312  -0.07624 111 DC C C4    
567 N N4    . DC C 10 ? 4.23496 3.18163 2.43006 -0.06550 0.38756  -0.08655 111 DC C N4    
568 C C5    . DC C 10 ? 4.16228 3.35111 2.60902 -0.02243 0.43107  -0.05386 111 DC C C5    
569 C C6    . DC C 10 ? 4.18487 3.51137 2.70925 -0.03616 0.44448  -0.04616 111 DC C C6    
570 P P     . DT C 11 ? 4.19872 4.17276 3.02247 -0.04566 0.46272  0.06667  112 DT C P     
571 O OP1   . DT C 11 ? 4.26928 4.27905 3.02000 -0.12478 0.45701  0.03671  112 DT C OP1   
572 O OP2   . DT C 11 ? 4.19677 4.30207 3.15593 0.00456  0.46885  0.10559  112 DT C OP2   
573 O "O5'" . DT C 11 ? 4.23424 4.08807 2.92976 -0.05333 0.44282  0.08177  112 DT C "O5'" 
574 C "C5'" . DT C 11 ? 4.33968 4.23778 2.96957 -0.08536 0.42303  0.11078  112 DT C "C5'" 
575 C "C4'" . DT C 11 ? 4.42572 4.34702 2.94348 -0.17612 0.40382  0.09239  112 DT C "C4'" 
576 O "O4'" . DT C 11 ? 4.38781 4.21233 2.83620 -0.20928 0.40536  0.04755  112 DT C "O4'" 
577 C "C3'" . DT C 11 ? 4.48858 4.34924 2.84915 -0.22610 0.37440  0.10617  112 DT C "C3'" 
578 O "O3'" . DT C 11 ? 4.56428 4.56089 2.96484 -0.23969 0.36362  0.14503  112 DT C "O3'" 
579 C "C2'" . DT C 11 ? 4.50928 4.30060 2.72966 -0.30954 0.35689  0.06915  112 DT C "C2'" 
580 C "C1'" . DT C 11 ? 4.43545 4.16195 2.70306 -0.28129 0.37712  0.03335  112 DT C "C1'" 
581 N N1    . DT C 11 ? 4.37672 3.92322 2.55940 -0.25438 0.37155  0.01609  112 DT C N1    
582 C C2    . DT C 11 ? 4.40634 3.82108 2.40776 -0.31125 0.34277  -0.00363 112 DT C C2    
583 O O2    . DT C 11 ? 4.47368 3.90537 2.37100 -0.38857 0.31992  -0.00614 112 DT C O2    
584 N N3    . DT C 11 ? 4.35435 3.61477 2.29922 -0.27406 0.33938  -0.01936 112 DT C N3    
585 C C4    . DT C 11 ? 4.27211 3.50500 2.32396 -0.19237 0.36207  -0.01571 112 DT C C4    
586 O O4    . DT C 11 ? 4.23508 3.33525 2.23113 -0.16417 0.35656  -0.02998 112 DT C O4    
587 C C5    . DT C 11 ? 4.23441 3.60550 2.46785 -0.14256 0.39042  0.00680  112 DT C C5    
588 C C7    . DT C 11 ? 4.13268 3.48353 2.48738 -0.05950 0.41309  0.01542  112 DT C C7    
589 C C6    . DT C 11 ? 4.29167 3.80721 2.57976 -0.17318 0.39337  0.02035  112 DT C C6    
590 P P     . DG C 12 ? 4.75636 4.81751 3.05297 -0.33589 0.33431  0.15025  113 DG C P     
591 O OP1   . DG C 12 ? 4.75958 4.89822 3.08716 -0.38261 0.34185  0.12169  113 DG C OP1   
592 O OP2   . DG C 12 ? 4.81631 4.99056 3.16793 -0.32396 0.32340  0.19769  113 DG C OP2   
593 O "O5'" . DG C 12 ? 4.77101 4.65406 2.85400 -0.38460 0.30727  0.13581  113 DG C "O5'" 
594 C "C5'" . DG C 12 ? 4.81639 4.65910 2.75765 -0.47811 0.28257  0.11227  113 DG C "C5'" 
595 C "C4'" . DG C 12 ? 4.80149 4.43804 2.55787 -0.49693 0.26203  0.08942  113 DG C "C4'" 
596 O "O4'" . DG C 12 ? 4.71226 4.24686 2.51072 -0.43073 0.28426  0.06453  113 DG C "O4'" 
597 C "C3'" . DG C 12 ? 4.82838 4.39644 2.48690 -0.48667 0.24377  0.11558  113 DG C "C3'" 
598 O "O3'" . DG C 12 ? 4.87695 4.37331 2.34700 -0.57512 0.20471  0.11028  113 DG C "O3'" 
599 C "C2'" . DG C 12 ? 4.77494 4.19528 2.41681 -0.41266 0.25917  0.09945  113 DG C "C2'" 
600 C "C1'" . DG C 12 ? 4.70756 4.08409 2.38682 -0.40780 0.27224  0.06060  113 DG C "C1'" 
601 N N9    . DG C 12 ? 4.62388 3.95367 2.40325 -0.31879 0.30068  0.05468  113 DG C N9    
602 C C8    . DG C 12 ? 4.57266 4.01143 2.53873 -0.25288 0.33185  0.07274  113 DG C C8    
603 N N7    . DG C 12 ? 4.49283 3.85747 2.50959 -0.18583 0.35002  0.06502  113 DG C N7    
604 C C5    . DG C 12 ? 4.49959 3.70040 2.35957 -0.20335 0.33098  0.03927  113 DG C C5    
605 C C6    . DG C 12 ? 4.44079 3.51317 2.28175 -0.15131 0.33746  0.02172  113 DG C C6    
606 O O6    . DG C 12 ? 4.35935 3.44142 2.32114 -0.08303 0.36208  0.02778  113 DG C O6    
607 N N1    . DG C 12 ? 4.48767 3.40891 2.14819 -0.18597 0.30942  -0.00420 113 DG C N1    
608 C C2    . DG C 12 ? 4.57223 3.46200 2.08061 -0.26614 0.27726  -0.01121 113 DG C C2    
609 N N2    . DG C 12 ? 4.61139 3.33450 1.94803 -0.28731 0.24943  -0.03780 113 DG C N2    
610 N N3    . DG C 12 ? 4.61911 3.63253 2.14256 -0.32200 0.27058  0.00740  113 DG C N3    
611 C C4    . DG C 12 ? 4.58168 3.75128 2.28921 -0.28401 0.29955  0.03172  113 DG C C4    
612 P P     . DC C 13 ? 5.14489 4.59776 2.49339 -0.59195 0.17833  0.14047  114 DC C P     
613 O OP1   . DC C 13 ? 5.22986 4.67863 2.43055 -0.70028 0.13728  0.14146  114 DC C OP1   
614 O OP2   . DC C 13 ? 5.11981 4.70067 2.61791 -0.53000 0.19878  0.18146  114 DC C OP2   
615 O "O5'" . DC C 13 ? 5.11973 4.36386 2.34408 -0.54823 0.17751  0.11577  114 DC C "O5'" 
616 C "C5'" . DC C 13 ? 5.13672 4.23588 2.25821 -0.56932 0.16664  0.07209  114 DC C "C5'" 
617 C "C4'" . DC C 13 ? 5.10970 4.04318 2.16369 -0.50230 0.17342  0.05404  114 DC C "C4'" 
618 O "O4'" . DC C 13 ? 5.01528 3.98168 2.23692 -0.41589 0.21292  0.04942  114 DC C "O4'" 
619 C "C3'" . DC C 13 ? 5.14571 4.04588 2.13373 -0.47408 0.17071  0.07950  114 DC C "C3'" 
620 O "O3'" . DC C 13 ? 5.20965 3.92682 1.98414 -0.50259 0.13948  0.05597  114 DC C "O3'" 
621 C "C2'" . DC C 13 ? 5.06922 3.98947 2.20132 -0.36812 0.21309  0.08769  114 DC C "C2'" 
622 C "C1'" . DC C 13 ? 4.99995 3.88781 2.20556 -0.34485 0.22682  0.05476  114 DC C "C1'" 
623 N N1    . DC C 13 ? 4.91367 3.87980 2.31535 -0.25933 0.26801  0.06641  114 DC C N1    
624 C C2    . DC C 13 ? 4.86303 3.72512 2.27723 -0.19331 0.28430  0.04597  114 DC C C2    
625 O O2    . DC C 13 ? 4.89746 3.60587 2.16313 -0.20218 0.26465  0.01704  114 DC C O2    
626 N N3    . DC C 13 ? 4.78135 3.71313 2.36905 -0.12212 0.31864  0.05913  114 DC C N3    
627 C C4    . DC C 13 ? 4.75622 3.84427 2.49434 -0.11273 0.33535  0.08954  114 DC C C4    
628 N N4    . DC C 13 ? 4.67378 3.81478 2.57102 -0.04424 0.36538  0.10236  114 DC C N4    
629 C C5    . DC C 13 ? 4.81829 4.01498 2.55012 -0.17333 0.31948  0.10894  114 DC C C5    
630 C C6    . DC C 13 ? 4.89185 4.02778 2.45677 -0.24659 0.28663  0.09740  114 DC C C6    
631 P P     . DT C 14 ? 5.43133 4.09467 2.06801 -0.51219 0.12205  0.07757  115 DT C P     
632 O OP1   . DT C 14 ? 5.53361 4.08632 1.95677 -0.60627 0.07168  0.06278  115 DT C OP1   
633 O OP2   . DT C 14 ? 5.39919 4.23713 2.17333 -0.49555 0.14076  0.12458  115 DT C OP2   
634 O "O5'" . DT C 14 ? 5.38533 3.91320 1.98713 -0.42167 0.14419  0.05785  115 DT C "O5'" 
635 C "C5'" . DT C 14 ? 5.42506 3.79191 1.94089 -0.40505 0.13488  0.01303  115 DT C "C5'" 
636 C "C4'" . DT C 14 ? 5.40970 3.71968 1.97937 -0.30150 0.16995  0.00299  115 DT C "C4'" 
637 O "O4'" . DT C 14 ? 5.33390 3.77662 2.12758 -0.24537 0.20994  0.01778  115 DT C "O4'" 
638 C "C3'" . DT C 14 ? 5.43705 3.73404 1.95312 -0.26412 0.18346  0.02381  115 DT C "C3'" 
639 O "O3'" . DT C 14 ? 5.54424 3.65493 1.88507 -0.24236 0.16942  -0.00993 115 DT C "O3'" 
640 C "C2'" . DT C 14 ? 5.37781 3.79268 2.09909 -0.17792 0.23457  0.04741  115 DT C "C2'" 
641 C "C1'" . DT C 14 ? 5.31367 3.76711 2.17499 -0.16162 0.24547  0.03118  115 DT C "C1'" 
642 N N1    . DT C 14 ? 5.24069 3.86589 2.32120 -0.12553 0.27957  0.06456  115 DT C N1    
643 C C2    . DT C 14 ? 5.17828 3.81937 2.39508 -0.04754 0.31400  0.06251  115 DT C C2    
644 O O2    . DT C 14 ? 5.18123 3.71096 2.35683 -0.00391 0.31963  0.03476  115 DT C O2    
645 N N3    . DT C 14 ? 5.11402 3.90724 2.51867 -0.02245 0.33930  0.09523  115 DT C N3    
646 C C4    . DT C 14 ? 5.11372 4.04366 2.58645 -0.06129 0.33393  0.12742  115 DT C C4    
647 O O4    . DT C 14 ? 5.05934 4.11270 2.69961 -0.03013 0.35538  0.15433  115 DT C O4    
648 C C5    . DT C 14 ? 5.18382 4.09995 2.51556 -0.14087 0.29868  0.12827  115 DT C C5    
649 C C7    . DT C 14 ? 5.19573 4.26353 2.59406 -0.18694 0.28847  0.16327  115 DT C C7    
650 C C6    . DT C 14 ? 5.23909 4.00387 2.38142 -0.17147 0.27323  0.09787  115 DT C C6    
651 P P     . DA D 1  ? 4.05965 2.26080 2.81157 -0.54444 -0.08966 -0.74171 112 DA D P     
652 O OP1   . DA D 1  ? 3.91526 2.19504 2.79395 -0.53050 -0.05372 -0.73112 112 DA D OP1   
653 O OP2   . DA D 1  ? 4.00311 2.30141 2.81496 -0.57205 -0.11490 -0.76263 112 DA D OP2   
654 O "O5'" . DA D 1  ? 4.17801 2.28430 2.86272 -0.52270 -0.14527 -0.75027 112 DA D "O5'" 
655 C "C5'" . DA D 1  ? 4.33161 2.35429 2.88346 -0.52396 -0.20046 -0.76077 112 DA D "C5'" 
656 C "C4'" . DA D 1  ? 4.36820 2.37373 2.94016 -0.50280 -0.27687 -0.77543 112 DA D "C4'" 
657 O "O4'" . DA D 1  ? 4.18741 2.32511 2.96698 -0.50974 -0.27141 -0.78623 112 DA D "O4'" 
658 C "C3'" . DA D 1  ? 4.47596 2.40414 2.97381 -0.42583 -0.29142 -0.72250 112 DA D "C3'" 
659 O "O3'" . DA D 1  ? 4.48176 2.50616 3.05078 -0.37744 -0.36497 -0.70253 112 DA D "O3'" 
660 C "C2'" . DA D 1  ? 4.35635 2.32599 2.97658 -0.40925 -0.25105 -0.70931 112 DA D "C2'" 
661 C "C1'" . DA D 1  ? 4.18552 2.31146 3.00141 -0.44820 -0.27114 -0.74546 112 DA D "C1'" 
662 N N9    . DA D 1  ? 4.04564 2.22131 2.98111 -0.46602 -0.22111 -0.75614 112 DA D N9    
663 C C8    . DA D 1  ? 3.96064 2.17810 2.92435 -0.48492 -0.15126 -0.75411 112 DA D C8    
664 N N7    . DA D 1  ? 3.81474 2.12554 2.92500 -0.47918 -0.12269 -0.75262 112 DA D N7    
665 C C5    . DA D 1  ? 3.81111 2.12389 2.98823 -0.46577 -0.16863 -0.75872 112 DA D C5    
666 C C6    . DA D 1  ? 3.66247 2.10422 3.03273 -0.43840 -0.16174 -0.74290 112 DA D C6    
667 N N6    . DA D 1  ? 3.56066 2.02865 2.99378 -0.45763 -0.10544 -0.75708 112 DA D N6    
668 N N1    . DA D 1  ? 3.62256 2.17113 3.12262 -0.38696 -0.21449 -0.71031 112 DA D N1    
669 C C2    . DA D 1  ? 3.72470 2.25417 3.16237 -0.36454 -0.27258 -0.69797 112 DA D C2    
670 N N3    . DA D 1  ? 3.86875 2.28536 3.12427 -0.38362 -0.28599 -0.71041 112 DA D N3    
671 C C4    . DA D 1  ? 3.90538 2.21477 3.03681 -0.43508 -0.23012 -0.73950 112 DA D C4    
672 P P     . DC D 2  ? 4.56910 2.52562 3.01513 -0.29898 -0.39901 -0.64771 113 DC D P     
673 O OP1   . DC D 2  ? 4.73276 2.66374 3.06310 -0.31281 -0.43889 -0.66513 113 DC D OP1   
674 O OP2   . DC D 2  ? 4.64117 2.46476 2.97491 -0.27081 -0.34151 -0.61147 113 DC D OP2   
675 O "O5'" . DC D 2  ? 4.42883 2.53272 3.05786 -0.23902 -0.45658 -0.62106 113 DC D "O5'" 
676 C "C5'" . DC D 2  ? 4.29403 2.50742 3.11922 -0.24460 -0.44160 -0.62621 113 DC D "C5'" 
677 C "C4'" . DC D 2  ? 4.30177 2.50952 3.16267 -0.17158 -0.43085 -0.57031 113 DC D "C4'" 
678 O "O4'" . DC D 2  ? 4.12044 2.35548 3.08227 -0.18918 -0.37529 -0.57619 113 DC D "O4'" 
679 C "C3'" . DC D 2  ? 4.51048 2.56135 3.17285 -0.13041 -0.40800 -0.53061 113 DC D "C3'" 
680 O "O3'" . DC D 2  ? 4.59059 2.66765 3.27287 -0.04956 -0.44974 -0.47914 113 DC D "O3'" 
681 C "C2'" . DC D 2  ? 4.43823 2.41531 3.07907 -0.14658 -0.33131 -0.53103 113 DC D "C2'" 
682 C "C1'" . DC D 2  ? 4.19255 2.31552 3.05109 -0.15429 -0.32819 -0.54303 113 DC D "C1'" 
683 N N1    . DC D 2  ? 4.06508 2.16188 2.93903 -0.20360 -0.25924 -0.57356 113 DC D N1    
684 C C2    . DC D 2  ? 3.85088 2.06438 2.90691 -0.20109 -0.24183 -0.57634 113 DC D C2    
685 O O2    . DC D 2  ? 3.77289 2.10744 2.97917 -0.15889 -0.28254 -0.55162 113 DC D O2    
686 N N3    . DC D 2  ? 3.74124 1.93315 2.80479 -0.24343 -0.17949 -0.60584 113 DC D N3    
687 C C4    . DC D 2  ? 3.83818 1.89789 2.74203 -0.28877 -0.13675 -0.63360 113 DC D C4    
688 N N4    . DC D 2  ? 3.72774 1.77402 2.64737 -0.32851 -0.07729 -0.66528 113 DC D N4    
689 C C5    . DC D 2  ? 4.05967 1.99696 2.78225 -0.29341 -0.15177 -0.62953 113 DC D C5    
690 C C6    . DC D 2  ? 4.16522 2.12673 2.87741 -0.24906 -0.21264 -0.59831 113 DC D C6    
691 P P     . DG D 3  ? 4.51994 2.51720 3.03455 -0.00616 -0.49057 -0.45049 114 DG D P     
692 O OP1   . DG D 3  ? 4.54892 2.54746 3.00118 -0.06090 -0.51348 -0.49583 114 DG D OP1   
693 O OP2   . DG D 3  ? 4.65189 2.49726 3.01112 0.02801  -0.44286 -0.41034 114 DG D OP2   
694 O "O5'" . DG D 3  ? 4.50254 2.62342 3.14540 0.06436  -0.56120 -0.41768 114 DG D "O5'" 
695 C "C5'" . DG D 3  ? 4.49197 2.60181 3.15773 0.13686  -0.55683 -0.36230 114 DG D "C5'" 
696 C "C4'" . DG D 3  ? 4.28918 2.55416 3.18580 0.15818  -0.57815 -0.35659 114 DG D "C4'" 
697 O "O4'" . DG D 3  ? 4.08820 2.38066 3.07837 0.10675  -0.52351 -0.38521 114 DG D "O4'" 
698 C "C3'" . DG D 3  ? 4.29640 2.56678 3.23086 0.23964  -0.58194 -0.29725 114 DG D "C3'" 
699 O "O3'" . DG D 3  ? 4.16664 2.59910 3.31342 0.26699  -0.62674 -0.29092 114 DG D "O3'" 
700 C "C2'" . DG D 3  ? 4.20708 2.40111 3.11499 0.22643  -0.50417 -0.29230 114 DG D "C2'" 
701 C "C1'" . DG D 3  ? 4.04514 2.28880 3.03140 0.14405  -0.47519 -0.34976 114 DG D "C1'" 
702 N N9    . DG D 3  ? 4.05869 2.17804 2.91703 0.09463  -0.40686 -0.37379 114 DG D N9    
703 C C8    . DG D 3  ? 4.24110 2.21449 2.89714 0.07345  -0.38705 -0.38045 114 DG D C8    
704 N N7    . DG D 3  ? 4.20991 2.09838 2.79994 0.02659  -0.32234 -0.40638 114 DG D N7    
705 C C5    . DG D 3  ? 3.99004 1.97715 2.74448 0.01717  -0.29896 -0.41852 114 DG D C5    
706 C C6    . DG D 3  ? 3.86543 1.82950 2.63746 -0.02487 -0.23397 -0.44845 114 DG D C6    
707 O O6    . DG D 3  ? 3.92647 1.77312 2.57245 -0.06559 -0.18339 -0.47309 114 DG D O6    
708 N N1    . DG D 3  ? 3.65620 1.75387 2.61799 -0.01417 -0.22975 -0.44805 114 DG D N1    
709 C C2    . DG D 3  ? 3.58187 1.81471 2.70153 0.02965  -0.28000 -0.42113 114 DG D C2    
710 N N2    . DG D 3  ? 3.38703 1.73656 2.68140 0.03579  -0.26277 -0.42107 114 DG D N2    
711 N N3    . DG D 3  ? 3.69581 1.95084 2.80609 0.06687  -0.34204 -0.39586 114 DG D N3    
712 C C4    . DG D 3  ? 3.89641 2.02528 2.81734 0.05869  -0.34876 -0.39680 114 DG D C4    
713 P P     . DG D 4  ? 3.96703 2.46179 3.25215 0.32736  -0.61241 -0.24489 115 DG D P     
714 O OP1   . DG D 4  ? 3.92421 2.57037 3.38804 0.36099  -0.67721 -0.23679 115 DG D OP1   
715 O OP2   . DG D 4  ? 4.09800 2.46719 3.23816 0.38169  -0.58534 -0.19727 115 DG D OP2   
716 O "O5'" . DG D 4  ? 3.75748 2.29052 3.14785 0.27404  -0.55166 -0.27451 115 DG D "O5'" 
717 C "C5'" . DG D 4  ? 3.59071 2.24020 3.17584 0.30221  -0.54155 -0.25482 115 DG D "C5'" 
718 C "C4'" . DG D 4  ? 3.55093 2.12970 3.09073 0.32532  -0.47659 -0.23051 115 DG D "C4'" 
719 O "O4'" . DG D 4  ? 3.59701 2.04676 2.97413 0.26998  -0.42664 -0.26381 115 DG D "O4'" 
720 C "C3'" . DG D 4  ? 3.67704 2.18833 3.13447 0.40573  -0.48425 -0.17369 115 DG D "C3'" 
721 O "O3'" . DG D 4  ? 3.57231 2.19092 3.19631 0.46746  -0.49055 -0.13286 115 DG D "O3'" 
722 C "C2'" . DG D 4  ? 3.73440 2.09070 3.01807 0.39367  -0.42037 -0.17686 115 DG D "C2'" 
723 C "C1'" . DG D 4  ? 3.64403 1.99319 2.92461 0.30714  -0.38079 -0.23563 115 DG D "C1'" 
724 N N9    . DG D 4  ? 3.80330 1.99486 2.88036 0.26755  -0.34727 -0.25826 115 DG D N9    
725 C C8    . DG D 4  ? 4.01638 2.10801 2.93204 0.27162  -0.37290 -0.25052 115 DG D C8    
726 N N7    . DG D 4  ? 4.12592 2.08216 2.88249 0.23199  -0.32798 -0.27210 115 DG D N7    
727 C C5    . DG D 4  ? 3.97137 1.93892 2.78698 0.19886  -0.27089 -0.29921 115 DG D C5    
728 C C6    . DG D 4  ? 3.99266 1.85074 2.70340 0.14972  -0.20676 -0.33302 115 DG D C6    
729 O O6    . DG D 4  ? 4.16282 1.88507 2.70543 0.12414  -0.18525 -0.34361 115 DG D O6    
730 N N1    . DG D 4  ? 3.79423 1.71604 2.61747 0.13260  -0.16457 -0.35500 115 DG D N1    
731 C C2    . DG D 4  ? 3.60583 1.67735 2.61835 0.16120  -0.17972 -0.34141 115 DG D C2    
732 N N2    . DG D 4  ? 3.43314 1.54950 2.52758 0.14310  -0.13118 -0.36427 115 DG D N2    
733 N N3    . DG D 4  ? 3.59010 1.76264 2.70716 0.20625  -0.23738 -0.30751 115 DG D N3    
734 C C4    . DG D 4  ? 3.77409 1.88718 2.78391 0.22181  -0.28174 -0.29004 115 DG D C4    
735 P P     . DA D 5  ? 3.51750 2.24847 3.32698 0.45570  -0.44824 -0.14031 116 DA D P     
736 O OP1   . DA D 5  ? 3.40042 2.26072 3.37130 0.41016  -0.47576 -0.17307 116 DA D OP1   
737 O OP2   . DA D 5  ? 3.48705 2.25849 3.37305 0.53631  -0.44319 -0.08535 116 DA D OP2   
738 O "O5'" . DA D 5  ? 3.46720 2.09344 3.15947 0.40719  -0.37553 -0.17308 116 DA D "O5'" 
739 C "C5'" . DA D 5  ? 3.26960 1.97058 3.07898 0.36969  -0.33079 -0.20014 116 DA D "C5'" 
740 C "C4'" . DA D 5  ? 3.21782 1.86421 2.98252 0.39493  -0.26740 -0.18985 116 DA D "C4'" 
741 O "O4'" . DA D 5  ? 3.33077 1.81937 2.89510 0.35715  -0.23250 -0.21890 116 DA D "O4'" 
742 C "C3'" . DA D 5  ? 3.24762 1.89646 3.02813 0.48501  -0.27256 -0.13182 116 DA D "C3'" 
743 O "O3'" . DA D 5  ? 3.08231 1.81360 2.98559 0.51281  -0.23036 -0.12046 116 DA D "O3'" 
744 C "C2'" . DA D 5  ? 3.41042 1.88620 2.97468 0.49634  -0.25363 -0.12798 116 DA D "C2'" 
745 C "C1'" . DA D 5  ? 3.41720 1.80836 2.87441 0.41415  -0.21370 -0.18610 116 DA D "C1'" 
746 N N9    . DA D 5  ? 3.62077 1.86197 2.88041 0.39440  -0.22125 -0.19403 116 DA D N9    
747 C C8    . DA D 5  ? 3.78441 1.99673 2.98104 0.41611  -0.27558 -0.16978 116 DA D C8    
748 N N7    . DA D 5  ? 3.96116 2.03133 2.97330 0.39343  -0.26655 -0.18031 116 DA D N7    
749 C C5    . DA D 5  ? 3.90157 1.89950 2.85489 0.35122  -0.20177 -0.21602 116 DA D C5    
750 C C6    . DA D 5  ? 4.01427 1.85862 2.79360 0.31170  -0.15998 -0.24194 116 DA D C6    
751 N N6    . DA D 5  ? 4.21989 1.95215 2.84456 0.31053  -0.17678 -0.23083 116 DA D N6    
752 N N1    . DA D 5  ? 3.91267 1.72526 2.68575 0.27541  -0.09896 -0.27934 116 DA D N1    
753 C C2    . DA D 5  ? 3.70907 1.63879 2.63471 0.28121  -0.08135 -0.28825 116 DA D C2    
754 N N3    . DA D 5  ? 3.58635 1.66444 2.68149 0.31874  -0.11391 -0.26209 116 DA D N3    
755 C C4    . DA D 5  ? 3.69224 1.79568 2.79447 0.35141  -0.17429 -0.22679 116 DA D C4    
756 P P     . DC D 6  ? 3.21461 1.93681 3.11993 0.60170  -0.21366 -0.06947 117 DC D P     
757 O OP1   . DC D 6  ? 3.04279 1.91068 3.13961 0.62938  -0.19114 -0.05377 117 DC D OP1   
758 O OP2   . DC D 6  ? 3.36966 2.05530 3.22451 0.65494  -0.26562 -0.02625 117 DC D OP2   
759 O "O5'" . DC D 6  ? 3.24571 1.82431 2.97846 0.58498  -0.15602 -0.09737 117 DC D "O5'" 
760 C "C5'" . DC D 6  ? 3.17101 1.73847 2.88904 0.51828  -0.10884 -0.15142 117 DC D "C5'" 
761 C "C4'" . DC D 6  ? 3.27149 1.69257 2.82045 0.50885  -0.05992 -0.17641 117 DC D "C4'" 
762 O "O4'" . DC D 6  ? 3.41637 1.69884 2.79526 0.47104  -0.07600 -0.19144 117 DC D "O4'" 
763 C "C3'" . DC D 6  ? 3.32164 1.70649 2.84027 0.58895  -0.04264 -0.13946 117 DC D "C3'" 
764 O "O3'" . DC D 6  ? 3.30198 1.65104 2.78443 0.58008  0.01864  -0.17409 117 DC D "O3'" 
765 C "C2'" . DC D 6  ? 3.49552 1.73662 2.84793 0.60054  -0.06696 -0.12214 117 DC D "C2'" 
766 C "C1'" . DC D 6  ? 3.54351 1.70165 2.79026 0.51331  -0.05799 -0.17312 117 DC D "C1'" 
767 N N1    . DC D 6  ? 3.71907 1.76736 2.82606 0.50540  -0.09330 -0.16020 117 DC D N1    
768 C C2    . DC D 6  ? 3.84209 1.73594 2.77604 0.46137  -0.06234 -0.19091 117 DC D C2    
769 O O2    . DC D 6  ? 3.79388 1.64465 2.69720 0.42794  -0.00761 -0.23154 117 DC D O2    
770 N N3    . DC D 6  ? 4.03783 1.83641 2.84514 0.45866  -0.09244 -0.17487 117 DC D N3    
771 C C4    . DC D 6  ? 4.10757 1.96294 2.95465 0.49785  -0.15325 -0.13391 117 DC D C4    
772 N N4    . DC D 6  ? 4.30652 2.06968 3.02222 0.49801  -0.18129 -0.11899 117 DC D N4    
773 C C5    . DC D 6  ? 3.98064 1.99275 3.00709 0.54040  -0.18710 -0.10624 117 DC D C5    
774 C C6    . DC D 6  ? 3.79082 1.89274 2.94230 0.54244  -0.15424 -0.11881 117 DC D C6    
775 P P     . DA D 7  ? 3.42430 1.78728 2.93040 0.66165  0.04811  -0.14778 118 DA D P     
776 O OP1   . DA D 7  ? 3.24416 1.74584 2.89848 0.66860  0.07853  -0.15880 118 DA D OP1   
777 O OP2   . DA D 7  ? 3.51031 1.87266 3.02215 0.73329  0.00512  -0.08640 118 DA D OP2   
778 O "O5'" . DA D 7  ? 3.50272 1.70303 2.83553 0.64065  0.09476  -0.18850 118 DA D "O5'" 
779 C "C5'" . DA D 7  ? 3.46157 1.61823 2.74289 0.56456  0.13493  -0.25238 118 DA D "C5'" 
780 C "C4'" . DA D 7  ? 3.61665 1.59056 2.71272 0.53578  0.15904  -0.28050 118 DA D "C4'" 
781 O "O4'" . DA D 7  ? 3.78222 1.67763 2.78968 0.51745  0.11667  -0.25760 118 DA D "O4'" 
782 C "C3'" . DA D 7  ? 3.68416 1.57962 2.71515 0.59944  0.18445  -0.26764 118 DA D "C3'" 
783 O "O3'" . DA D 7  ? 3.75728 1.52811 2.67182 0.55720  0.23466  -0.32251 118 DA D "O3'" 
784 C "C2'" . DA D 7  ? 3.83480 1.65982 2.79566 0.63708  0.13993  -0.21334 118 DA D "C2'" 
785 C "C1'" . DA D 7  ? 3.93056 1.70578 2.82452 0.56393  0.11710  -0.22954 118 DA D "C1'" 
786 N N9    . DA D 7  ? 4.05113 1.82457 2.92937 0.58894  0.05868  -0.17899 118 DA D N9    
787 C C8    . DA D 7  ? 4.00237 1.89926 3.00330 0.63792  0.01113  -0.13203 118 DA D C8    
788 N N7    . DA D 7  ? 4.14127 2.00830 3.09512 0.65126  -0.03802 -0.09700 118 DA D N7    
789 C C5    . DA D 7  ? 4.29474 2.00759 3.08009 0.60965  -0.01991 -0.11934 118 DA D C5    
790 C C6    . DA D 7  ? 4.49308 2.10795 3.15306 0.60401  -0.04970 -0.09966 118 DA D C6    
791 N N6    . DA D 7  ? 4.56831 2.23158 3.25503 0.64181  -0.10961 -0.05496 118 DA D N6    
792 N N1    . DA D 7  ? 4.61813 2.08542 3.12555 0.56009  -0.01449 -0.12770 118 DA D N1    
793 C C2    . DA D 7  ? 4.54655 1.96784 3.03298 0.52235  0.04473  -0.17574 118 DA D C2    
794 N N3    . DA D 7  ? 4.36083 1.86628 2.95418 0.52320  0.07509  -0.20212 118 DA D N3    
795 C C4    . DA D 7  ? 4.24185 1.89353 2.98159 0.56944  0.04041  -0.16975 118 DA D C4    
796 P P     . DT D 8  ? 3.80009 1.49554 2.66031 0.60824  0.27726  -0.33468 119 DT D P     
797 O OP1   . DT D 8  ? 3.67333 1.46655 2.62424 0.61166  0.31616  -0.37582 119 DT D OP1   
798 O OP2   . DT D 8  ? 3.87801 1.56168 2.73476 0.68878  0.24728  -0.27217 119 DT D OP2   
799 O "O5'" . DT D 8  ? 3.95165 1.46212 2.64627 0.55037  0.30980  -0.37640 119 DT D "O5'" 
800 C "C5'" . DT D 8  ? 4.09332 1.52484 2.70068 0.49616  0.28602  -0.36927 119 DT D "C5'" 
801 C "C4'" . DT D 8  ? 4.29313 1.57967 2.77304 0.52645  0.27819  -0.33326 119 DT D "C4'" 
802 O "O4'" . DT D 8  ? 4.36418 1.68518 2.85322 0.54878  0.21838  -0.27520 119 DT D "O4'" 
803 C "C3'" . DT D 8  ? 4.29374 1.54784 2.76986 0.60401  0.29607  -0.31372 119 DT D "C3'" 
804 O "O3'" . DT D 8  ? 4.32425 1.52941 2.74861 0.56458  0.34036  -0.34612 119 DT D "O3'" 
805 C "C2'" . DT D 8  ? 4.41833 1.64923 2.86459 0.66132  0.24776  -0.24073 119 DT D "C2'" 
806 C "C1'" . DT D 8  ? 4.50012 1.73331 2.91600 0.60945  0.20867  -0.22900 119 DT D "C1'" 
807 N N1    . DT D 8  ? 4.51907 1.83680 2.99301 0.65688  0.14468  -0.16600 119 DT D N1    
808 C C2    . DT D 8  ? 4.69583 1.93792 3.07406 0.65454  0.11073  -0.13219 119 DT D C2    
809 O O2    . DT D 8  ? 4.84170 1.94922 3.08783 0.61636  0.13213  -0.14733 119 DT D O2    
810 N N3    . DT D 8  ? 4.70187 2.03506 3.14729 0.70057  0.05115  -0.07958 119 DT D N3    
811 C C4    . DT D 8  ? 4.55546 2.04094 3.15481 0.74660  0.02499  -0.05586 119 DT D C4    
812 O O4    . DT D 8  ? 4.57992 2.13793 3.23533 0.78545  -0.02847 -0.00996 119 DT D O4    
813 C C5    . DT D 8  ? 4.37823 1.93453 3.07020 0.74799  0.06578  -0.08896 119 DT D C5    
814 C C7    . DT D 8  ? 4.22046 1.94281 3.08198 0.79960  0.04625  -0.06277 119 DT D C7    
815 C C6    . DT D 8  ? 4.36747 1.83916 2.99116 0.70436  0.12189  -0.14288 119 DT D C6    
816 P P     . DC D 9  ? 4.37233 1.42248 2.65375 0.54101  0.34925  -0.33020 120 DC D P     
817 O OP1   . DC D 9  ? 4.47763 1.45850 2.68096 0.50192  0.32310  -0.32068 120 DC D OP1   
818 O OP2   . DC D 9  ? 4.36195 1.43038 2.65399 0.49264  0.39471  -0.37132 120 DC D OP2   
819 O "O5'" . DC D 9  ? 4.47967 1.45860 2.72161 0.63497  0.33250  -0.27288 120 DC D "O5'" 
820 C "C5'" . DC D 9  ? 4.62827 1.48571 2.76791 0.63987  0.35054  -0.25398 120 DC D "C5'" 
821 C "C4'" . DC D 9  ? 4.79268 1.53040 2.80807 0.59982  0.33995  -0.23875 120 DC D "C4'" 
822 O "O4'" . DC D 9  ? 4.82756 1.56729 2.83800 0.62388  0.28786  -0.20984 120 DC D "O4'" 
823 C "C3'" . DC D 9  ? 4.99052 1.58848 2.88934 0.63297  0.34546  -0.19482 120 DC D "C3'" 
824 O "O3'" . DC D 9  ? 5.15513 1.65576 2.94589 0.57457  0.35731  -0.19940 120 DC D "O3'" 
825 C "C2'" . DC D 9  ? 5.04725 1.63081 2.93677 0.71648  0.29075  -0.13195 120 DC D "C2'" 
826 C "C1'" . DC D 9  ? 4.96174 1.66136 2.92083 0.68130  0.25042  -0.14194 120 DC D "C1'" 
827 N N1    . DC D 9  ? 4.83976 1.69588 2.92460 0.73836  0.19789  -0.10156 120 DC D N1    
828 C C2    . DC D 9  ? 4.93562 1.82283 3.01246 0.77154  0.13905  -0.04274 120 DC D C2    
829 O O2    . DC D 9  ? 5.12151 1.90757 3.08124 0.75597  0.13076  -0.02380 120 DC D O2    
830 N N3    . DC D 9  ? 4.82653 1.85711 3.02700 0.82203  0.09345  -0.00818 120 DC D N3    
831 C C4    . DC D 9  ? 4.63539 1.77381 2.95910 0.84102  0.10701  -0.02658 120 DC D C4    
832 N N4    . DC D 9  ? 4.54267 1.81987 2.98977 0.89201  0.06403  0.01166  120 DC D N4    
833 C C5    . DC D 9  ? 4.53687 1.64862 2.86497 0.81073  0.16601  -0.08534 120 DC D C5    
834 C C6    . DC D 9  ? 4.64140 1.61220 2.85042 0.75925  0.20853  -0.12282 120 DC D C6    
835 P P     . DA D 10 ? 5.25803 1.63399 2.94769 0.56699  0.39780  -0.18505 121 DA D P     
836 O OP1   . DA D 10 ? 5.37621 1.69771 2.98957 0.49170  0.41531  -0.20443 121 DA D OP1   
837 O OP2   . DA D 10 ? 5.13489 1.56116 2.90167 0.57642  0.43491  -0.21008 121 DA D OP2   
838 O "O5'" . DA D 10 ? 5.42260 1.69532 3.02265 0.64956  0.36332  -0.11053 121 DA D "O5'" 
839 C "C5'" . DA D 10 ? 5.57351 1.79087 3.09452 0.66197  0.31675  -0.07421 121 DA D "C5'" 
840 C "C4'" . DA D 10 ? 5.69589 1.84848 3.15516 0.74671  0.28308  0.00107  121 DA D "C4'" 
841 O "O4'" . DA D 10 ? 5.54688 1.85657 3.12646 0.79763  0.22759  0.02814  121 DA D "O4'" 
842 C "C3'" . DA D 10 ? 5.72910 1.82495 3.16658 0.78158  0.32185  0.02138  121 DA D "C3'" 
843 O "O3'" . DA D 10 ? 5.93084 1.91308 3.24779 0.82108  0.30931  0.08353  121 DA D "O3'" 
844 C "C2'" . DA D 10 ? 5.56317 1.76789 3.11856 0.84514  0.30063  0.03313  121 DA D "C2'" 
845 C "C1'" . DA D 10 ? 5.53946 1.82510 3.13249 0.87391  0.23230  0.06390  121 DA D "C1'" 
846 N N9    . DA D 10 ? 5.33464 1.77340 3.07486 0.90574  0.21018  0.05590  121 DA D N9    
847 C C8    . DA D 10 ? 5.16337 1.65691 2.98924 0.89321  0.24657  0.00476  121 DA D C8    
848 N N7    . DA D 10 ? 5.01223 1.64195 2.96056 0.93535  0.21723  0.01412  121 DA D N7    
849 C C5    . DA D 10 ? 5.07683 1.76399 3.03542 0.97042  0.15572  0.07411  121 DA D C5    
850 C C6    . DA D 10 ? 4.98520 1.82148 3.06044 1.02007  0.10233  0.11206  121 DA D C6    
851 N N6    . DA D 10 ? 4.80368 1.76225 3.00931 1.04466  0.10512  0.09796  121 DA D N6    
852 N N1    . DA D 10 ? 5.09404 1.95156 3.14888 1.04541  0.04674  0.16511  121 DA D N1    
853 C C2    . DA D 10 ? 5.28209 2.02117 3.20261 1.02530  0.04512  0.18064  121 DA D C2    
854 N N3    . DA D 10 ? 5.38781 1.98074 3.18805 0.98090  0.09450  0.15307  121 DA D N3    
855 C C4    . DA D 10 ? 5.27413 1.84735 3.10378 0.95342  0.14900  0.09887  121 DA D C4    
# 
